data_7M3F
#
_entry.id   7M3F
#
_cell.length_a   1.00
_cell.length_b   1.00
_cell.length_c   1.00
_cell.angle_alpha   90.00
_cell.angle_beta   90.00
_cell.angle_gamma   90.00
#
_symmetry.space_group_name_H-M   'P 1'
#
loop_
_entity.id
_entity.type
_entity.pdbx_description
1 polymer 'Extracellular calcium-sensing receptor'
2 branched 2-acetamido-2-deoxy-beta-D-glucopyranose-(1-4)-2-acetamido-2-deoxy-beta-D-glucopyranose
3 non-polymer 2-acetamido-2-deoxy-beta-D-glucopyranose
4 non-polymer N-[(1R)-1-(naphthalen-1-yl)ethyl]-3-[3-(trifluoromethyl)phenyl]propan-1-amine
5 non-polymer TRYPTOPHAN
6 non-polymer 'CALCIUM ION'
7 non-polymer 'PHOSPHATE ION'
#
_entity_poly.entity_id   1
_entity_poly.type   'polypeptide(L)'
_entity_poly.pdbx_seq_one_letter_code
;MKTIIALSYIFCLVFADYKDDDDKAAAYGPDQRAQKKGDIILGGLFPIHFGVAAKDQDLKSRPESVECIRYNFRGFRWLQ
AMIFAIEEINSSPALLPNLTLGYRIFDTCNTVSKALEATLSFVAQNKIDSLNLDEFCNCSEHIPSTIAVVGATGSGVSTA
VANLLGLFYIPQVSYASSSRLLSNKNQFKSFLRTIPNDEHQATAMADIIEYFRWNWVGTIAADDDYGRPGIEKFREEAEE
RDICIDFSELISQYSDEEEIQHVVEVIQNSTAKVIVVFSSGPDLEPLIKEIVRRNITGKIWLASEAWASSSLIAMPQYFH
VVGGTIGFALKAGQIPGFREFLKKVHPRKSVHNGFAKEFWEETFNCHLQEGAKGPLPVDTFLRGHEESGDRFSNSSTAFR
PLCTGDENISSVETPYIDYTHLRISYNVYLAVYSIAHALQDIYTCLPGRGLFTNGSCADIKKVEAWQVLKHLRHLNFTNN
MGEQVTFDECGDLVGNYSIINWHLSPEDGSIVFKEVGYYNVYAKKGERLFINEEKILWSGFSREVPFSNCSRDCLAGTRK
GIIEGEPTCCFECVECPDGEYSDETDASACNKCPDDFWSNENHTSCIAKEIEFLSWTEPFGIALTLFAVLGIFLTAFVLG
VFIKFRNTPIVKATNRELSYLLLFSLLCCFSSSLFFIGEPQDWTCRLRQPAFGISFVLCISCILVKTNRVLLVFEAKIPT
SFHRKWWGLNLQFLLVFLCTFMQIVICVIWLYTAPPSSYRNQELEDEIIFITCHEGSLMALGFLIGYTCLLAAICFFFAF
KSRKLPENFNEAKFITFSMLIFFIVWISFIPAYASTYGKFVSAVEVIAILAASFGLLACIFFNKIYIILFKPSRNTIEEV
RCSTAAHAFKVAARATLRRSNV
;
_entity_poly.pdbx_strand_id   A,B
#
loop_
_chem_comp.id
_chem_comp.type
_chem_comp.name
_chem_comp.formula
CA non-polymer 'CALCIUM ION' 'Ca 2'
NAG D-saccharide, beta linking 2-acetamido-2-deoxy-beta-D-glucopyranose 'C8 H15 N O6'
PO4 non-polymer 'PHOSPHATE ION' 'O4 P -3'
YP4 non-polymer N-[(1R)-1-(naphthalen-1-yl)ethyl]-3-[3-(trifluoromethyl)phenyl]propan-1-amine 'C22 H22 F3 N'
#
# COMPACT_ATOMS: atom_id res chain seq x y z
N TYR A 28 57.96 27.78 -13.23
CA TYR A 28 57.73 26.51 -13.90
C TYR A 28 56.34 25.95 -13.57
N GLY A 29 55.85 25.07 -14.43
CA GLY A 29 54.50 24.56 -14.33
C GLY A 29 53.66 24.99 -15.50
N PRO A 30 52.37 25.19 -15.29
CA PRO A 30 51.51 25.78 -16.34
C PRO A 30 51.91 27.20 -16.67
N ASP A 31 51.61 27.60 -17.91
CA ASP A 31 52.19 28.82 -18.48
C ASP A 31 51.42 30.07 -18.09
N GLN A 32 50.09 30.03 -18.14
CA GLN A 32 49.29 31.19 -17.75
C GLN A 32 48.81 31.02 -16.32
N ARG A 33 48.91 32.11 -15.55
CA ARG A 33 48.85 32.08 -14.10
C ARG A 33 48.77 33.51 -13.60
N ALA A 34 48.36 33.65 -12.36
CA ALA A 34 48.48 34.92 -11.64
C ALA A 34 49.48 34.72 -10.53
N GLN A 35 50.54 35.52 -10.53
CA GLN A 35 51.68 35.22 -9.68
C GLN A 35 52.30 36.48 -9.11
N LYS A 36 52.50 36.49 -7.78
CA LYS A 36 53.25 37.56 -7.14
C LYS A 36 54.00 36.97 -5.96
N LYS A 37 55.17 37.52 -5.68
CA LYS A 37 56.04 36.97 -4.65
C LYS A 37 55.95 37.74 -3.34
N GLY A 38 56.31 37.05 -2.26
CA GLY A 38 56.36 37.64 -0.94
C GLY A 38 57.11 36.77 0.03
N ASP A 39 56.76 36.84 1.31
CA ASP A 39 57.41 36.03 2.34
C ASP A 39 56.76 34.67 2.49
N ILE A 40 55.45 34.60 2.32
CA ILE A 40 54.66 33.39 2.50
C ILE A 40 53.72 33.26 1.31
N ILE A 41 53.72 32.11 0.66
CA ILE A 41 53.05 31.92 -0.62
C ILE A 41 51.81 31.06 -0.43
N LEU A 42 50.68 31.56 -0.92
CA LEU A 42 49.43 30.82 -0.98
C LEU A 42 49.25 30.23 -2.37
N GLY A 43 48.17 29.50 -2.57
CA GLY A 43 47.89 28.88 -3.84
C GLY A 43 46.41 28.90 -4.13
N GLY A 44 46.08 28.92 -5.41
CA GLY A 44 44.68 29.00 -5.78
C GLY A 44 44.30 28.20 -6.99
N LEU A 45 43.09 27.65 -6.97
CA LEU A 45 42.55 26.87 -8.08
C LEU A 45 41.17 27.40 -8.42
N PHE A 46 41.00 27.95 -9.61
CA PHE A 46 39.73 28.53 -10.00
C PHE A 46 39.32 28.07 -11.38
N PRO A 47 38.02 27.92 -11.63
CA PRO A 47 37.53 27.53 -12.97
C PRO A 47 37.34 28.71 -13.93
N ILE A 48 38.44 29.13 -14.56
CA ILE A 48 38.38 30.26 -15.48
C ILE A 48 37.70 29.85 -16.79
N HIS A 49 37.74 28.57 -17.13
CA HIS A 49 36.97 28.02 -18.23
C HIS A 49 35.93 27.05 -17.71
N PHE A 50 35.00 26.65 -18.59
CA PHE A 50 33.95 25.72 -18.20
C PHE A 50 34.28 24.28 -18.49
N GLY A 51 35.24 24.01 -19.38
CA GLY A 51 35.52 22.64 -19.75
C GLY A 51 36.61 22.60 -20.80
N VAL A 52 36.84 21.40 -21.33
CA VAL A 52 37.86 21.19 -22.35
C VAL A 52 37.19 20.71 -23.64
N ALA A 53 37.97 20.68 -24.72
CA ALA A 53 37.56 20.11 -25.99
C ALA A 53 37.85 18.60 -26.02
N ALA A 54 37.17 17.90 -26.93
CA ALA A 54 37.19 16.44 -26.97
C ALA A 54 38.07 15.90 -28.09
N LYS A 55 38.92 14.93 -27.77
CA LYS A 55 39.77 14.22 -28.73
C LYS A 55 40.19 12.88 -28.08
N ASP A 56 40.88 12.04 -28.87
CA ASP A 56 41.20 10.66 -28.49
C ASP A 56 42.26 10.11 -29.46
N GLN A 57 42.33 8.77 -29.55
CA GLN A 57 42.91 8.04 -30.68
C GLN A 57 44.41 8.24 -30.92
N ASP A 58 45.26 7.57 -30.14
CA ASP A 58 46.70 7.81 -30.13
C ASP A 58 47.40 7.27 -31.36
N LEU A 59 46.95 7.63 -32.56
CA LEU A 59 47.53 7.12 -33.80
C LEU A 59 48.72 8.02 -34.14
N LYS A 60 49.84 7.72 -33.49
CA LYS A 60 51.10 8.47 -33.48
C LYS A 60 50.96 9.89 -32.95
N SER A 61 49.84 10.23 -32.36
CA SER A 61 49.81 11.38 -31.51
C SER A 61 50.58 11.00 -30.26
N ARG A 62 51.82 11.43 -30.17
CA ARG A 62 52.37 11.63 -28.86
C ARG A 62 51.46 12.66 -28.24
N PRO A 63 50.72 12.32 -27.18
CA PRO A 63 49.53 13.11 -26.82
C PRO A 63 49.92 14.48 -26.28
N GLU A 64 49.40 15.50 -26.94
CA GLU A 64 49.65 16.89 -26.59
C GLU A 64 48.59 17.36 -25.62
N SER A 65 48.84 18.54 -25.04
CA SER A 65 47.93 19.09 -24.05
C SER A 65 46.61 19.48 -24.68
N VAL A 66 45.55 19.36 -23.89
CA VAL A 66 44.20 19.63 -24.39
C VAL A 66 43.85 21.08 -24.12
N GLU A 67 42.91 21.61 -24.89
CA GLU A 67 42.54 23.02 -24.87
C GLU A 67 41.28 23.23 -24.04
N CYS A 68 41.23 24.35 -23.32
CA CYS A 68 40.03 24.79 -22.61
C CYS A 68 39.27 25.80 -23.46
N ILE A 69 37.94 25.77 -23.38
CA ILE A 69 37.07 26.32 -24.42
C ILE A 69 36.26 27.58 -23.97
N ARG A 70 35.37 27.44 -23.00
CA ARG A 70 34.34 28.47 -22.78
C ARG A 70 34.66 29.33 -21.57
N TYR A 71 34.78 30.63 -21.79
CA TYR A 71 35.23 31.54 -20.73
C TYR A 71 34.15 31.73 -19.66
N ASN A 72 34.59 31.73 -18.39
CA ASN A 72 33.72 31.87 -17.23
C ASN A 72 34.08 33.19 -16.53
N PHE A 73 33.19 34.17 -16.61
CA PHE A 73 33.44 35.47 -15.99
C PHE A 73 33.22 35.44 -14.48
N ARG A 74 32.29 34.60 -14.01
CA ARG A 74 32.07 34.42 -12.59
C ARG A 74 33.31 33.85 -11.89
N GLY A 75 33.96 32.88 -12.52
CA GLY A 75 35.20 32.34 -11.98
C GLY A 75 36.34 33.33 -11.98
N PHE A 76 36.37 34.24 -12.94
CA PHE A 76 37.35 35.32 -12.91
C PHE A 76 37.06 36.31 -11.78
N ARG A 77 35.79 36.56 -11.48
CA ARG A 77 35.45 37.38 -10.32
C ARG A 77 35.87 36.69 -9.02
N TRP A 78 35.68 35.38 -8.95
CA TRP A 78 36.12 34.61 -7.79
C TRP A 78 37.63 34.68 -7.64
N LEU A 79 38.37 34.66 -8.75
CA LEU A 79 39.81 34.81 -8.68
C LEU A 79 40.22 36.21 -8.26
N GLN A 80 39.45 37.23 -8.63
CA GLN A 80 39.79 38.58 -8.23
C GLN A 80 39.53 38.82 -6.74
N ALA A 81 38.60 38.06 -6.15
CA ALA A 81 38.33 38.17 -4.72
C ALA A 81 39.54 37.80 -3.87
N MET A 82 40.26 36.75 -4.27
CA MET A 82 41.44 36.29 -3.53
C MET A 82 42.57 37.31 -3.57
N ILE A 83 42.81 37.90 -4.74
CA ILE A 83 43.83 38.93 -4.89
C ILE A 83 43.46 40.16 -4.08
N PHE A 84 42.18 40.53 -4.07
CA PHE A 84 41.73 41.68 -3.30
C PHE A 84 41.92 41.46 -1.81
N ALA A 85 41.60 40.26 -1.30
CA ALA A 85 41.81 39.95 0.10
C ALA A 85 43.28 39.99 0.48
N ILE A 86 44.16 39.45 -0.39
CA ILE A 86 45.59 39.45 -0.11
C ILE A 86 46.15 40.86 -0.09
N GLU A 87 45.75 41.71 -1.03
CA GLU A 87 46.25 43.08 -1.08
C GLU A 87 45.72 43.91 0.08
N GLU A 88 44.47 43.65 0.51
CA GLU A 88 43.91 44.35 1.66
C GLU A 88 44.62 43.95 2.94
N ILE A 89 45.05 42.69 3.05
CA ILE A 89 45.84 42.28 4.21
C ILE A 89 47.22 42.93 4.18
N ASN A 90 47.86 42.98 3.02
CA ASN A 90 49.18 43.59 2.90
C ASN A 90 49.17 45.10 3.13
N SER A 91 48.05 45.77 2.89
CA SER A 91 47.97 47.20 3.19
C SER A 91 47.78 47.49 4.66
N SER A 92 47.28 46.54 5.42
CA SER A 92 46.85 46.67 6.81
C SER A 92 48.04 46.54 7.75
N PRO A 93 48.23 47.47 8.70
CA PRO A 93 49.33 47.34 9.66
C PRO A 93 48.98 46.52 10.89
N ALA A 94 47.71 46.17 11.09
CA ALA A 94 47.25 45.50 12.28
C ALA A 94 47.32 43.99 12.18
N LEU A 95 47.24 43.46 10.97
CA LEU A 95 47.28 42.02 10.73
C LEU A 95 48.54 41.74 9.94
N LEU A 96 49.39 40.87 10.49
CA LEU A 96 50.72 40.48 10.00
C LEU A 96 51.64 41.65 9.69
N PRO A 97 52.14 42.39 10.68
CA PRO A 97 53.09 43.46 10.37
C PRO A 97 54.45 42.93 9.94
N ASN A 98 55.07 43.67 9.02
CA ASN A 98 56.41 43.36 8.48
C ASN A 98 56.50 41.96 7.88
N LEU A 99 55.46 41.56 7.17
CA LEU A 99 55.40 40.24 6.55
C LEU A 99 54.40 40.31 5.42
N THR A 100 54.81 39.97 4.21
CA THR A 100 53.96 40.10 3.03
C THR A 100 53.57 38.72 2.51
N LEU A 101 52.32 38.60 2.08
CA LEU A 101 51.83 37.38 1.46
C LEU A 101 52.00 37.43 -0.05
N GLY A 102 52.13 36.25 -0.65
CA GLY A 102 52.22 36.12 -2.10
C GLY A 102 51.23 35.10 -2.60
N TYR A 103 51.24 34.87 -3.91
CA TYR A 103 50.31 33.92 -4.50
C TYR A 103 50.82 33.35 -5.81
N ARG A 104 50.38 32.12 -6.09
CA ARG A 104 50.52 31.46 -7.39
C ARG A 104 49.19 30.79 -7.69
N ILE A 105 48.46 31.29 -8.68
CA ILE A 105 47.09 30.86 -8.95
C ILE A 105 47.01 30.32 -10.38
N PHE A 106 46.38 29.17 -10.53
CA PHE A 106 46.22 28.46 -11.79
C PHE A 106 44.74 28.26 -12.13
N ASP A 107 44.50 27.79 -13.35
CA ASP A 107 43.18 27.54 -13.91
C ASP A 107 42.99 26.03 -13.98
N THR A 108 41.80 25.56 -13.60
CA THR A 108 41.54 24.13 -13.60
C THR A 108 40.65 23.64 -14.73
N CYS A 109 39.86 24.53 -15.34
CA CYS A 109 38.91 24.22 -16.43
C CYS A 109 37.90 23.15 -16.04
N ASN A 110 37.58 23.08 -14.75
CA ASN A 110 36.64 22.12 -14.13
C ASN A 110 37.04 20.66 -14.34
N THR A 111 38.31 20.36 -14.63
CA THR A 111 38.75 19.00 -14.89
C THR A 111 39.84 18.59 -13.90
N VAL A 112 39.93 17.28 -13.67
CA VAL A 112 40.85 16.72 -12.68
C VAL A 112 42.30 16.86 -13.16
N SER A 113 42.54 16.69 -14.46
CA SER A 113 43.91 16.59 -14.96
C SER A 113 44.66 17.92 -14.87
N LYS A 114 44.00 19.04 -15.19
CA LYS A 114 44.63 20.35 -15.05
C LYS A 114 44.92 20.68 -13.58
N ALA A 115 44.01 20.30 -12.68
CA ALA A 115 44.22 20.50 -11.26
C ALA A 115 45.38 19.68 -10.73
N LEU A 116 45.55 18.45 -11.22
CA LEU A 116 46.67 17.64 -10.77
C LEU A 116 47.99 18.13 -11.36
N GLU A 117 47.96 18.68 -12.58
CA GLU A 117 49.14 19.34 -13.13
C GLU A 117 49.56 20.54 -12.29
N ALA A 118 48.60 21.30 -11.77
CA ALA A 118 48.94 22.46 -10.94
C ALA A 118 49.37 22.05 -9.52
N THR A 119 48.71 21.05 -8.95
CA THR A 119 49.05 20.59 -7.61
C THR A 119 50.39 19.87 -7.58
N LEU A 120 50.83 19.29 -8.69
CA LEU A 120 52.20 18.78 -8.75
C LEU A 120 53.22 19.90 -8.69
N SER A 121 52.86 21.10 -9.16
CA SER A 121 53.72 22.25 -9.00
C SER A 121 53.68 22.81 -7.58
N PHE A 122 52.56 22.64 -6.88
CA PHE A 122 52.51 23.09 -5.49
C PHE A 122 53.47 22.32 -4.59
N VAL A 123 53.50 21.00 -4.71
CA VAL A 123 54.22 20.16 -3.76
C VAL A 123 55.60 19.74 -4.28
N ALA A 124 56.18 20.52 -5.19
CA ALA A 124 57.42 20.09 -5.83
C ALA A 124 58.61 20.14 -4.89
N GLN A 125 58.62 21.06 -3.92
CA GLN A 125 59.75 21.15 -2.99
C GLN A 125 59.69 20.05 -1.94
N ASN A 126 58.49 19.76 -1.41
CA ASN A 126 58.35 18.71 -0.40
C ASN A 126 58.57 17.33 -1.00
N LYS A 127 58.32 17.21 -2.31
CA LYS A 127 58.57 15.99 -3.06
C LYS A 127 60.05 15.63 -3.11
N ILE A 128 60.92 16.63 -3.29
CA ILE A 128 62.37 16.38 -3.36
C ILE A 128 62.89 15.91 -2.01
N ASP A 129 62.28 16.37 -0.91
CA ASP A 129 62.63 15.86 0.40
C ASP A 129 62.21 14.41 0.60
N SER A 130 61.18 13.95 -0.14
CA SER A 130 60.66 12.61 0.06
C SER A 130 61.42 11.56 -0.77
N LEU A 131 61.46 11.73 -2.09
CA LEU A 131 62.08 10.75 -2.96
C LEU A 131 63.59 10.95 -3.09
N ASN A 132 64.14 12.01 -2.49
CA ASN A 132 65.57 12.35 -2.51
C ASN A 132 66.11 12.55 -3.92
N LEU A 133 65.26 12.99 -4.83
CA LEU A 133 65.64 13.17 -6.22
C LEU A 133 66.25 14.54 -6.46
N CYS A 139 68.56 19.94 -9.92
CA CYS A 139 67.40 20.65 -9.39
C CYS A 139 67.48 22.13 -9.71
N SER A 140 66.34 22.82 -9.63
CA SER A 140 66.33 24.25 -9.86
C SER A 140 66.94 25.02 -8.69
N GLU A 141 66.80 24.50 -7.47
CA GLU A 141 67.30 25.06 -6.21
C GLU A 141 66.71 26.44 -5.91
N HIS A 142 65.57 26.79 -6.52
CA HIS A 142 64.90 28.05 -6.25
C HIS A 142 63.39 27.87 -6.22
N ILE A 143 62.93 26.70 -5.80
CA ILE A 143 61.49 26.41 -5.73
C ILE A 143 60.91 27.10 -4.52
N PRO A 144 59.88 27.94 -4.69
CA PRO A 144 59.20 28.51 -3.53
C PRO A 144 58.33 27.49 -2.84
N SER A 145 57.96 27.80 -1.59
CA SER A 145 57.16 26.90 -0.78
C SER A 145 55.74 27.47 -0.64
N THR A 146 54.76 26.62 -0.91
CA THR A 146 53.35 26.95 -0.73
C THR A 146 52.92 26.43 0.63
N ILE A 147 52.32 27.30 1.46
CA ILE A 147 51.88 26.76 2.75
C ILE A 147 50.39 26.47 2.82
N ALA A 148 49.58 27.07 1.95
CA ALA A 148 48.16 26.75 1.93
C ALA A 148 47.64 26.96 0.52
N VAL A 149 46.54 26.27 0.22
CA VAL A 149 45.88 26.35 -1.09
C VAL A 149 44.42 26.67 -0.86
N VAL A 150 43.95 27.74 -1.47
CA VAL A 150 42.52 28.03 -1.49
C VAL A 150 41.90 27.11 -2.54
N GLY A 151 40.95 26.29 -2.12
CA GLY A 151 40.67 25.01 -2.75
C GLY A 151 39.93 25.10 -4.06
N ALA A 152 39.39 23.98 -4.49
CA ALA A 152 38.75 23.90 -5.80
C ALA A 152 37.25 24.10 -5.70
N THR A 153 36.57 24.04 -6.84
CA THR A 153 35.13 24.24 -6.91
C THR A 153 34.38 22.92 -6.87
N GLY A 154 34.64 22.04 -7.83
CA GLY A 154 33.94 20.77 -7.89
C GLY A 154 34.49 19.77 -6.89
N SER A 155 33.59 18.92 -6.38
CA SER A 155 33.99 17.95 -5.36
C SER A 155 34.87 16.86 -5.93
N GLY A 156 34.64 16.47 -7.18
CA GLY A 156 35.53 15.54 -7.85
C GLY A 156 36.93 16.11 -8.05
N VAL A 157 37.04 17.41 -8.27
CA VAL A 157 38.35 18.04 -8.39
C VAL A 157 39.02 18.16 -7.02
N SER A 158 38.26 18.57 -6.01
CA SER A 158 38.79 18.78 -4.67
C SER A 158 39.24 17.48 -4.03
N THR A 159 38.57 16.37 -4.36
CA THR A 159 38.98 15.06 -3.87
C THR A 159 40.36 14.68 -4.37
N ALA A 160 40.59 14.84 -5.68
CA ALA A 160 41.87 14.50 -6.27
C ALA A 160 42.98 15.42 -5.82
N VAL A 161 42.68 16.70 -5.58
CA VAL A 161 43.71 17.60 -5.04
C VAL A 161 44.01 17.26 -3.59
N ALA A 162 42.98 16.91 -2.80
CA ALA A 162 43.17 16.64 -1.39
C ALA A 162 43.93 15.34 -1.14
N ASN A 163 43.80 14.36 -2.04
CA ASN A 163 44.55 13.11 -1.91
C ASN A 163 46.06 13.35 -1.97
N LEU A 164 46.49 14.26 -2.83
CA LEU A 164 47.91 14.57 -2.97
C LEU A 164 48.39 15.62 -1.97
N LEU A 165 47.52 16.53 -1.55
CA LEU A 165 47.94 17.52 -0.55
C LEU A 165 47.98 16.95 0.85
N GLY A 166 47.20 15.92 1.16
CA GLY A 166 47.27 15.32 2.47
C GLY A 166 48.48 14.46 2.72
N LEU A 167 49.24 14.13 1.67
CA LEU A 167 50.51 13.42 1.85
C LEU A 167 51.52 14.29 2.57
N PHE A 168 51.52 15.59 2.31
CA PHE A 168 52.50 16.51 2.84
C PHE A 168 51.93 17.45 3.89
N TYR A 169 50.69 17.21 4.31
CA TYR A 169 50.00 17.95 5.38
C TYR A 169 49.88 19.44 5.07
N ILE A 170 49.64 19.77 3.80
CA ILE A 170 49.42 21.14 3.37
C ILE A 170 47.93 21.43 3.48
N PRO A 171 47.52 22.45 4.24
CA PRO A 171 46.09 22.74 4.38
C PRO A 171 45.46 23.20 3.08
N GLN A 172 44.18 22.87 2.92
CA GLN A 172 43.42 23.21 1.73
C GLN A 172 42.04 23.66 2.17
N VAL A 173 41.73 24.93 1.94
CA VAL A 173 40.44 25.49 2.31
C VAL A 173 39.65 25.72 1.04
N SER A 174 38.54 25.02 0.89
CA SER A 174 37.70 25.13 -0.29
C SER A 174 36.56 26.13 -0.07
N TYR A 175 36.17 26.79 -1.15
CA TYR A 175 35.10 27.78 -1.11
C TYR A 175 33.77 27.28 -1.65
N ALA A 176 33.76 26.17 -2.38
CA ALA A 176 32.52 25.72 -2.99
C ALA A 176 32.24 24.23 -2.93
N SER A 177 33.21 23.37 -2.61
CA SER A 177 32.98 21.92 -2.59
C SER A 177 32.16 21.52 -1.37
N SER A 178 31.04 20.82 -1.59
CA SER A 178 30.08 20.60 -0.53
C SER A 178 29.67 19.15 -0.37
N SER A 179 30.45 18.21 -0.87
CA SER A 179 30.11 16.80 -0.76
C SER A 179 30.40 16.28 0.63
N ARG A 180 29.56 15.35 1.10
CA ARG A 180 29.73 14.85 2.46
C ARG A 180 30.91 13.91 2.58
N LEU A 181 31.37 13.33 1.46
CA LEU A 181 32.51 12.42 1.46
C LEU A 181 33.80 13.11 1.84
N LEU A 182 33.85 14.44 1.72
CA LEU A 182 35.00 15.22 2.15
C LEU A 182 35.02 15.49 3.64
N SER A 183 34.00 15.05 4.38
CA SER A 183 34.00 15.19 5.83
C SER A 183 34.79 14.09 6.53
N ASN A 184 35.21 13.06 5.81
CA ASN A 184 35.90 11.90 6.37
C ASN A 184 37.36 12.27 6.63
N LYS A 185 37.73 12.42 7.89
CA LYS A 185 39.07 12.92 8.23
C LYS A 185 40.10 11.81 8.32
N ASN A 186 39.70 10.55 8.17
CA ASN A 186 40.69 9.49 8.06
C ASN A 186 41.34 9.49 6.68
N GLN A 187 40.62 9.91 5.65
CA GLN A 187 41.17 9.98 4.31
C GLN A 187 41.67 11.37 3.95
N PHE A 188 40.93 12.41 4.33
CA PHE A 188 41.24 13.78 3.95
C PHE A 188 41.71 14.50 5.21
N LYS A 189 43.02 14.44 5.46
CA LYS A 189 43.58 14.91 6.72
C LYS A 189 43.67 16.43 6.81
N SER A 190 43.90 17.12 5.71
CA SER A 190 44.16 18.56 5.75
C SER A 190 43.11 19.36 4.99
N PHE A 191 41.88 18.87 4.92
CA PHE A 191 40.84 19.53 4.17
C PHE A 191 39.92 20.31 5.10
N LEU A 192 39.66 21.58 4.75
CA LEU A 192 38.70 22.43 5.42
C LEU A 192 37.88 23.13 4.35
N ARG A 193 36.68 23.57 4.72
CA ARG A 193 35.86 24.30 3.77
C ARG A 193 35.08 25.39 4.46
N THR A 194 34.78 26.44 3.71
CA THR A 194 34.03 27.57 4.21
C THR A 194 32.60 27.60 3.69
N ILE A 195 32.14 26.50 3.10
CA ILE A 195 30.77 26.31 2.63
C ILE A 195 30.23 25.13 3.45
N PRO A 196 28.94 25.06 3.75
CA PRO A 196 28.42 23.86 4.41
C PRO A 196 28.25 22.70 3.45
N ASN A 197 28.11 21.50 4.02
CA ASN A 197 27.92 20.31 3.21
C ASN A 197 26.43 20.06 2.96
N ASP A 198 26.12 19.03 2.19
CA ASP A 198 24.83 18.90 1.53
C ASP A 198 23.86 17.98 2.26
N GLU A 199 24.08 17.72 3.54
CA GLU A 199 23.08 16.95 4.29
C GLU A 199 21.85 17.79 4.57
N HIS A 200 22.06 19.05 4.97
CA HIS A 200 20.95 19.93 5.31
C HIS A 200 20.14 20.30 4.08
N GLN A 201 20.79 20.45 2.93
CA GLN A 201 20.08 20.80 1.71
C GLN A 201 19.23 19.64 1.21
N ALA A 202 19.73 18.41 1.34
CA ALA A 202 18.96 17.23 0.96
C ALA A 202 17.81 16.98 1.92
N THR A 203 17.96 17.34 3.20
CA THR A 203 16.84 17.28 4.13
C THR A 203 15.81 18.37 3.83
N ALA A 204 16.29 19.55 3.42
CA ALA A 204 15.41 20.68 3.15
C ALA A 204 14.57 20.47 1.90
N MET A 205 15.10 19.73 0.92
CA MET A 205 14.32 19.37 -0.26
C MET A 205 13.08 18.56 0.12
N ALA A 206 13.26 17.56 0.97
CA ALA A 206 12.15 16.74 1.44
C ALA A 206 11.20 17.53 2.32
N ASP A 207 11.72 18.52 3.07
CA ASP A 207 10.85 19.41 3.85
C ASP A 207 9.96 20.26 2.94
N ILE A 208 10.53 20.81 1.86
CA ILE A 208 9.76 21.60 0.90
C ILE A 208 8.71 20.74 0.20
N ILE A 209 9.08 19.50 -0.17
CA ILE A 209 8.14 18.60 -0.84
C ILE A 209 6.99 18.23 0.09
N GLU A 210 7.29 17.98 1.37
CA GLU A 210 6.23 17.69 2.34
C GLU A 210 5.40 18.93 2.68
N TYR A 211 5.93 20.13 2.43
CA TYR A 211 5.17 21.35 2.74
C TYR A 211 4.00 21.56 1.79
N PHE A 212 4.20 21.33 0.50
CA PHE A 212 3.16 21.56 -0.50
C PHE A 212 2.33 20.32 -0.77
N ARG A 213 2.56 19.24 -0.04
CA ARG A 213 1.71 18.04 0.01
C ARG A 213 1.68 17.31 -1.33
N TRP A 214 2.86 17.04 -1.87
CA TRP A 214 3.04 16.17 -3.02
C TRP A 214 3.62 14.84 -2.54
N ASN A 215 3.31 13.75 -3.26
CA ASN A 215 3.95 12.50 -2.88
C ASN A 215 4.40 11.67 -4.08
N TRP A 216 4.69 12.30 -5.21
CA TRP A 216 4.97 11.56 -6.43
C TRP A 216 5.89 12.39 -7.31
N VAL A 217 7.20 12.08 -7.24
CA VAL A 217 8.26 12.92 -7.77
C VAL A 217 9.22 12.06 -8.58
N GLY A 218 10.17 12.73 -9.25
CA GLY A 218 11.27 12.05 -9.91
C GLY A 218 12.57 12.77 -9.62
N THR A 219 13.67 12.03 -9.68
CA THR A 219 14.97 12.58 -9.32
C THR A 219 15.97 12.50 -10.47
N ILE A 220 16.83 13.50 -10.57
CA ILE A 220 17.94 13.54 -11.54
C ILE A 220 19.19 14.05 -10.81
N ALA A 221 20.29 13.32 -10.94
CA ALA A 221 21.54 13.74 -10.36
C ALA A 221 22.67 13.56 -11.35
N ALA A 222 23.69 14.39 -11.21
CA ALA A 222 24.92 14.22 -11.98
C ALA A 222 25.69 13.00 -11.50
N ASP A 223 26.54 12.49 -12.37
CA ASP A 223 27.28 11.27 -12.08
C ASP A 223 28.70 11.62 -11.63
N ASP A 224 28.78 12.18 -10.43
CA ASP A 224 30.06 12.51 -9.80
C ASP A 224 29.88 12.55 -8.29
N ASP A 225 30.91 13.02 -7.59
CA ASP A 225 30.92 13.00 -6.13
C ASP A 225 30.01 14.04 -5.50
N TYR A 226 29.43 14.95 -6.28
CA TYR A 226 28.50 15.92 -5.73
C TYR A 226 27.05 15.46 -5.83
N GLY A 227 26.67 14.82 -6.93
CA GLY A 227 25.29 14.48 -7.15
C GLY A 227 24.81 13.19 -6.51
N ARG A 228 25.66 12.15 -6.57
CA ARG A 228 25.24 10.84 -6.07
C ARG A 228 25.02 10.79 -4.55
N PRO A 229 25.92 11.28 -3.67
CA PRO A 229 25.59 11.23 -2.24
C PRO A 229 24.46 12.16 -1.84
N GLY A 230 24.32 13.32 -2.49
CA GLY A 230 23.20 14.19 -2.21
C GLY A 230 21.87 13.56 -2.57
N ILE A 231 21.81 12.87 -3.70
CA ILE A 231 20.54 12.27 -4.09
C ILE A 231 20.26 11.01 -3.28
N GLU A 232 21.29 10.34 -2.76
CA GLU A 232 21.05 9.18 -1.90
C GLU A 232 20.54 9.60 -0.53
N LYS A 233 21.08 10.69 0.01
CA LYS A 233 20.55 11.26 1.25
C LYS A 233 19.11 11.73 1.08
N PHE A 234 18.79 12.35 -0.07
CA PHE A 234 17.42 12.75 -0.31
C PHE A 234 16.49 11.55 -0.41
N ARG A 235 16.93 10.46 -1.04
CA ARG A 235 16.09 9.27 -1.17
C ARG A 235 15.77 8.66 0.19
N GLU A 236 16.77 8.61 1.07
CA GLU A 236 16.56 8.14 2.43
C GLU A 236 15.56 9.01 3.19
N GLU A 237 15.73 10.35 3.12
CA GLU A 237 14.81 11.26 3.80
C GLU A 237 13.41 11.22 3.21
N ALA A 238 13.28 10.99 1.91
CA ALA A 238 11.98 10.95 1.27
C ALA A 238 11.24 9.66 1.60
N GLU A 239 11.96 8.54 1.68
CA GLU A 239 11.32 7.30 2.11
C GLU A 239 10.94 7.32 3.58
N GLU A 240 11.62 8.15 4.38
CA GLU A 240 11.19 8.31 5.78
C GLU A 240 9.84 9.03 5.90
N ARG A 241 9.48 9.88 4.93
CA ARG A 241 8.30 10.73 5.02
C ARG A 241 7.13 10.25 4.18
N ASP A 242 7.18 9.00 3.68
CA ASP A 242 6.15 8.40 2.82
C ASP A 242 5.93 9.20 1.54
N ILE A 243 7.03 9.44 0.83
CA ILE A 243 7.02 10.08 -0.48
C ILE A 243 7.53 9.07 -1.48
N CYS A 244 6.76 8.81 -2.54
CA CYS A 244 7.11 7.81 -3.53
C CYS A 244 7.89 8.43 -4.67
N ILE A 245 8.95 7.76 -5.10
CA ILE A 245 9.82 8.23 -6.18
C ILE A 245 9.61 7.34 -7.39
N ASP A 246 9.29 7.95 -8.53
CA ASP A 246 8.96 7.21 -9.73
C ASP A 246 10.20 6.81 -10.51
N PHE A 247 11.06 7.76 -10.87
CA PHE A 247 12.25 7.46 -11.62
C PHE A 247 13.47 8.08 -10.95
N SER A 248 14.65 7.62 -11.37
CA SER A 248 15.93 8.08 -10.84
C SER A 248 16.98 7.88 -11.90
N GLU A 249 17.51 8.96 -12.46
CA GLU A 249 18.42 8.87 -13.60
C GLU A 249 19.71 9.61 -13.31
N LEU A 250 20.73 9.32 -14.11
CA LEU A 250 22.03 9.97 -14.01
C LEU A 250 22.39 10.58 -15.35
N ILE A 251 22.96 11.78 -15.31
CA ILE A 251 23.37 12.52 -16.50
C ILE A 251 24.80 12.97 -16.31
N SER A 252 25.40 13.48 -17.38
CA SER A 252 26.77 13.94 -17.35
C SER A 252 26.96 14.95 -18.46
N GLN A 253 28.07 15.69 -18.38
CA GLN A 253 28.44 16.61 -19.44
C GLN A 253 28.81 15.86 -20.73
N TYR A 254 29.28 14.62 -20.60
CA TYR A 254 29.75 13.84 -21.74
C TYR A 254 28.80 12.69 -22.08
N SER A 255 27.50 12.87 -21.87
CA SER A 255 26.52 11.91 -22.33
C SER A 255 26.34 12.05 -23.84
N ASP A 256 26.15 10.93 -24.52
CA ASP A 256 25.96 10.94 -25.96
C ASP A 256 24.48 11.19 -26.27
N GLU A 257 24.08 10.96 -27.52
CA GLU A 257 22.71 11.22 -27.96
C GLU A 257 21.73 10.27 -27.28
N GLU A 258 22.05 8.98 -27.27
CA GLU A 258 21.09 7.95 -26.90
C GLU A 258 20.76 7.96 -25.41
N GLU A 259 21.73 8.33 -24.57
CA GLU A 259 21.46 8.45 -23.14
C GLU A 259 20.50 9.60 -22.85
N ILE A 260 20.67 10.72 -23.55
CA ILE A 260 19.78 11.86 -23.39
C ILE A 260 18.38 11.52 -23.90
N GLN A 261 18.29 10.78 -25.02
CA GLN A 261 16.97 10.35 -25.51
C GLN A 261 16.29 9.41 -24.53
N HIS A 262 17.06 8.52 -23.90
CA HIS A 262 16.50 7.61 -22.92
C HIS A 262 15.97 8.36 -21.69
N VAL A 263 16.71 9.36 -21.22
CA VAL A 263 16.27 10.14 -20.06
C VAL A 263 15.04 10.99 -20.41
N VAL A 264 15.00 11.57 -21.61
CA VAL A 264 13.82 12.34 -22.03
C VAL A 264 12.59 11.45 -22.15
N GLU A 265 12.77 10.23 -22.67
CA GLU A 265 11.67 9.26 -22.72
C GLU A 265 11.18 8.88 -21.33
N VAL A 266 12.11 8.72 -20.38
CA VAL A 266 11.73 8.39 -19.01
C VAL A 266 10.98 9.55 -18.36
N ILE A 267 11.38 10.78 -18.66
CA ILE A 267 10.72 11.96 -18.09
C ILE A 267 9.30 12.11 -18.63
N GLN A 268 9.12 12.01 -19.95
CA GLN A 268 7.79 12.27 -20.50
C GLN A 268 6.94 11.02 -20.65
N ASN A 269 7.31 9.92 -20.02
CA ASN A 269 6.42 8.78 -19.84
C ASN A 269 5.76 8.75 -18.48
N SER A 270 6.03 9.73 -17.62
CA SER A 270 5.66 9.71 -16.22
C SER A 270 4.65 10.80 -15.92
N THR A 271 3.79 10.55 -14.94
CA THR A 271 2.79 11.53 -14.52
C THR A 271 3.26 12.40 -13.36
N ALA A 272 4.47 12.20 -12.87
CA ALA A 272 5.01 13.04 -11.81
C ALA A 272 5.40 14.40 -12.36
N LYS A 273 4.97 15.47 -11.69
CA LYS A 273 5.25 16.82 -12.15
C LYS A 273 6.41 17.49 -11.44
N VAL A 274 6.97 16.89 -10.39
CA VAL A 274 8.03 17.49 -9.60
C VAL A 274 9.30 16.70 -9.82
N ILE A 275 10.37 17.38 -10.23
CA ILE A 275 11.66 16.75 -10.48
C ILE A 275 12.72 17.45 -9.64
N VAL A 276 13.45 16.68 -8.86
CA VAL A 276 14.50 17.18 -7.96
C VAL A 276 15.85 16.94 -8.63
N VAL A 277 16.64 18.00 -8.83
CA VAL A 277 17.90 17.87 -9.58
C VAL A 277 19.08 18.29 -8.71
N PHE A 278 20.00 17.35 -8.47
CA PHE A 278 21.36 17.64 -7.96
C PHE A 278 22.38 17.60 -9.08
N SER A 279 22.74 18.76 -9.59
CA SER A 279 23.71 18.86 -10.66
C SER A 279 24.24 20.28 -10.70
N SER A 280 25.33 20.47 -11.44
CA SER A 280 25.79 21.80 -11.80
C SER A 280 25.27 22.15 -13.19
N GLY A 281 25.61 23.35 -13.64
CA GLY A 281 25.23 23.83 -14.96
C GLY A 281 25.76 23.05 -16.16
N PRO A 282 27.09 22.82 -16.23
CA PRO A 282 27.63 22.03 -17.34
C PRO A 282 27.11 20.61 -17.46
N ASP A 283 26.82 19.93 -16.36
CA ASP A 283 26.32 18.57 -16.46
C ASP A 283 24.84 18.50 -16.81
N LEU A 284 24.12 19.62 -16.70
CA LEU A 284 22.69 19.64 -16.95
C LEU A 284 22.33 20.31 -18.28
N GLU A 285 23.26 21.04 -18.89
CA GLU A 285 22.96 21.75 -20.13
C GLU A 285 22.51 20.89 -21.33
N PRO A 286 23.09 19.70 -21.63
CA PRO A 286 22.54 18.90 -22.75
C PRO A 286 21.12 18.44 -22.56
N LEU A 287 20.78 17.97 -21.36
CA LEU A 287 19.42 17.53 -21.06
C LEU A 287 18.44 18.68 -21.19
N ILE A 288 18.82 19.86 -20.71
CA ILE A 288 17.95 21.03 -20.78
C ILE A 288 17.73 21.45 -22.22
N LYS A 289 18.78 21.41 -23.05
CA LYS A 289 18.62 21.74 -24.46
C LYS A 289 17.69 20.77 -25.18
N GLU A 290 17.79 19.47 -24.85
CA GLU A 290 16.91 18.49 -25.48
C GLU A 290 15.46 18.64 -25.02
N ILE A 291 15.24 18.97 -23.74
CA ILE A 291 13.87 19.22 -23.28
C ILE A 291 13.31 20.50 -23.90
N VAL A 292 14.15 21.53 -24.08
CA VAL A 292 13.71 22.78 -24.70
C VAL A 292 13.31 22.58 -26.16
N ARG A 293 14.06 21.77 -26.90
CA ARG A 293 13.69 21.63 -28.30
C ARG A 293 12.53 20.65 -28.56
N ARG A 294 11.74 20.28 -27.55
CA ARG A 294 10.59 19.43 -27.77
C ARG A 294 9.25 19.95 -27.25
N ASN A 295 9.18 21.14 -26.63
CA ASN A 295 8.01 21.55 -25.83
C ASN A 295 7.60 20.50 -24.80
N ILE A 296 8.45 20.29 -23.80
CA ILE A 296 8.05 19.55 -22.62
C ILE A 296 7.83 20.58 -21.52
N THR A 297 6.58 20.94 -21.29
CA THR A 297 6.22 22.02 -20.37
C THR A 297 5.42 21.46 -19.22
N GLY A 298 5.31 22.25 -18.14
CA GLY A 298 4.50 21.91 -17.00
C GLY A 298 5.21 21.24 -15.85
N LYS A 299 6.52 21.02 -15.94
CA LYS A 299 7.25 20.38 -14.86
C LYS A 299 7.66 21.40 -13.81
N ILE A 300 7.78 20.92 -12.57
CA ILE A 300 8.17 21.74 -11.43
C ILE A 300 9.56 21.32 -11.02
N TRP A 301 10.55 22.17 -11.25
CA TRP A 301 11.95 21.84 -11.05
C TRP A 301 12.41 22.31 -9.68
N LEU A 302 13.03 21.42 -8.92
CA LEU A 302 13.62 21.76 -7.62
C LEU A 302 15.13 21.76 -7.76
N ALA A 303 15.72 22.94 -7.65
CA ALA A 303 17.13 23.17 -7.93
C ALA A 303 17.97 23.06 -6.67
N SER A 304 19.12 22.42 -6.80
CA SER A 304 20.14 22.50 -5.76
C SER A 304 20.93 23.79 -5.94
N GLU A 305 21.89 24.03 -5.06
CA GLU A 305 22.55 25.34 -4.98
C GLU A 305 23.45 25.61 -6.18
N ALA A 306 23.98 24.56 -6.81
CA ALA A 306 24.99 24.75 -7.85
C ALA A 306 24.41 25.25 -9.17
N TRP A 307 23.17 24.87 -9.52
CA TRP A 307 22.58 25.35 -10.75
C TRP A 307 21.41 26.30 -10.54
N ALA A 308 21.09 26.68 -9.32
CA ALA A 308 19.99 27.60 -9.08
C ALA A 308 20.33 29.04 -9.41
N SER A 309 21.59 29.35 -9.74
CA SER A 309 21.97 30.69 -10.17
C SER A 309 22.89 30.65 -11.38
N SER A 310 22.85 29.57 -12.15
CA SER A 310 23.78 29.39 -13.26
C SER A 310 23.32 30.16 -14.49
N SER A 311 24.26 30.82 -15.15
CA SER A 311 23.99 31.55 -16.38
C SER A 311 23.85 30.65 -17.59
N LEU A 312 24.28 29.39 -17.49
CA LEU A 312 24.11 28.45 -18.58
C LEU A 312 22.67 27.97 -18.70
N ILE A 313 21.91 27.99 -17.60
CA ILE A 313 20.56 27.47 -17.58
C ILE A 313 19.52 28.60 -17.52
N ALA A 314 19.81 29.65 -16.77
CA ALA A 314 18.84 30.72 -16.56
C ALA A 314 18.92 31.71 -17.72
N MET A 315 18.29 31.33 -18.83
CA MET A 315 18.33 32.08 -20.07
C MET A 315 16.92 32.34 -20.57
N PRO A 316 16.70 33.45 -21.28
CA PRO A 316 15.33 33.75 -21.75
C PRO A 316 14.80 32.79 -22.80
N GLN A 317 15.65 32.05 -23.48
CA GLN A 317 15.22 31.11 -24.50
C GLN A 317 14.63 29.84 -23.90
N TYR A 318 14.86 29.59 -22.61
CA TYR A 318 14.45 28.34 -21.98
C TYR A 318 13.29 28.52 -21.03
N PHE A 319 12.69 29.72 -20.97
CA PHE A 319 11.77 30.05 -19.88
C PHE A 319 10.45 29.28 -19.96
N HIS A 320 10.09 28.75 -21.13
CA HIS A 320 8.89 27.93 -21.19
C HIS A 320 9.14 26.51 -20.68
N VAL A 321 10.38 26.15 -20.40
CA VAL A 321 10.71 24.89 -19.76
C VAL A 321 11.09 25.10 -18.29
N VAL A 322 12.06 25.98 -18.03
CA VAL A 322 12.64 26.09 -16.69
C VAL A 322 12.07 27.26 -15.90
N GLY A 323 11.02 27.91 -16.39
CA GLY A 323 10.44 29.01 -15.64
C GLY A 323 9.70 28.51 -14.42
N GLY A 324 9.75 29.30 -13.35
CA GLY A 324 9.11 28.93 -12.11
C GLY A 324 9.89 27.99 -11.23
N THR A 325 11.20 27.90 -11.43
CA THR A 325 12.05 26.99 -10.66
C THR A 325 12.24 27.50 -9.24
N ILE A 326 12.21 26.58 -8.26
CA ILE A 326 12.41 26.90 -6.86
C ILE A 326 13.75 26.32 -6.43
N GLY A 327 14.64 27.17 -5.90
CA GLY A 327 16.01 26.74 -5.66
C GLY A 327 16.58 27.32 -4.39
N PHE A 328 17.78 26.85 -4.06
CA PHE A 328 18.52 27.22 -2.86
C PHE A 328 19.63 28.21 -3.19
N ALA A 329 19.97 29.04 -2.21
CA ALA A 329 21.08 29.97 -2.31
C ALA A 329 21.72 30.11 -0.94
N LEU A 330 22.99 30.49 -0.93
CA LEU A 330 23.70 30.73 0.31
C LEU A 330 23.41 32.12 0.83
N LYS A 331 23.91 32.44 2.00
CA LYS A 331 23.75 33.77 2.57
C LYS A 331 24.77 34.73 1.95
N ALA A 332 24.32 35.93 1.63
CA ALA A 332 25.17 36.93 1.01
C ALA A 332 26.01 37.65 2.04
N GLY A 333 27.19 38.12 1.61
CA GLY A 333 28.05 38.91 2.45
C GLY A 333 28.48 40.18 1.75
N GLN A 334 29.17 41.03 2.49
CA GLN A 334 29.63 42.32 1.98
C GLN A 334 31.14 42.34 1.90
N ILE A 335 31.67 42.94 0.83
CA ILE A 335 33.09 43.24 0.70
C ILE A 335 33.18 44.71 0.32
N PRO A 336 33.48 45.62 1.26
CA PRO A 336 33.15 47.04 1.06
C PRO A 336 34.05 47.81 0.10
N GLY A 337 34.91 47.19 -0.71
CA GLY A 337 35.60 47.95 -1.72
C GLY A 337 35.83 47.15 -2.98
N PHE A 338 35.04 46.10 -3.17
CA PHE A 338 35.34 45.08 -4.17
C PHE A 338 35.00 45.55 -5.58
N ARG A 339 33.93 46.33 -5.74
CA ARG A 339 33.48 46.74 -7.06
C ARG A 339 34.45 47.71 -7.73
N GLU A 340 34.97 48.68 -6.97
CA GLU A 340 35.91 49.63 -7.53
C GLU A 340 37.24 48.97 -7.87
N PHE A 341 37.57 47.87 -7.20
CA PHE A 341 38.73 47.08 -7.56
C PHE A 341 38.47 46.27 -8.81
N LEU A 342 37.24 45.77 -8.96
CA LEU A 342 36.86 45.03 -10.16
C LEU A 342 36.89 45.90 -11.40
N LYS A 343 36.54 47.17 -11.25
CA LYS A 343 36.54 48.08 -12.38
C LYS A 343 37.91 48.68 -12.68
N LYS A 344 38.97 48.20 -12.03
CA LYS A 344 40.32 48.67 -12.26
C LYS A 344 41.14 47.77 -13.17
N VAL A 345 40.54 46.72 -13.72
CA VAL A 345 41.29 45.72 -14.48
C VAL A 345 41.66 46.27 -15.85
N HIS A 346 42.90 46.06 -16.25
CA HIS A 346 43.42 46.49 -17.53
C HIS A 346 44.43 45.45 -17.97
N PRO A 347 44.53 45.17 -19.28
CA PRO A 347 45.48 44.13 -19.71
C PRO A 347 46.93 44.56 -19.64
N ARG A 348 47.23 45.84 -19.85
CA ARG A 348 48.62 46.28 -19.84
C ARG A 348 49.08 46.81 -18.49
N LYS A 349 48.18 46.97 -17.52
CA LYS A 349 48.56 47.44 -16.20
C LYS A 349 48.44 46.38 -15.12
N SER A 350 47.70 45.30 -15.35
CA SER A 350 47.74 44.15 -14.45
C SER A 350 48.90 43.27 -14.88
N VAL A 351 50.07 43.55 -14.32
CA VAL A 351 51.29 42.83 -14.70
C VAL A 351 51.50 41.56 -13.87
N HIS A 352 50.75 41.38 -12.79
CA HIS A 352 50.82 40.17 -11.99
C HIS A 352 49.65 39.23 -12.26
N ASN A 353 48.73 39.60 -13.15
CA ASN A 353 47.60 38.77 -13.52
C ASN A 353 47.75 38.41 -14.98
N GLY A 354 48.04 37.14 -15.26
CA GLY A 354 48.16 36.71 -16.63
C GLY A 354 46.85 36.38 -17.30
N PHE A 355 45.76 36.37 -16.56
CA PHE A 355 44.45 36.02 -17.11
C PHE A 355 43.67 37.22 -17.59
N ALA A 356 44.21 38.42 -17.43
CA ALA A 356 43.47 39.64 -17.77
C ALA A 356 43.40 39.86 -19.27
N LYS A 357 44.38 39.34 -20.01
CA LYS A 357 44.44 39.56 -21.45
C LYS A 357 43.30 38.85 -22.17
N GLU A 358 43.03 37.59 -21.81
CA GLU A 358 41.91 36.88 -22.42
C GLU A 358 40.59 37.42 -21.93
N PHE A 359 40.55 37.97 -20.71
CA PHE A 359 39.35 38.66 -20.23
C PHE A 359 39.02 39.85 -21.11
N TRP A 360 40.03 40.67 -21.43
CA TRP A 360 39.82 41.83 -22.29
C TRP A 360 39.42 41.41 -23.70
N GLU A 361 40.02 40.34 -24.20
CA GLU A 361 39.66 39.85 -25.53
C GLU A 361 38.24 39.30 -25.58
N GLU A 362 37.83 38.55 -24.57
CA GLU A 362 36.50 37.96 -24.56
C GLU A 362 35.41 38.96 -24.23
N THR A 363 35.74 40.07 -23.58
CA THR A 363 34.71 41.06 -23.27
C THR A 363 34.35 41.89 -24.50
N PHE A 364 35.34 42.55 -25.11
CA PHE A 364 35.09 43.52 -26.16
C PHE A 364 35.24 42.94 -27.55
N ASN A 365 35.51 41.63 -27.66
CA ASN A 365 35.57 40.86 -28.91
C ASN A 365 36.57 41.46 -29.89
N CYS A 366 37.84 41.44 -29.47
CA CYS A 366 38.90 42.06 -30.26
C CYS A 366 40.17 41.25 -30.05
N HIS A 367 41.28 41.75 -30.58
CA HIS A 367 42.55 41.04 -30.57
C HIS A 367 43.64 42.01 -30.10
N LEU A 368 44.48 41.58 -29.16
CA LEU A 368 45.48 42.44 -28.55
C LEU A 368 46.84 42.17 -29.17
N GLN A 369 47.50 43.23 -29.64
CA GLN A 369 48.80 43.08 -30.28
C GLN A 369 49.87 42.74 -29.25
N GLU A 370 50.91 42.07 -29.72
CA GLU A 370 52.03 41.70 -28.87
C GLU A 370 53.35 41.89 -29.63
N PHE A 399 38.16 37.64 -39.35
CA PHE A 399 39.12 38.16 -38.40
C PHE A 399 38.46 39.10 -37.40
N ARG A 400 38.88 39.00 -36.13
CA ARG A 400 38.42 39.92 -35.11
C ARG A 400 39.21 41.23 -35.19
N PRO A 401 38.59 42.37 -34.83
CA PRO A 401 39.28 43.66 -34.97
C PRO A 401 40.38 43.85 -33.93
N LEU A 402 41.07 44.97 -34.00
CA LEU A 402 42.14 45.27 -33.06
C LEU A 402 41.57 45.94 -31.82
N CYS A 403 42.19 45.69 -30.67
CA CYS A 403 41.83 46.40 -29.46
C CYS A 403 42.62 47.68 -29.32
N THR A 404 42.07 48.60 -28.57
CA THR A 404 42.80 49.72 -27.99
C THR A 404 42.74 49.54 -26.48
N GLY A 405 43.56 50.28 -25.75
CA GLY A 405 43.48 50.17 -24.30
C GLY A 405 42.57 51.19 -23.68
N ASP A 406 41.44 51.46 -24.33
CA ASP A 406 40.64 52.63 -24.01
C ASP A 406 39.16 52.31 -24.02
N GLU A 407 38.78 51.12 -23.53
CA GLU A 407 37.38 50.78 -23.48
C GLU A 407 36.87 50.83 -22.05
N ASN A 408 35.59 51.10 -21.91
CA ASN A 408 34.92 51.19 -20.63
C ASN A 408 34.19 49.88 -20.39
N ILE A 409 34.54 49.18 -19.30
CA ILE A 409 33.97 47.85 -19.06
C ILE A 409 32.55 47.89 -18.55
N SER A 410 31.98 49.07 -18.35
CA SER A 410 30.60 49.22 -17.93
C SER A 410 29.62 49.15 -19.10
N SER A 411 30.12 49.00 -20.33
CA SER A 411 29.25 48.87 -21.49
C SER A 411 28.74 47.44 -21.64
N VAL A 412 29.66 46.49 -21.80
CA VAL A 412 29.31 45.11 -22.13
C VAL A 412 28.78 44.42 -20.89
N GLU A 413 27.60 43.79 -21.00
CA GLU A 413 27.01 43.08 -19.88
C GLU A 413 27.48 41.63 -19.86
N THR A 414 28.32 41.31 -18.89
CA THR A 414 28.81 39.97 -18.62
C THR A 414 28.59 39.73 -17.14
N PRO A 415 28.66 38.47 -16.66
CA PRO A 415 28.58 38.20 -15.21
C PRO A 415 29.70 38.75 -14.33
N TYR A 416 30.62 39.54 -14.89
CA TYR A 416 31.73 40.07 -14.13
C TYR A 416 31.27 41.15 -13.14
N ILE A 417 30.70 42.25 -13.62
CA ILE A 417 30.23 43.28 -12.69
C ILE A 417 28.72 43.39 -12.67
N ASP A 418 28.00 42.42 -13.23
CA ASP A 418 26.54 42.45 -13.23
C ASP A 418 26.04 41.38 -12.28
N TYR A 419 25.98 41.74 -11.01
CA TYR A 419 25.50 40.87 -9.95
C TYR A 419 24.74 41.75 -8.98
N THR A 420 23.98 41.10 -8.09
CA THR A 420 23.39 41.80 -6.96
C THR A 420 24.00 41.41 -5.62
N HIS A 421 24.43 40.15 -5.48
CA HIS A 421 24.85 39.61 -4.21
C HIS A 421 26.14 38.83 -4.38
N LEU A 422 27.00 38.90 -3.37
CA LEU A 422 28.28 38.20 -3.34
C LEU A 422 28.16 37.01 -2.39
N ARG A 423 28.15 35.81 -2.94
CA ARG A 423 27.92 34.60 -2.15
C ARG A 423 29.10 33.65 -2.14
N ILE A 424 29.62 33.26 -3.30
CA ILE A 424 30.81 32.41 -3.33
C ILE A 424 32.07 33.28 -3.24
N SER A 425 31.99 34.52 -3.71
CA SER A 425 33.08 35.48 -3.56
C SER A 425 33.36 35.77 -2.10
N TYR A 426 32.31 35.84 -1.29
CA TYR A 426 32.49 36.03 0.15
C TYR A 426 33.15 34.81 0.79
N ASN A 427 32.91 33.62 0.24
CA ASN A 427 33.59 32.42 0.74
C ASN A 427 35.06 32.42 0.38
N VAL A 428 35.44 32.94 -0.79
CA VAL A 428 36.86 33.09 -1.12
C VAL A 428 37.53 34.09 -0.18
N TYR A 429 36.83 35.19 0.10
CA TYR A 429 37.30 36.20 1.05
C TYR A 429 37.56 35.59 2.44
N LEU A 430 36.61 34.79 2.93
CA LEU A 430 36.76 34.17 4.23
C LEU A 430 37.85 33.11 4.25
N ALA A 431 38.02 32.39 3.14
CA ALA A 431 39.08 31.40 3.04
C ALA A 431 40.46 32.05 3.11
N VAL A 432 40.61 33.25 2.58
CA VAL A 432 41.90 33.93 2.72
C VAL A 432 42.09 34.48 4.14
N TYR A 433 41.05 35.09 4.72
CA TYR A 433 41.21 35.64 6.06
C TYR A 433 41.38 34.60 7.15
N SER A 434 40.89 33.38 6.94
CA SER A 434 41.14 32.30 7.89
C SER A 434 42.62 31.95 7.98
N ILE A 435 43.27 31.83 6.82
CA ILE A 435 44.70 31.52 6.76
C ILE A 435 45.51 32.67 7.36
N ALA A 436 45.10 33.91 7.08
CA ALA A 436 45.78 35.06 7.64
C ALA A 436 45.66 35.12 9.16
N HIS A 437 44.50 34.74 9.70
CA HIS A 437 44.35 34.80 11.14
C HIS A 437 45.06 33.66 11.85
N ALA A 438 45.18 32.50 11.21
CA ALA A 438 46.03 31.43 11.76
C ALA A 438 47.49 31.85 11.81
N LEU A 439 47.97 32.51 10.75
CA LEU A 439 49.34 33.01 10.77
C LEU A 439 49.54 34.12 11.79
N GLN A 440 48.51 34.93 12.02
CA GLN A 440 48.55 35.94 13.07
C GLN A 440 48.63 35.30 14.45
N ASP A 441 47.92 34.19 14.65
CA ASP A 441 48.03 33.42 15.90
C ASP A 441 49.42 32.85 16.10
N ILE A 442 50.07 32.43 15.01
CA ILE A 442 51.47 32.01 15.10
C ILE A 442 52.35 33.18 15.53
N TYR A 443 52.10 34.36 14.96
CA TYR A 443 52.97 35.51 15.21
C TYR A 443 52.79 36.09 16.61
N THR A 444 51.58 36.05 17.18
CA THR A 444 51.35 36.60 18.51
C THR A 444 51.24 35.51 19.57
N CYS A 445 52.06 34.46 19.46
CA CYS A 445 52.08 33.36 20.42
C CYS A 445 53.08 33.66 21.53
N LEU A 446 52.67 33.47 22.76
CA LEU A 446 53.51 33.72 23.93
C LEU A 446 54.16 32.44 24.40
N PRO A 447 55.47 32.45 24.70
CA PRO A 447 56.17 31.20 25.06
C PRO A 447 55.71 30.66 26.41
N GLY A 448 55.33 29.39 26.41
CA GLY A 448 54.62 28.80 27.52
C GLY A 448 53.15 28.59 27.26
N ARG A 449 52.62 29.16 26.17
CA ARG A 449 51.20 29.09 25.88
C ARG A 449 50.91 28.45 24.53
N GLY A 450 51.90 27.87 23.87
CA GLY A 450 51.74 27.41 22.51
C GLY A 450 50.92 26.15 22.40
N LEU A 451 50.61 25.79 21.16
CA LEU A 451 49.84 24.59 20.87
C LEU A 451 50.72 23.36 20.69
N PHE A 452 52.02 23.54 20.62
CA PHE A 452 52.96 22.46 20.37
C PHE A 452 53.45 21.90 21.71
N THR A 453 54.53 21.10 21.71
CA THR A 453 54.82 20.08 22.71
C THR A 453 54.87 20.52 24.17
N ASN A 454 55.85 21.32 24.55
CA ASN A 454 55.91 21.78 25.94
C ASN A 454 55.27 23.14 26.08
N GLY A 455 54.09 23.33 25.50
CA GLY A 455 53.55 24.67 25.32
C GLY A 455 54.47 25.58 24.56
N SER A 456 55.09 25.11 23.49
CA SER A 456 56.02 25.91 22.73
C SER A 456 55.35 26.49 21.49
N CYS A 457 55.95 27.55 20.96
CA CYS A 457 55.38 28.30 19.85
C CYS A 457 56.16 28.03 18.57
N ALA A 458 55.45 28.14 17.44
CA ALA A 458 56.07 28.04 16.13
C ALA A 458 56.85 29.30 15.78
N ASP A 459 57.87 29.12 14.94
CA ASP A 459 58.68 30.24 14.48
C ASP A 459 58.04 30.82 13.23
N ILE A 460 57.85 32.14 13.22
CA ILE A 460 57.21 32.79 12.07
C ILE A 460 58.19 32.98 10.92
N LYS A 461 59.49 33.01 11.19
CA LYS A 461 60.47 33.17 10.12
C LYS A 461 60.62 31.88 9.32
N LYS A 462 60.37 30.74 9.94
CA LYS A 462 60.62 29.41 9.38
C LYS A 462 59.41 28.51 9.58
N VAL A 463 58.24 29.00 9.18
CA VAL A 463 56.99 28.27 9.42
C VAL A 463 56.89 27.08 8.46
N GLU A 464 56.12 26.08 8.88
CA GLU A 464 55.88 24.86 8.13
C GLU A 464 54.38 24.65 8.01
N ALA A 465 53.97 23.85 7.02
CA ALA A 465 52.57 23.79 6.63
C ALA A 465 51.70 23.09 7.66
N TRP A 466 52.25 22.07 8.33
CA TRP A 466 51.49 21.34 9.33
C TRP A 466 51.21 22.19 10.57
N GLN A 467 52.08 23.18 10.85
CA GLN A 467 51.85 24.09 11.96
C GLN A 467 50.69 25.03 11.67
N VAL A 468 50.58 25.47 10.42
CA VAL A 468 49.44 26.27 9.98
C VAL A 468 48.17 25.44 10.02
N LEU A 469 48.25 24.15 9.73
CA LEU A 469 47.06 23.29 9.84
C LEU A 469 46.63 23.12 11.29
N LYS A 470 47.60 23.05 12.20
CA LYS A 470 47.31 22.94 13.63
C LYS A 470 46.58 24.18 14.15
N HIS A 471 47.08 25.37 13.80
CA HIS A 471 46.32 26.58 14.14
C HIS A 471 45.03 26.77 13.38
N LEU A 472 44.89 26.18 12.19
CA LEU A 472 43.61 26.28 11.51
C LEU A 472 42.55 25.42 12.16
N ARG A 473 42.94 24.31 12.78
CA ARG A 473 41.98 23.48 13.49
C ARG A 473 41.45 24.14 14.75
N HIS A 474 42.24 25.01 15.38
CA HIS A 474 41.88 25.66 16.63
C HIS A 474 41.55 27.14 16.43
N LEU A 475 40.89 27.47 15.33
CA LEU A 475 40.66 28.85 14.98
C LEU A 475 39.30 29.29 15.47
N ASN A 476 39.22 30.55 15.93
CA ASN A 476 37.94 31.17 16.28
C ASN A 476 38.17 32.68 16.14
N PHE A 477 37.66 33.27 15.07
CA PHE A 477 37.84 34.70 14.89
C PHE A 477 36.50 35.34 14.52
N THR A 478 36.50 36.66 14.35
CA THR A 478 35.29 37.38 14.00
C THR A 478 35.51 38.16 12.70
N ASN A 479 34.52 38.13 11.82
CA ASN A 479 34.70 38.65 10.47
C ASN A 479 34.30 40.12 10.38
N ASN A 480 34.17 40.63 9.16
CA ASN A 480 33.89 42.05 8.93
C ASN A 480 32.43 42.41 9.13
N MET A 481 31.54 41.44 9.34
CA MET A 481 30.15 41.75 9.69
C MET A 481 29.83 41.35 11.12
N GLY A 482 30.83 41.20 11.98
CA GLY A 482 30.63 40.90 13.38
C GLY A 482 30.01 39.55 13.69
N GLU A 483 30.47 38.49 13.03
CA GLU A 483 30.04 37.14 13.31
C GLU A 483 31.27 36.25 13.45
N GLN A 484 31.13 35.16 14.19
CA GLN A 484 32.27 34.31 14.54
C GLN A 484 32.43 33.18 13.54
N VAL A 485 33.67 32.96 13.10
CA VAL A 485 34.05 31.88 12.20
C VAL A 485 34.89 30.89 12.98
N THR A 486 34.46 29.63 12.99
CA THR A 486 35.22 28.52 13.55
C THR A 486 34.82 27.24 12.84
N PHE A 487 35.78 26.32 12.70
CA PHE A 487 35.54 25.03 12.08
C PHE A 487 35.34 23.96 13.14
N ASP A 488 34.54 22.94 12.82
CA ASP A 488 34.27 21.87 13.76
C ASP A 488 35.30 20.75 13.58
N GLU A 489 35.00 19.58 14.17
CA GLU A 489 35.94 18.46 14.13
C GLU A 489 36.10 17.84 12.75
N CYS A 490 35.10 17.99 11.88
CA CYS A 490 35.19 17.52 10.51
C CYS A 490 35.64 18.61 9.55
N GLY A 491 36.06 19.75 10.06
CA GLY A 491 36.49 20.88 9.25
C GLY A 491 35.39 21.58 8.49
N ASP A 492 34.22 21.75 9.07
CA ASP A 492 33.06 22.27 8.38
C ASP A 492 32.59 23.58 9.00
N LEU A 493 31.85 24.36 8.22
CA LEU A 493 30.99 25.41 8.74
C LEU A 493 29.53 24.98 8.62
N VAL A 494 28.67 25.79 9.22
CA VAL A 494 27.22 25.62 9.11
C VAL A 494 26.67 26.99 8.71
N GLY A 495 25.54 26.99 8.01
CA GLY A 495 24.97 28.26 7.59
C GLY A 495 23.55 28.11 7.08
N ASN A 496 22.85 29.23 7.06
CA ASN A 496 21.46 29.34 6.63
C ASN A 496 21.36 29.26 5.10
N TYR A 497 20.14 29.00 4.62
CA TYR A 497 19.85 29.02 3.19
C TYR A 497 18.75 30.03 2.89
N SER A 498 18.86 30.68 1.74
CA SER A 498 17.79 31.47 1.18
C SER A 498 17.09 30.67 0.10
N ILE A 499 15.77 30.83 -0.02
CA ILE A 499 14.98 30.07 -0.98
C ILE A 499 14.41 31.03 -1.99
N ILE A 500 14.77 30.81 -3.27
CA ILE A 500 14.49 31.72 -4.37
C ILE A 500 13.59 31.03 -5.39
N ASN A 501 12.99 31.86 -6.23
CA ASN A 501 12.08 31.43 -7.30
C ASN A 501 12.46 32.20 -8.56
N TRP A 502 12.28 31.57 -9.72
CA TRP A 502 12.69 32.17 -10.98
C TRP A 502 11.52 32.91 -11.61
N HIS A 503 11.74 34.16 -11.98
CA HIS A 503 10.72 35.04 -12.54
C HIS A 503 11.21 35.61 -13.86
N LEU A 504 10.39 36.46 -14.47
CA LEU A 504 10.72 37.09 -15.74
C LEU A 504 10.62 38.60 -15.60
N SER A 505 11.69 39.30 -15.96
CA SER A 505 11.75 40.73 -15.79
C SER A 505 10.86 41.43 -16.82
N PRO A 506 9.92 42.27 -16.41
CA PRO A 506 9.04 42.93 -17.38
C PRO A 506 9.71 44.07 -18.14
N GLU A 507 10.91 44.48 -17.75
CA GLU A 507 11.61 45.57 -18.39
C GLU A 507 12.58 45.11 -19.47
N ASP A 508 13.25 43.99 -19.27
CA ASP A 508 14.25 43.48 -20.20
C ASP A 508 13.88 42.15 -20.83
N GLY A 509 13.35 41.22 -20.05
CA GLY A 509 13.15 39.87 -20.50
C GLY A 509 14.13 38.87 -19.95
N SER A 510 14.99 39.27 -19.02
CA SER A 510 15.92 38.36 -18.38
C SER A 510 15.31 37.77 -17.12
N ILE A 511 15.99 36.78 -16.56
CA ILE A 511 15.45 35.97 -15.48
C ILE A 511 15.91 36.54 -14.15
N VAL A 512 14.95 36.78 -13.26
CA VAL A 512 15.18 37.38 -11.95
C VAL A 512 15.03 36.30 -10.90
N PHE A 513 15.98 36.24 -9.97
CA PHE A 513 15.94 35.30 -8.86
C PHE A 513 15.34 36.00 -7.65
N LYS A 514 14.09 35.70 -7.36
CA LYS A 514 13.33 36.40 -6.32
C LYS A 514 13.23 35.54 -5.07
N GLU A 515 13.65 36.10 -3.93
CA GLU A 515 13.66 35.37 -2.67
C GLU A 515 12.24 35.21 -2.13
N VAL A 516 11.87 33.97 -1.82
CA VAL A 516 10.55 33.66 -1.31
C VAL A 516 10.58 32.96 0.04
N GLY A 517 11.75 32.70 0.60
CA GLY A 517 11.76 32.10 1.93
C GLY A 517 13.16 31.87 2.45
N TYR A 518 13.23 31.14 3.56
CA TYR A 518 14.52 30.79 4.15
C TYR A 518 14.46 29.41 4.81
N TYR A 519 15.65 28.85 5.01
CA TYR A 519 15.83 27.61 5.75
C TYR A 519 16.87 27.86 6.84
N ASN A 520 16.43 27.72 8.10
CA ASN A 520 17.21 28.08 9.29
C ASN A 520 17.73 26.79 9.92
N VAL A 521 19.05 26.58 9.85
CA VAL A 521 19.62 25.35 10.37
C VAL A 521 19.89 25.37 11.87
N TYR A 522 19.70 26.51 12.53
CA TYR A 522 19.89 26.59 13.97
C TYR A 522 18.61 26.31 14.75
N ALA A 523 17.50 26.07 14.07
CA ALA A 523 16.26 25.70 14.72
C ALA A 523 16.19 24.19 14.86
N LYS A 524 15.19 23.71 15.59
CA LYS A 524 15.09 22.28 15.79
C LYS A 524 14.38 21.64 14.60
N LYS A 525 14.35 20.31 14.61
CA LYS A 525 13.80 19.55 13.49
C LYS A 525 12.30 19.80 13.38
N GLY A 526 11.85 19.98 12.14
CA GLY A 526 10.46 20.27 11.87
C GLY A 526 10.07 21.73 11.95
N GLU A 527 11.00 22.62 12.31
CA GLU A 527 10.72 24.04 12.42
C GLU A 527 11.80 24.87 11.74
N ARG A 528 12.40 24.33 10.69
CA ARG A 528 13.52 24.98 10.01
C ARG A 528 13.12 25.74 8.76
N LEU A 529 11.90 25.59 8.27
CA LEU A 529 11.51 26.06 6.96
C LEU A 529 10.51 27.19 7.08
N PHE A 530 10.75 28.30 6.38
CA PHE A 530 9.74 29.33 6.20
C PHE A 530 9.60 29.63 4.73
N ILE A 531 8.37 29.53 4.23
CA ILE A 531 8.03 29.76 2.83
C ILE A 531 6.88 30.75 2.79
N ASN A 532 7.04 31.81 2.01
CA ASN A 532 5.96 32.75 1.75
C ASN A 532 5.33 32.37 0.41
N GLU A 533 4.14 31.77 0.47
CA GLU A 533 3.55 31.16 -0.71
C GLU A 533 2.96 32.19 -1.66
N GLU A 534 2.71 33.41 -1.20
CA GLU A 534 2.11 34.44 -2.04
C GLU A 534 3.03 34.95 -3.13
N LYS A 535 4.35 34.79 -2.98
CA LYS A 535 5.30 35.37 -3.89
C LYS A 535 5.75 34.42 -5.00
N ILE A 536 5.17 33.23 -5.10
CA ILE A 536 5.60 32.23 -6.06
C ILE A 536 4.69 32.27 -7.27
N LEU A 537 5.29 32.36 -8.45
CA LEU A 537 4.62 32.09 -9.72
C LEU A 537 5.05 30.71 -10.17
N TRP A 538 4.09 29.85 -10.50
CA TRP A 538 4.34 28.43 -10.39
C TRP A 538 4.99 27.81 -11.62
N SER A 539 4.60 28.21 -12.82
CA SER A 539 5.45 27.99 -14.00
C SER A 539 5.94 29.32 -14.54
N GLY A 540 6.10 30.31 -13.67
CA GLY A 540 6.41 31.66 -14.04
C GLY A 540 5.20 32.53 -14.28
N PHE A 541 3.99 31.95 -14.30
CA PHE A 541 2.80 32.73 -14.62
C PHE A 541 1.56 32.37 -13.83
N SER A 542 1.62 31.42 -12.91
CA SER A 542 0.41 30.84 -12.34
C SER A 542 0.39 31.03 -10.85
N ARG A 543 -0.82 31.14 -10.29
CA ARG A 543 -1.02 31.43 -8.89
C ARG A 543 -1.67 30.29 -8.12
N GLU A 544 -1.73 29.10 -8.70
CA GLU A 544 -2.32 27.95 -8.03
C GLU A 544 -1.29 26.83 -7.92
N VAL A 545 -1.29 26.16 -6.78
CA VAL A 545 -0.32 25.10 -6.49
C VAL A 545 -0.62 23.89 -7.35
N PRO A 546 0.36 23.30 -8.02
CA PRO A 546 0.10 22.14 -8.87
C PRO A 546 -0.28 20.90 -8.07
N PHE A 547 -0.80 19.92 -8.78
CA PHE A 547 -1.15 18.61 -8.25
C PHE A 547 -0.09 17.62 -8.70
N SER A 548 0.54 16.95 -7.76
CA SER A 548 1.59 15.99 -8.08
C SER A 548 1.47 14.74 -7.23
N ASN A 549 0.28 14.17 -7.14
CA ASN A 549 0.05 12.91 -6.46
C ASN A 549 -0.20 11.83 -7.50
N CYS A 550 0.07 10.57 -7.12
CA CYS A 550 -0.07 9.45 -8.05
C CYS A 550 -1.52 9.19 -8.38
N SER A 551 -2.43 9.36 -7.43
CA SER A 551 -3.84 9.13 -7.67
C SER A 551 -4.66 10.06 -6.79
N ARG A 552 -5.92 10.23 -7.16
CA ARG A 552 -6.81 11.14 -6.45
C ARG A 552 -7.20 10.59 -5.11
N ASP A 553 -7.61 11.49 -4.22
CA ASP A 553 -8.01 11.11 -2.88
C ASP A 553 -9.34 10.37 -2.89
N CYS A 554 -9.49 9.44 -1.95
CA CYS A 554 -10.74 8.72 -1.77
C CYS A 554 -11.67 9.50 -0.86
N LEU A 555 -12.98 9.36 -1.09
CA LEU A 555 -13.97 10.19 -0.43
C LEU A 555 -14.48 9.52 0.85
N ALA A 556 -15.59 10.03 1.38
CA ALA A 556 -16.09 9.60 2.68
C ALA A 556 -16.77 8.24 2.67
N GLY A 557 -17.29 7.79 1.54
CA GLY A 557 -17.93 6.48 1.49
C GLY A 557 -17.07 5.37 0.93
N THR A 558 -15.76 5.58 0.81
CA THR A 558 -14.85 4.67 0.12
C THR A 558 -13.64 4.36 0.99
N ARG A 559 -12.93 3.32 0.61
CA ARG A 559 -11.65 2.92 1.19
C ARG A 559 -10.66 2.70 0.06
N LYS A 560 -9.39 2.56 0.41
CA LYS A 560 -8.36 2.34 -0.59
C LYS A 560 -8.31 0.89 -1.05
N GLY A 561 -7.81 0.69 -2.26
CA GLY A 561 -7.62 -0.63 -2.83
C GLY A 561 -6.29 -0.76 -3.54
N ILE A 562 -5.66 -1.92 -3.43
CA ILE A 562 -4.30 -2.14 -3.93
C ILE A 562 -4.33 -2.29 -5.44
N ILE A 563 -3.41 -1.60 -6.11
CA ILE A 563 -3.04 -1.89 -7.49
C ILE A 563 -1.80 -2.76 -7.45
N GLU A 564 -1.86 -3.94 -8.06
CA GLU A 564 -0.80 -4.92 -7.96
C GLU A 564 0.40 -4.51 -8.81
N GLY A 565 1.56 -4.40 -8.19
CA GLY A 565 2.80 -4.11 -8.87
C GLY A 565 3.24 -2.67 -8.82
N GLU A 566 2.39 -1.77 -8.34
CA GLU A 566 2.62 -0.34 -8.22
C GLU A 566 2.81 0.02 -6.75
N PRO A 567 3.55 1.11 -6.43
CA PRO A 567 3.81 1.45 -5.02
C PRO A 567 2.60 1.88 -4.21
N THR A 568 2.82 2.17 -2.94
CA THR A 568 1.72 2.42 -2.00
C THR A 568 1.02 3.75 -2.24
N CYS A 569 1.62 4.66 -3.01
CA CYS A 569 0.99 5.94 -3.29
C CYS A 569 -0.02 5.88 -4.42
N CYS A 570 -0.14 4.73 -5.10
CA CYS A 570 -1.05 4.57 -6.23
C CYS A 570 -2.10 3.53 -5.85
N PHE A 571 -3.36 3.95 -5.74
CA PHE A 571 -4.41 3.12 -5.18
C PHE A 571 -5.69 3.32 -5.97
N GLU A 572 -6.74 2.63 -5.53
CA GLU A 572 -8.09 2.76 -6.06
C GLU A 572 -9.04 3.09 -4.91
N CYS A 573 -10.25 3.50 -5.25
CA CYS A 573 -11.30 3.73 -4.25
C CYS A 573 -12.40 2.70 -4.45
N VAL A 574 -12.71 1.95 -3.40
CA VAL A 574 -13.75 0.93 -3.39
C VAL A 574 -14.75 1.31 -2.31
N GLU A 575 -16.04 1.28 -2.63
CA GLU A 575 -17.04 1.71 -1.66
C GLU A 575 -17.22 0.67 -0.55
N CYS A 576 -17.57 1.17 0.63
CA CYS A 576 -17.81 0.28 1.76
C CYS A 576 -19.16 -0.43 1.56
N PRO A 577 -19.27 -1.71 1.93
CA PRO A 577 -20.53 -2.43 1.73
C PRO A 577 -21.60 -2.03 2.73
N ASP A 578 -22.74 -2.72 2.67
CA ASP A 578 -23.85 -2.42 3.58
C ASP A 578 -23.50 -2.83 5.00
N GLY A 579 -23.67 -1.92 5.94
CA GLY A 579 -23.37 -2.16 7.32
C GLY A 579 -22.08 -1.55 7.82
N GLU A 580 -21.25 -1.02 6.92
CA GLU A 580 -20.00 -0.37 7.31
C GLU A 580 -20.05 1.09 6.90
N TYR A 581 -19.00 1.83 7.25
CA TYR A 581 -18.95 3.24 6.90
C TYR A 581 -17.48 3.65 6.82
N SER A 582 -17.26 4.90 6.45
CA SER A 582 -16.01 5.57 6.68
C SER A 582 -16.31 7.06 6.86
N ASP A 583 -15.39 7.77 7.48
CA ASP A 583 -15.64 9.17 7.79
C ASP A 583 -14.49 10.07 7.36
N GLU A 584 -13.26 9.58 7.42
CA GLU A 584 -12.11 10.38 7.04
C GLU A 584 -11.90 10.31 5.54
N THR A 585 -10.84 10.95 5.06
CA THR A 585 -10.57 10.99 3.62
C THR A 585 -9.87 9.72 3.14
N ASP A 586 -8.64 9.50 3.58
CA ASP A 586 -7.89 8.30 3.20
C ASP A 586 -8.12 7.25 4.27
N ALA A 587 -8.99 6.29 3.98
CA ALA A 587 -9.50 5.41 5.02
C ALA A 587 -8.63 4.17 5.20
N SER A 588 -8.46 3.40 4.12
CA SER A 588 -7.75 2.12 4.00
C SER A 588 -8.41 0.97 4.77
N ALA A 589 -9.51 1.20 5.47
CA ALA A 589 -10.27 0.15 6.15
C ALA A 589 -11.65 0.69 6.48
N CYS A 590 -12.69 -0.04 6.08
CA CYS A 590 -14.03 0.29 6.54
C CYS A 590 -14.20 -0.14 8.00
N ASN A 591 -15.14 0.51 8.68
CA ASN A 591 -15.39 0.26 10.10
C ASN A 591 -16.77 -0.34 10.27
N LYS A 592 -16.88 -1.36 11.11
CA LYS A 592 -18.16 -1.91 11.51
C LYS A 592 -18.56 -1.24 12.83
N CYS A 593 -19.58 -0.38 12.79
CA CYS A 593 -19.98 0.24 14.05
C CYS A 593 -20.80 -0.74 14.88
N PRO A 594 -20.79 -0.59 16.25
CA PRO A 594 -21.32 -1.66 17.10
C PRO A 594 -22.82 -1.93 17.01
N ASP A 595 -23.27 -2.83 17.88
CA ASP A 595 -24.54 -3.52 17.72
C ASP A 595 -25.72 -2.56 17.78
N ASP A 596 -26.80 -2.99 17.12
CA ASP A 596 -28.08 -2.27 17.00
C ASP A 596 -27.92 -0.92 16.27
N PHE A 597 -26.91 -0.81 15.42
CA PHE A 597 -26.71 0.34 14.55
C PHE A 597 -26.58 -0.12 13.10
N TRP A 598 -27.07 0.68 12.17
CA TRP A 598 -26.97 0.41 10.74
C TRP A 598 -26.53 1.66 10.01
N SER A 599 -25.81 1.46 8.91
CA SER A 599 -25.22 2.55 8.16
C SER A 599 -26.29 3.36 7.43
N ASN A 600 -25.91 4.56 7.03
CA ASN A 600 -26.80 5.41 6.27
C ASN A 600 -26.85 4.95 4.80
N GLU A 601 -27.55 5.71 3.98
CA GLU A 601 -27.48 5.52 2.54
C GLU A 601 -26.28 6.22 1.93
N ASN A 602 -25.47 6.88 2.75
CA ASN A 602 -24.35 7.68 2.31
C ASN A 602 -23.01 7.04 2.66
N HIS A 603 -23.04 6.05 3.57
CA HIS A 603 -21.85 5.37 4.12
C HIS A 603 -20.87 6.37 4.74
N THR A 604 -21.42 7.38 5.41
CA THR A 604 -20.64 8.37 6.13
C THR A 604 -20.71 8.17 7.64
N SER A 605 -21.90 8.08 8.19
CA SER A 605 -22.10 7.73 9.58
C SER A 605 -23.22 6.72 9.66
N CYS A 606 -23.26 5.97 10.75
CA CYS A 606 -24.33 5.01 10.94
C CYS A 606 -25.33 5.52 11.98
N ILE A 607 -26.59 5.21 11.72
CA ILE A 607 -27.68 5.64 12.57
C ILE A 607 -28.18 4.44 13.36
N ALA A 608 -29.07 4.70 14.31
CA ALA A 608 -29.56 3.65 15.18
C ALA A 608 -30.77 2.97 14.55
N LYS A 609 -30.79 1.64 14.64
CA LYS A 609 -31.97 0.89 14.23
C LYS A 609 -33.12 1.21 15.17
N GLU A 610 -34.27 1.52 14.61
CA GLU A 610 -35.42 1.80 15.45
C GLU A 610 -36.09 0.49 15.87
N ILE A 611 -36.65 0.50 17.06
CA ILE A 611 -37.34 -0.64 17.62
C ILE A 611 -38.83 -0.51 17.36
N GLU A 612 -39.48 -1.64 17.08
CA GLU A 612 -40.85 -1.66 16.60
C GLU A 612 -41.71 -2.47 17.56
N PHE A 613 -42.70 -1.83 18.16
CA PHE A 613 -43.63 -2.47 19.08
C PHE A 613 -44.87 -1.62 19.17
N LEU A 614 -45.94 -2.21 19.69
CA LEU A 614 -47.20 -1.49 19.92
C LEU A 614 -47.02 -0.62 21.15
N SER A 615 -47.00 0.69 20.97
CA SER A 615 -46.63 1.62 22.02
C SER A 615 -47.88 2.19 22.70
N TRP A 616 -47.64 2.89 23.81
CA TRP A 616 -48.71 3.56 24.54
C TRP A 616 -49.03 4.93 23.98
N THR A 617 -48.01 5.73 23.67
CA THR A 617 -48.23 7.07 23.13
C THR A 617 -48.46 7.07 21.62
N GLU A 618 -48.28 5.93 20.97
CA GLU A 618 -48.77 5.76 19.61
C GLU A 618 -50.30 5.86 19.62
N PRO A 619 -50.91 6.56 18.66
CA PRO A 619 -52.37 6.79 18.71
C PRO A 619 -53.22 5.54 18.55
N PHE A 620 -52.71 4.48 17.91
CA PHE A 620 -53.44 3.23 17.84
C PHE A 620 -53.57 2.59 19.22
N GLY A 621 -52.50 2.62 20.00
CA GLY A 621 -52.56 2.17 21.38
C GLY A 621 -53.47 3.03 22.24
N ILE A 622 -53.53 4.33 21.96
CA ILE A 622 -54.45 5.22 22.65
C ILE A 622 -55.90 4.83 22.36
N ALA A 623 -56.21 4.54 21.10
CA ALA A 623 -57.56 4.12 20.73
C ALA A 623 -57.94 2.79 21.40
N LEU A 624 -57.02 1.83 21.41
CA LEU A 624 -57.30 0.55 22.05
C LEU A 624 -57.47 0.70 23.56
N THR A 625 -56.68 1.58 24.18
CA THR A 625 -56.83 1.83 25.62
C THR A 625 -58.17 2.49 25.93
N LEU A 626 -58.65 3.37 25.04
CA LEU A 626 -59.98 3.95 25.26
C LEU A 626 -61.10 2.94 25.06
N PHE A 627 -60.97 1.97 24.14
CA PHE A 627 -61.96 0.89 24.11
C PHE A 627 -61.93 0.04 25.37
N ALA A 628 -60.74 -0.21 25.93
CA ALA A 628 -60.65 -0.96 27.18
C ALA A 628 -61.30 -0.21 28.34
N VAL A 629 -61.06 1.10 28.42
CA VAL A 629 -61.64 1.93 29.47
C VAL A 629 -63.16 2.00 29.33
N LEU A 630 -63.64 2.10 28.09
CA LEU A 630 -65.09 2.08 27.83
C LEU A 630 -65.71 0.75 28.25
N GLY A 631 -65.01 -0.37 28.00
CA GLY A 631 -65.51 -1.66 28.43
C GLY A 631 -65.63 -1.78 29.93
N ILE A 632 -64.60 -1.33 30.66
CA ILE A 632 -64.64 -1.43 32.11
C ILE A 632 -65.68 -0.48 32.70
N PHE A 633 -65.80 0.74 32.17
CA PHE A 633 -66.82 1.66 32.67
C PHE A 633 -68.20 1.39 32.10
N LEU A 634 -68.36 0.39 31.25
CA LEU A 634 -69.68 -0.13 30.91
C LEU A 634 -70.11 -1.24 31.85
N THR A 635 -69.21 -2.20 32.10
CA THR A 635 -69.57 -3.28 33.00
C THR A 635 -69.66 -2.82 34.45
N ALA A 636 -68.97 -1.75 34.84
CA ALA A 636 -69.13 -1.22 36.19
C ALA A 636 -70.50 -0.59 36.38
N PHE A 637 -71.01 0.08 35.34
CA PHE A 637 -72.36 0.63 35.38
C PHE A 637 -73.41 -0.47 35.48
N VAL A 638 -73.20 -1.56 34.72
CA VAL A 638 -74.09 -2.72 34.79
C VAL A 638 -74.08 -3.31 36.20
N LEU A 639 -72.89 -3.38 36.83
CA LEU A 639 -72.80 -3.90 38.18
C LEU A 639 -73.47 -3.00 39.20
N GLY A 640 -73.35 -1.68 39.04
CA GLY A 640 -74.00 -0.76 39.96
C GLY A 640 -75.51 -0.84 39.91
N VAL A 641 -76.07 -0.86 38.70
CA VAL A 641 -77.53 -0.96 38.61
C VAL A 641 -78.02 -2.37 38.91
N PHE A 642 -77.15 -3.38 38.90
CA PHE A 642 -77.57 -4.67 39.45
C PHE A 642 -77.57 -4.66 40.97
N ILE A 643 -76.62 -3.99 41.61
CA ILE A 643 -76.57 -4.03 43.07
C ILE A 643 -77.69 -3.17 43.66
N LYS A 644 -78.16 -2.14 42.94
CA LYS A 644 -79.28 -1.38 43.50
C LYS A 644 -80.59 -2.16 43.48
N PHE A 645 -80.75 -3.11 42.55
CA PHE A 645 -82.03 -3.79 42.33
C PHE A 645 -81.96 -5.28 42.63
N ARG A 646 -81.40 -5.65 43.81
CA ARG A 646 -81.20 -7.06 44.13
C ARG A 646 -82.51 -7.80 44.32
N ASN A 647 -83.33 -7.37 45.27
CA ASN A 647 -84.56 -8.09 45.60
C ASN A 647 -85.71 -7.80 44.65
N THR A 648 -85.49 -7.09 43.54
CA THR A 648 -86.52 -6.93 42.53
C THR A 648 -86.71 -8.24 41.75
N PRO A 649 -87.93 -8.49 41.25
CA PRO A 649 -88.27 -9.84 40.73
C PRO A 649 -87.42 -10.41 39.61
N ILE A 650 -86.98 -9.62 38.63
CA ILE A 650 -86.33 -10.25 37.47
C ILE A 650 -84.83 -10.33 37.66
N VAL A 651 -84.35 -10.05 38.87
CA VAL A 651 -82.95 -10.25 39.19
C VAL A 651 -82.74 -11.48 40.07
N LYS A 652 -83.68 -11.80 40.96
CA LYS A 652 -83.63 -12.97 41.83
C LYS A 652 -83.84 -14.28 41.08
N ALA A 653 -84.22 -14.24 39.81
CA ALA A 653 -84.59 -15.43 39.05
C ALA A 653 -83.45 -15.97 38.22
N THR A 654 -82.22 -15.51 38.45
CA THR A 654 -81.07 -15.99 37.69
C THR A 654 -79.90 -16.35 38.58
N ASN A 655 -80.18 -16.70 39.84
CA ASN A 655 -79.19 -17.09 40.85
C ASN A 655 -78.17 -15.97 41.07
N ARG A 656 -78.64 -14.91 41.76
CA ARG A 656 -78.03 -13.57 41.76
C ARG A 656 -76.54 -13.56 42.10
N GLU A 657 -76.04 -14.57 42.82
CA GLU A 657 -74.62 -14.61 43.14
C GLU A 657 -73.77 -15.06 41.97
N LEU A 658 -74.36 -15.76 41.00
CA LEU A 658 -73.60 -16.12 39.81
C LEU A 658 -73.44 -14.93 38.88
N SER A 659 -74.37 -13.97 38.94
CA SER A 659 -74.25 -12.77 38.12
C SER A 659 -73.08 -11.91 38.58
N TYR A 660 -72.89 -11.78 39.90
CA TYR A 660 -71.79 -10.98 40.43
C TYR A 660 -70.44 -11.57 40.05
N LEU A 661 -70.31 -12.90 40.19
CA LEU A 661 -69.07 -13.57 39.81
C LEU A 661 -68.86 -13.54 38.30
N LEU A 662 -69.94 -13.60 37.52
CA LEU A 662 -69.83 -13.49 36.07
C LEU A 662 -69.32 -12.11 35.65
N LEU A 663 -69.81 -11.05 36.32
CA LEU A 663 -69.30 -9.71 36.01
C LEU A 663 -67.88 -9.50 36.50
N PHE A 664 -67.50 -10.11 37.63
CA PHE A 664 -66.11 -10.05 38.07
C PHE A 664 -65.18 -10.72 37.07
N SER A 665 -65.58 -11.88 36.56
CA SER A 665 -64.78 -12.58 35.56
C SER A 665 -64.74 -11.82 34.25
N LEU A 666 -65.83 -11.16 33.88
CA LEU A 666 -65.86 -10.42 32.63
C LEU A 666 -65.06 -9.11 32.73
N LEU A 667 -65.02 -8.51 33.92
CA LEU A 667 -64.17 -7.35 34.15
C LEU A 667 -62.70 -7.76 34.10
N CYS A 668 -62.37 -8.96 34.62
CA CYS A 668 -61.02 -9.48 34.44
C CYS A 668 -60.70 -9.77 32.97
N CYS A 669 -61.71 -10.19 32.20
CA CYS A 669 -61.52 -10.43 30.77
C CYS A 669 -61.24 -9.14 30.03
N PHE A 670 -61.93 -8.05 30.38
CA PHE A 670 -61.58 -6.74 29.83
C PHE A 670 -60.19 -6.28 30.27
N SER A 671 -59.86 -6.46 31.55
CA SER A 671 -58.59 -5.95 32.06
C SER A 671 -57.39 -6.77 31.62
N SER A 672 -57.60 -7.99 31.10
CA SER A 672 -56.50 -8.76 30.56
C SER A 672 -56.05 -8.28 29.18
N SER A 673 -56.78 -7.36 28.56
CA SER A 673 -56.38 -6.82 27.27
C SER A 673 -55.22 -5.84 27.37
N LEU A 674 -54.99 -5.25 28.54
CA LEU A 674 -53.94 -4.26 28.70
C LEU A 674 -52.56 -4.87 28.87
N PHE A 675 -52.46 -6.19 29.00
CA PHE A 675 -51.17 -6.85 29.10
C PHE A 675 -50.46 -6.98 27.75
N PHE A 676 -51.14 -6.67 26.65
CA PHE A 676 -50.56 -6.84 25.32
C PHE A 676 -50.11 -5.53 24.70
N ILE A 677 -50.03 -4.46 25.48
CA ILE A 677 -49.67 -3.13 24.99
C ILE A 677 -48.40 -2.68 25.69
N GLY A 678 -47.41 -2.27 24.93
CA GLY A 678 -46.15 -1.77 25.46
C GLY A 678 -44.99 -2.62 25.00
N GLU A 679 -43.82 -2.28 25.51
CA GLU A 679 -42.62 -3.07 25.23
C GLU A 679 -42.70 -4.39 25.99
N PRO A 680 -42.61 -5.54 25.31
CA PRO A 680 -42.70 -6.81 26.01
C PRO A 680 -41.47 -7.07 26.86
N GLN A 681 -41.69 -7.45 28.11
CA GLN A 681 -40.65 -7.75 29.07
C GLN A 681 -40.82 -9.20 29.55
N ASP A 682 -39.97 -9.59 30.50
CA ASP A 682 -40.02 -10.96 31.00
C ASP A 682 -41.24 -11.20 31.88
N TRP A 683 -41.54 -10.27 32.78
CA TRP A 683 -42.65 -10.44 33.70
C TRP A 683 -44.01 -10.26 33.04
N THR A 684 -44.06 -9.55 31.91
CA THR A 684 -45.35 -9.31 31.24
C THR A 684 -45.71 -10.46 30.32
N CYS A 685 -44.74 -10.93 29.53
CA CYS A 685 -45.01 -11.98 28.56
C CYS A 685 -45.28 -13.33 29.22
N ARG A 686 -44.75 -13.55 30.43
CA ARG A 686 -45.08 -14.77 31.15
C ARG A 686 -46.51 -14.77 31.67
N LEU A 687 -47.12 -13.59 31.85
CA LEU A 687 -48.49 -13.49 32.35
C LEU A 687 -49.45 -12.92 31.31
N ARG A 688 -49.04 -12.88 30.04
CA ARG A 688 -49.93 -12.44 28.97
C ARG A 688 -51.14 -13.35 28.79
N GLN A 689 -50.88 -14.58 28.38
CA GLN A 689 -51.92 -15.55 27.99
C GLN A 689 -52.60 -16.33 29.12
N PRO A 690 -51.91 -16.78 30.21
CA PRO A 690 -52.66 -17.43 31.30
C PRO A 690 -53.70 -16.56 31.98
N ALA A 691 -53.51 -15.23 32.02
CA ALA A 691 -54.49 -14.35 32.63
C ALA A 691 -55.81 -14.38 31.85
N PHE A 692 -55.73 -14.27 30.53
CA PHE A 692 -56.92 -14.37 29.70
C PHE A 692 -57.52 -15.77 29.75
N GLY A 693 -56.67 -16.80 29.81
CA GLY A 693 -57.18 -18.17 29.88
C GLY A 693 -58.00 -18.43 31.13
N ILE A 694 -57.48 -18.03 32.29
CA ILE A 694 -58.19 -18.27 33.55
C ILE A 694 -59.44 -17.38 33.66
N SER A 695 -59.34 -16.12 33.25
CA SER A 695 -60.50 -15.22 33.31
C SER A 695 -61.61 -15.70 32.38
N PHE A 696 -61.26 -16.15 31.18
CA PHE A 696 -62.29 -16.58 30.26
C PHE A 696 -62.87 -17.94 30.62
N VAL A 697 -62.09 -18.85 31.22
CA VAL A 697 -62.69 -20.12 31.59
C VAL A 697 -63.62 -19.91 32.79
N LEU A 698 -63.32 -18.92 33.64
CA LEU A 698 -64.26 -18.56 34.68
C LEU A 698 -65.55 -17.99 34.10
N CYS A 699 -65.44 -17.17 33.04
CA CYS A 699 -66.62 -16.66 32.34
C CYS A 699 -67.48 -17.78 31.75
N ILE A 700 -66.85 -18.71 31.03
CA ILE A 700 -67.59 -19.80 30.38
C ILE A 700 -68.21 -20.74 31.40
N SER A 701 -67.51 -21.00 32.51
CA SER A 701 -68.07 -21.86 33.53
C SER A 701 -69.28 -21.20 34.22
N CYS A 702 -69.20 -19.88 34.46
CA CYS A 702 -70.33 -19.20 35.06
C CYS A 702 -71.52 -19.11 34.11
N ILE A 703 -71.28 -18.99 32.80
CA ILE A 703 -72.39 -19.02 31.85
C ILE A 703 -72.99 -20.43 31.76
N LEU A 704 -72.14 -21.45 31.80
CA LEU A 704 -72.58 -22.83 31.64
C LEU A 704 -73.40 -23.32 32.84
N VAL A 705 -73.03 -22.89 34.06
CA VAL A 705 -73.59 -23.58 35.22
C VAL A 705 -74.97 -23.03 35.61
N LYS A 706 -75.33 -21.83 35.18
CA LYS A 706 -76.54 -21.21 35.74
C LYS A 706 -77.83 -21.75 35.13
N THR A 707 -77.74 -22.52 34.05
CA THR A 707 -78.87 -23.33 33.62
C THR A 707 -79.17 -24.38 34.69
N ASN A 708 -80.45 -24.69 34.87
CA ASN A 708 -80.87 -25.46 36.04
C ASN A 708 -80.37 -26.90 35.96
N ARG A 709 -79.87 -27.39 37.09
CA ARG A 709 -79.38 -28.75 37.23
C ARG A 709 -79.97 -29.33 38.49
N VAL A 710 -80.61 -30.50 38.38
CA VAL A 710 -81.25 -31.11 39.54
C VAL A 710 -80.20 -31.68 40.48
N LEU A 711 -79.47 -32.71 40.03
CA LEU A 711 -78.35 -33.26 40.76
C LEU A 711 -77.16 -33.36 39.81
N LEU A 712 -75.96 -33.15 40.36
CA LEU A 712 -74.67 -33.19 39.67
C LEU A 712 -74.59 -32.31 38.43
N ASN A 730 -73.49 -23.38 49.49
CA ASN A 730 -74.00 -23.85 48.20
C ASN A 730 -73.19 -25.03 47.68
N LEU A 731 -73.86 -25.92 46.96
CA LEU A 731 -73.25 -27.10 46.35
C LEU A 731 -73.19 -27.01 44.84
N GLN A 732 -73.25 -25.80 44.29
CA GLN A 732 -73.14 -25.60 42.85
C GLN A 732 -71.79 -25.02 42.44
N PHE A 733 -71.23 -24.14 43.28
CA PHE A 733 -69.94 -23.49 43.01
C PHE A 733 -68.79 -24.48 42.89
N LEU A 734 -68.94 -25.68 43.44
CA LEU A 734 -67.93 -26.71 43.22
C LEU A 734 -67.61 -26.83 41.75
N LEU A 735 -68.63 -26.89 40.90
CA LEU A 735 -68.37 -27.05 39.47
C LEU A 735 -67.49 -25.91 38.97
N VAL A 736 -67.84 -24.67 39.35
CA VAL A 736 -67.15 -23.48 38.90
C VAL A 736 -65.71 -23.49 39.42
N PHE A 737 -65.49 -24.17 40.54
CA PHE A 737 -64.13 -24.42 40.97
C PHE A 737 -63.45 -25.37 40.00
N LEU A 738 -63.99 -26.57 39.85
CA LEU A 738 -63.26 -27.62 39.14
C LEU A 738 -62.89 -27.17 37.74
N CYS A 739 -63.86 -26.58 37.03
CA CYS A 739 -63.69 -26.25 35.62
C CYS A 739 -62.66 -25.14 35.38
N THR A 740 -62.28 -24.38 36.42
CA THR A 740 -61.13 -23.50 36.31
C THR A 740 -59.87 -24.13 36.87
N PHE A 741 -60.00 -24.92 37.93
CA PHE A 741 -58.83 -25.52 38.56
C PHE A 741 -58.08 -26.37 37.55
N MET A 742 -58.83 -27.11 36.73
CA MET A 742 -58.27 -28.00 35.72
C MET A 742 -57.51 -27.27 34.62
N GLN A 743 -57.65 -25.95 34.50
CA GLN A 743 -56.77 -25.19 33.65
C GLN A 743 -55.68 -24.47 34.43
N ILE A 744 -55.97 -24.09 35.68
CA ILE A 744 -54.96 -23.44 36.49
C ILE A 744 -53.75 -24.36 36.59
N VAL A 745 -53.99 -25.65 36.86
CA VAL A 745 -52.87 -26.57 36.94
C VAL A 745 -52.07 -26.56 35.64
N ILE A 746 -52.74 -26.53 34.49
CA ILE A 746 -52.01 -26.49 33.24
C ILE A 746 -51.08 -25.29 33.23
N CYS A 747 -51.64 -24.12 33.55
CA CYS A 747 -50.80 -22.92 33.56
C CYS A 747 -49.58 -23.16 34.43
N VAL A 748 -49.79 -23.74 35.61
CA VAL A 748 -48.66 -23.94 36.52
C VAL A 748 -47.59 -24.74 35.81
N ILE A 749 -47.97 -25.90 35.25
CA ILE A 749 -46.95 -26.74 34.64
C ILE A 749 -46.23 -25.96 33.55
N TRP A 750 -46.96 -25.11 32.82
CA TRP A 750 -46.37 -24.45 31.66
C TRP A 750 -45.36 -23.41 32.14
N LEU A 751 -45.63 -22.77 33.26
CA LEU A 751 -44.62 -21.86 33.79
C LEU A 751 -43.54 -22.58 34.58
N TYR A 752 -43.66 -23.88 34.81
CA TYR A 752 -42.60 -24.59 35.54
C TYR A 752 -41.93 -25.69 34.75
N THR A 753 -42.11 -25.74 33.42
CA THR A 753 -41.22 -26.59 32.63
C THR A 753 -40.64 -25.83 31.44
N ALA A 754 -41.33 -24.80 30.95
CA ALA A 754 -40.90 -24.03 29.79
C ALA A 754 -41.61 -22.68 29.75
N PRO A 755 -41.16 -21.69 30.51
CA PRO A 755 -41.84 -20.40 30.49
C PRO A 755 -41.50 -19.63 29.22
N PRO A 756 -42.38 -18.76 28.75
CA PRO A 756 -42.06 -17.88 27.63
C PRO A 756 -41.14 -16.74 28.05
N SER A 757 -40.64 -16.01 27.06
CA SER A 757 -39.71 -14.92 27.34
C SER A 757 -39.78 -13.89 26.23
N SER A 758 -39.16 -12.74 26.48
CA SER A 758 -39.00 -11.71 25.47
C SER A 758 -37.90 -12.08 24.48
N TYR A 759 -37.99 -11.51 23.29
CA TYR A 759 -37.07 -11.91 22.22
C TYR A 759 -36.95 -10.79 21.21
N ARG A 760 -35.72 -10.39 20.92
CA ARG A 760 -35.42 -9.40 19.90
C ARG A 760 -35.00 -10.12 18.62
N ASN A 761 -35.77 -9.93 17.56
CA ASN A 761 -35.63 -10.72 16.34
C ASN A 761 -35.10 -9.79 15.25
N GLN A 762 -33.79 -9.87 15.01
CA GLN A 762 -33.10 -8.94 14.13
C GLN A 762 -33.02 -9.42 12.69
N GLU A 763 -33.47 -10.63 12.38
CA GLU A 763 -33.15 -11.25 11.10
C GLU A 763 -34.18 -10.99 10.01
N LEU A 764 -35.36 -10.44 10.34
CA LEU A 764 -36.33 -10.12 9.30
C LEU A 764 -35.93 -8.89 8.50
N GLU A 765 -35.50 -7.84 9.19
CA GLU A 765 -35.18 -6.59 8.53
C GLU A 765 -33.93 -6.01 9.16
N ASP A 766 -33.04 -5.48 8.32
CA ASP A 766 -31.74 -5.01 8.82
C ASP A 766 -31.87 -3.72 9.61
N GLU A 767 -32.75 -2.81 9.18
CA GLU A 767 -32.85 -1.50 9.80
C GLU A 767 -33.95 -1.41 10.86
N ILE A 768 -34.64 -2.51 11.16
CA ILE A 768 -35.75 -2.53 12.12
C ILE A 768 -35.48 -3.63 13.13
N ILE A 769 -35.68 -3.32 14.41
CA ILE A 769 -35.55 -4.31 15.48
C ILE A 769 -36.95 -4.64 16.00
N PHE A 770 -37.38 -5.87 15.82
CA PHE A 770 -38.69 -6.30 16.30
C PHE A 770 -38.55 -6.94 17.67
N ILE A 771 -39.42 -6.53 18.59
CA ILE A 771 -39.46 -7.08 19.94
C ILE A 771 -40.76 -7.86 20.09
N THR A 772 -40.66 -9.14 20.43
CA THR A 772 -41.86 -9.98 20.54
C THR A 772 -41.59 -11.04 21.60
N CYS A 773 -42.43 -12.08 21.61
CA CYS A 773 -42.31 -13.17 22.57
C CYS A 773 -41.95 -14.48 21.91
N HIS A 774 -41.06 -15.22 22.57
CA HIS A 774 -40.82 -16.63 22.29
C HIS A 774 -41.62 -17.40 23.33
N GLU A 775 -42.60 -18.19 22.87
CA GLU A 775 -43.63 -18.74 23.74
C GLU A 775 -43.27 -20.10 24.32
N GLY A 776 -42.00 -20.44 24.39
CA GLY A 776 -41.58 -21.67 25.06
C GLY A 776 -42.02 -22.91 24.30
N SER A 777 -42.67 -23.83 25.00
CA SER A 777 -43.24 -25.00 24.36
C SER A 777 -44.58 -24.63 23.72
N LEU A 778 -44.74 -24.97 22.44
CA LEU A 778 -46.02 -24.72 21.79
C LEU A 778 -47.07 -25.71 22.25
N MET A 779 -46.67 -26.97 22.46
CA MET A 779 -47.63 -28.00 22.85
C MET A 779 -48.47 -27.57 24.05
N ALA A 780 -47.82 -27.03 25.08
CA ALA A 780 -48.57 -26.58 26.25
C ALA A 780 -49.66 -25.61 25.83
N LEU A 781 -49.29 -24.57 25.08
CA LEU A 781 -50.30 -23.62 24.62
C LEU A 781 -51.41 -24.34 23.88
N GLY A 782 -51.04 -25.29 23.03
CA GLY A 782 -52.05 -26.06 22.34
C GLY A 782 -53.04 -26.49 23.38
N PHE A 783 -52.58 -27.36 24.29
CA PHE A 783 -53.47 -27.86 25.33
C PHE A 783 -54.37 -26.74 25.83
N LEU A 784 -53.76 -25.65 26.26
CA LEU A 784 -54.51 -24.58 26.90
C LEU A 784 -55.71 -24.22 26.04
N ILE A 785 -55.41 -23.72 24.84
CA ILE A 785 -56.44 -23.28 23.92
C ILE A 785 -57.46 -24.39 23.74
N GLY A 786 -56.98 -25.61 23.49
CA GLY A 786 -57.90 -26.67 23.16
C GLY A 786 -58.92 -26.87 24.25
N TYR A 787 -58.45 -26.92 25.50
CA TYR A 787 -59.36 -27.09 26.61
C TYR A 787 -60.40 -25.99 26.60
N THR A 788 -59.94 -24.74 26.49
CA THR A 788 -60.90 -23.66 26.49
C THR A 788 -61.98 -23.94 25.45
N CYS A 789 -61.54 -24.26 24.23
CA CYS A 789 -62.50 -24.43 23.15
C CYS A 789 -63.47 -25.54 23.47
N LEU A 790 -62.97 -26.65 24.00
CA LEU A 790 -63.84 -27.78 24.31
C LEU A 790 -64.95 -27.33 25.24
N LEU A 791 -64.56 -26.60 26.29
CA LEU A 791 -65.54 -26.26 27.32
C LEU A 791 -66.48 -25.18 26.80
N ALA A 792 -66.06 -24.47 25.75
CA ALA A 792 -67.01 -23.64 25.04
C ALA A 792 -68.02 -24.48 24.28
N ALA A 793 -67.52 -25.46 23.52
CA ALA A 793 -68.38 -26.18 22.60
C ALA A 793 -69.50 -26.88 23.34
N ILE A 794 -69.16 -27.59 24.42
CA ILE A 794 -70.19 -28.31 25.16
C ILE A 794 -71.25 -27.34 25.65
N CYS A 795 -70.84 -26.18 26.16
CA CYS A 795 -71.81 -25.18 26.56
C CYS A 795 -72.73 -24.88 25.41
N PHE A 796 -72.16 -24.55 24.26
CA PHE A 796 -72.95 -24.23 23.09
C PHE A 796 -74.01 -25.29 22.89
N PHE A 797 -73.61 -26.55 22.95
CA PHE A 797 -74.53 -27.62 22.60
C PHE A 797 -75.71 -27.61 23.57
N PHE A 798 -75.43 -27.61 24.88
CA PHE A 798 -76.53 -27.59 25.84
C PHE A 798 -77.29 -26.28 25.86
N ALA A 799 -76.80 -25.26 25.18
CA ALA A 799 -77.66 -24.10 25.03
C ALA A 799 -78.59 -24.30 23.85
N PHE A 800 -78.06 -24.85 22.75
CA PHE A 800 -78.82 -24.99 21.52
C PHE A 800 -79.96 -25.98 21.68
N LYS A 801 -79.74 -27.04 22.47
CA LYS A 801 -80.79 -28.02 22.76
C LYS A 801 -81.99 -27.38 23.44
N SER A 802 -81.77 -26.29 24.20
CA SER A 802 -82.87 -25.60 24.86
C SER A 802 -83.26 -24.32 24.13
N ARG A 803 -82.90 -24.21 22.84
CA ARG A 803 -82.98 -22.93 22.12
C ARG A 803 -84.41 -22.42 22.02
N LYS A 804 -85.38 -23.30 21.75
CA LYS A 804 -86.77 -22.90 21.68
C LYS A 804 -87.49 -23.03 23.02
N LEU A 805 -86.78 -22.91 24.14
CA LEU A 805 -87.44 -22.97 25.44
C LEU A 805 -87.55 -21.57 26.00
N PRO A 806 -88.75 -20.96 26.03
CA PRO A 806 -88.84 -19.57 26.51
C PRO A 806 -88.83 -19.44 28.02
N GLU A 807 -87.66 -19.08 28.55
CA GLU A 807 -87.49 -18.63 29.92
C GLU A 807 -86.41 -17.56 29.92
N ASN A 808 -86.45 -16.73 30.97
CA ASN A 808 -85.48 -15.65 31.23
C ASN A 808 -85.27 -14.78 30.00
N PHE A 809 -86.40 -14.31 29.46
CA PHE A 809 -86.46 -13.43 28.29
C PHE A 809 -85.78 -14.07 27.08
N ASN A 810 -85.97 -15.39 26.92
CA ASN A 810 -85.30 -16.22 25.91
C ASN A 810 -83.78 -16.16 26.09
N GLU A 811 -83.32 -16.51 27.30
CA GLU A 811 -81.88 -16.53 27.59
C GLU A 811 -81.13 -17.49 26.69
N ALA A 812 -81.60 -18.73 26.58
CA ALA A 812 -80.82 -19.76 25.88
C ALA A 812 -80.39 -19.29 24.50
N LYS A 813 -81.35 -18.78 23.72
CA LYS A 813 -81.02 -18.34 22.37
C LYS A 813 -79.86 -17.36 22.39
N PHE A 814 -79.96 -16.33 23.22
CA PHE A 814 -78.88 -15.35 23.27
C PHE A 814 -77.56 -16.02 23.64
N ILE A 815 -77.59 -16.95 24.60
CA ILE A 815 -76.35 -17.65 24.92
C ILE A 815 -75.76 -18.23 23.64
N THR A 816 -76.58 -18.97 22.89
CA THR A 816 -76.07 -19.56 21.66
C THR A 816 -75.42 -18.49 20.82
N PHE A 817 -76.13 -17.39 20.60
CA PHE A 817 -75.59 -16.35 19.74
C PHE A 817 -74.21 -15.96 20.22
N SER A 818 -74.11 -15.66 21.50
CA SER A 818 -72.84 -15.18 22.05
C SER A 818 -71.74 -16.18 21.73
N MET A 819 -72.03 -17.45 21.96
CA MET A 819 -70.99 -18.44 21.79
C MET A 819 -70.56 -18.47 20.34
N LEU A 820 -71.54 -18.41 19.43
CA LEU A 820 -71.22 -18.34 18.01
C LEU A 820 -70.27 -17.20 17.76
N ILE A 821 -70.57 -16.02 18.31
CA ILE A 821 -69.72 -14.87 18.08
C ILE A 821 -68.30 -15.21 18.49
N PHE A 822 -68.14 -15.73 19.71
CA PHE A 822 -66.82 -16.19 20.10
C PHE A 822 -66.16 -16.94 18.97
N PHE A 823 -66.78 -18.05 18.59
CA PHE A 823 -66.10 -18.92 17.65
C PHE A 823 -65.71 -18.12 16.42
N ILE A 824 -66.66 -17.38 15.85
CA ILE A 824 -66.38 -16.73 14.58
C ILE A 824 -65.17 -15.82 14.72
N VAL A 825 -65.12 -15.08 15.82
CA VAL A 825 -64.08 -14.07 16.01
C VAL A 825 -62.71 -14.72 16.15
N TRP A 826 -62.66 -15.88 16.78
CA TRP A 826 -61.40 -16.60 16.88
C TRP A 826 -61.16 -17.60 15.76
N ILE A 827 -62.02 -17.65 14.75
CA ILE A 827 -61.70 -18.41 13.54
C ILE A 827 -61.26 -17.49 12.41
N SER A 828 -62.00 -16.42 12.17
CA SER A 828 -61.72 -15.50 11.08
C SER A 828 -60.45 -14.68 11.30
N PHE A 829 -59.90 -14.67 12.50
CA PHE A 829 -58.61 -14.03 12.74
C PHE A 829 -57.45 -15.00 12.60
N ILE A 830 -57.71 -16.25 12.20
CA ILE A 830 -56.62 -17.21 11.99
C ILE A 830 -55.64 -16.81 10.88
N PRO A 831 -56.06 -16.34 9.68
CA PRO A 831 -55.04 -15.96 8.68
C PRO A 831 -54.16 -14.79 9.06
N ALA A 832 -54.75 -13.70 9.58
CA ALA A 832 -53.96 -12.52 9.94
C ALA A 832 -52.99 -12.81 11.07
N TYR A 833 -53.40 -13.65 12.03
CA TYR A 833 -52.50 -14.14 13.06
C TYR A 833 -51.34 -14.91 12.46
N ALA A 834 -51.58 -15.65 11.39
CA ALA A 834 -50.49 -16.34 10.71
C ALA A 834 -49.76 -15.45 9.72
N SER A 835 -50.25 -14.23 9.48
CA SER A 835 -49.67 -13.40 8.43
C SER A 835 -48.59 -12.46 8.98
N THR A 836 -48.95 -11.63 9.96
CA THR A 836 -48.01 -10.68 10.56
C THR A 836 -47.39 -11.22 11.84
N TYR A 837 -47.25 -12.54 11.95
CA TYR A 837 -46.74 -13.16 13.16
C TYR A 837 -45.26 -12.81 13.34
N GLY A 838 -44.92 -12.32 14.53
CA GLY A 838 -43.60 -11.80 14.78
C GLY A 838 -43.44 -10.33 14.49
N LYS A 839 -44.42 -9.68 13.86
CA LYS A 839 -44.30 -8.26 13.57
C LYS A 839 -45.35 -7.43 14.28
N PHE A 840 -46.64 -7.66 14.05
CA PHE A 840 -47.71 -6.87 14.64
C PHE A 840 -48.87 -7.76 15.08
N VAL A 841 -48.55 -8.88 15.73
CA VAL A 841 -49.62 -9.79 16.12
C VAL A 841 -50.36 -9.31 17.38
N SER A 842 -49.66 -8.62 18.27
CA SER A 842 -50.28 -8.21 19.53
C SER A 842 -51.58 -7.48 19.28
N ALA A 843 -51.54 -6.45 18.42
CA ALA A 843 -52.74 -5.68 18.13
C ALA A 843 -53.88 -6.60 17.71
N VAL A 844 -53.61 -7.50 16.76
CA VAL A 844 -54.64 -8.46 16.35
C VAL A 844 -55.28 -9.07 17.58
N GLU A 845 -54.45 -9.69 18.42
CA GLU A 845 -54.97 -10.36 19.60
C GLU A 845 -55.87 -9.41 20.38
N VAL A 846 -55.38 -8.19 20.63
CA VAL A 846 -56.14 -7.26 21.46
C VAL A 846 -57.52 -7.09 20.88
N ILE A 847 -57.57 -6.80 19.58
CA ILE A 847 -58.86 -6.56 18.94
C ILE A 847 -59.77 -7.75 19.19
N ALA A 848 -59.25 -8.95 18.95
CA ALA A 848 -60.09 -10.13 19.11
C ALA A 848 -60.68 -10.16 20.51
N ILE A 849 -59.85 -9.94 21.52
CA ILE A 849 -60.36 -10.00 22.89
C ILE A 849 -61.48 -8.99 23.07
N LEU A 850 -61.23 -7.75 22.63
CA LEU A 850 -62.20 -6.72 22.92
C LEU A 850 -63.40 -6.84 22.02
N ALA A 851 -63.40 -7.80 21.11
CA ALA A 851 -64.64 -8.12 20.43
C ALA A 851 -65.39 -9.21 21.17
N ALA A 852 -64.66 -10.23 21.64
CA ALA A 852 -65.35 -11.35 22.27
C ALA A 852 -66.00 -10.93 23.57
N SER A 853 -65.26 -10.16 24.39
CA SER A 853 -65.79 -9.76 25.69
C SER A 853 -67.09 -8.97 25.51
N PHE A 854 -67.06 -7.92 24.68
CA PHE A 854 -68.29 -7.22 24.38
C PHE A 854 -69.37 -8.19 23.93
N GLY A 855 -69.04 -9.10 23.01
CA GLY A 855 -70.08 -10.03 22.63
C GLY A 855 -70.76 -10.46 23.90
N LEU A 856 -70.01 -11.19 24.71
CA LEU A 856 -70.60 -11.75 25.92
C LEU A 856 -71.48 -10.68 26.54
N LEU A 857 -70.85 -9.61 27.00
CA LEU A 857 -71.58 -8.64 27.80
C LEU A 857 -72.91 -8.38 27.13
N ALA A 858 -72.86 -7.75 25.96
CA ALA A 858 -74.10 -7.33 25.35
C ALA A 858 -75.07 -8.49 25.42
N CYS A 859 -74.74 -9.57 24.71
CA CYS A 859 -75.70 -10.62 24.37
C CYS A 859 -76.24 -11.33 25.59
N ILE A 860 -75.61 -11.16 26.74
CA ILE A 860 -76.11 -11.76 27.96
C ILE A 860 -76.89 -10.76 28.80
N PHE A 861 -76.30 -9.59 29.10
CA PHE A 861 -76.81 -8.64 30.10
C PHE A 861 -77.00 -7.25 29.53
N PHE A 862 -77.49 -7.16 28.30
CA PHE A 862 -77.95 -5.89 27.76
C PHE A 862 -79.44 -5.86 27.50
N ASN A 863 -80.10 -7.02 27.50
CA ASN A 863 -81.55 -7.04 27.32
C ASN A 863 -82.25 -6.63 28.60
N LYS A 864 -81.78 -7.13 29.75
CA LYS A 864 -82.51 -6.95 31.00
C LYS A 864 -82.39 -5.51 31.51
N ILE A 865 -81.22 -4.90 31.37
CA ILE A 865 -80.98 -3.54 31.85
C ILE A 865 -82.15 -2.65 31.50
N TYR A 866 -82.56 -2.70 30.22
CA TYR A 866 -83.62 -1.83 29.74
C TYR A 866 -84.86 -1.95 30.62
N ILE A 867 -85.34 -3.18 30.80
CA ILE A 867 -86.51 -3.47 31.64
C ILE A 867 -86.27 -3.11 33.09
N ILE A 868 -85.00 -3.09 33.52
CA ILE A 868 -84.66 -2.60 34.84
C ILE A 868 -84.95 -1.10 34.96
N LEU A 869 -84.51 -0.31 33.99
CA LEU A 869 -84.47 1.13 34.25
C LEU A 869 -85.00 2.01 33.13
N PHE A 870 -85.62 1.44 32.10
CA PHE A 870 -86.37 2.26 31.17
C PHE A 870 -87.85 1.95 31.14
N LYS A 871 -88.26 0.72 31.44
CA LYS A 871 -89.67 0.39 31.64
C LYS A 871 -89.84 -0.08 33.07
N PRO A 872 -90.24 0.81 33.97
CA PRO A 872 -90.68 0.38 35.30
C PRO A 872 -91.98 -0.38 35.21
N SER A 873 -92.25 -1.17 36.24
CA SER A 873 -93.47 -1.97 36.44
C SER A 873 -93.67 -3.04 35.39
N ARG A 874 -92.64 -3.36 34.60
CA ARG A 874 -92.61 -4.56 33.78
C ARG A 874 -91.78 -5.64 34.44
N ASN A 875 -90.89 -5.28 35.36
CA ASN A 875 -90.11 -6.23 36.14
C ASN A 875 -90.95 -6.98 37.18
N THR A 876 -91.85 -7.82 36.66
CA THR A 876 -92.75 -8.64 37.46
C THR A 876 -92.33 -10.10 37.37
N ILE A 877 -92.97 -10.92 38.19
CA ILE A 877 -92.63 -12.34 38.27
C ILE A 877 -93.06 -13.06 37.00
N GLU A 878 -94.29 -12.83 36.56
CA GLU A 878 -94.92 -13.62 35.49
C GLU A 878 -94.20 -13.44 34.16
N GLU A 879 -93.56 -12.28 33.94
CA GLU A 879 -92.78 -12.04 32.75
C GLU A 879 -91.64 -13.04 32.62
N VAL A 880 -90.99 -13.35 33.75
CA VAL A 880 -89.95 -14.38 33.78
C VAL A 880 -90.52 -15.72 33.36
N ARG A 881 -91.77 -16.01 33.72
CA ARG A 881 -92.43 -17.20 33.20
C ARG A 881 -92.72 -17.05 31.71
N CYS A 882 -93.42 -15.99 31.29
CA CYS A 882 -93.84 -15.85 29.86
C CYS A 882 -93.91 -14.37 29.47
N SER A 883 -93.06 -13.90 28.57
CA SER A 883 -93.02 -12.42 28.34
C SER A 883 -93.83 -11.96 27.13
N THR A 884 -94.72 -10.98 27.32
CA THR A 884 -95.57 -10.43 26.23
C THR A 884 -94.78 -9.69 25.14
N ALA A 885 -93.83 -8.80 25.51
CA ALA A 885 -93.10 -7.98 24.51
C ALA A 885 -91.65 -8.41 24.43
N ALA A 886 -91.23 -8.90 23.27
CA ALA A 886 -89.85 -9.42 23.14
C ALA A 886 -88.85 -8.29 23.31
N HIS A 887 -89.10 -7.15 22.66
CA HIS A 887 -88.18 -5.97 22.75
C HIS A 887 -86.81 -6.30 22.17
N ALA A 888 -86.03 -7.14 22.85
CA ALA A 888 -84.66 -7.44 22.40
C ALA A 888 -83.99 -6.11 22.13
N PHE A 889 -84.00 -5.21 23.12
CA PHE A 889 -83.43 -3.84 23.00
C PHE A 889 -84.47 -2.96 22.30
N LYS A 890 -85.68 -3.49 22.04
CA LYS A 890 -86.73 -2.76 21.26
C LYS A 890 -86.25 -2.70 19.81
N VAL A 891 -85.26 -3.53 19.45
CA VAL A 891 -84.62 -3.52 18.10
C VAL A 891 -84.02 -2.13 17.87
N ALA A 892 -83.58 -1.48 18.96
CA ALA A 892 -83.05 -0.09 18.90
C ALA A 892 -84.16 0.81 18.37
N ALA A 893 -85.43 0.46 18.63
CA ALA A 893 -86.59 1.21 18.10
C ALA A 893 -86.57 1.15 16.56
N ARG A 894 -85.92 0.12 16.00
CA ARG A 894 -85.89 -0.09 14.52
C ARG A 894 -85.44 1.18 13.80
N ALA A 895 -84.40 1.85 14.31
CA ALA A 895 -83.91 3.11 13.70
C ALA A 895 -83.96 3.02 12.17
N TYR B 28 64.61 7.92 -4.78
CA TYR B 28 64.01 6.60 -4.89
C TYR B 28 62.57 6.61 -4.42
N GLY B 29 62.34 6.17 -3.18
CA GLY B 29 61.01 6.10 -2.64
C GLY B 29 60.97 5.30 -1.36
N PRO B 30 59.93 4.48 -1.18
CA PRO B 30 59.87 3.58 -0.02
C PRO B 30 61.00 2.56 -0.04
N ASP B 31 61.48 2.24 1.16
CA ASP B 31 62.71 1.47 1.31
C ASP B 31 62.51 -0.04 1.39
N GLN B 32 61.27 -0.51 1.44
CA GLN B 32 60.95 -1.93 1.48
C GLN B 32 60.23 -2.26 0.18
N ARG B 33 60.88 -3.06 -0.67
CA ARG B 33 60.44 -3.22 -2.04
C ARG B 33 60.95 -4.54 -2.59
N ALA B 34 60.47 -4.89 -3.77
CA ALA B 34 61.01 -6.00 -4.55
C ALA B 34 61.37 -5.46 -5.92
N GLN B 35 62.66 -5.29 -6.20
CA GLN B 35 63.05 -4.71 -7.47
C GLN B 35 64.18 -5.49 -8.12
N LYS B 36 64.24 -5.38 -9.45
CA LYS B 36 65.27 -6.03 -10.25
C LYS B 36 65.41 -5.27 -11.56
N LYS B 37 66.66 -5.05 -11.98
CA LYS B 37 66.97 -4.31 -13.19
C LYS B 37 66.62 -5.11 -14.43
N GLY B 38 66.42 -4.38 -15.52
CA GLY B 38 66.10 -4.96 -16.80
C GLY B 38 66.14 -3.90 -17.87
N ASP B 39 65.85 -4.32 -19.10
CA ASP B 39 65.76 -3.37 -20.21
C ASP B 39 64.46 -2.58 -20.17
N ILE B 40 63.37 -3.22 -19.77
CA ILE B 40 62.06 -2.59 -19.63
C ILE B 40 61.54 -2.90 -18.23
N ILE B 41 61.13 -1.86 -17.50
CA ILE B 41 60.76 -1.99 -16.09
C ILE B 41 59.25 -1.91 -15.96
N LEU B 42 58.67 -2.89 -15.26
CA LEU B 42 57.27 -2.88 -14.90
C LEU B 42 57.11 -2.49 -13.43
N GLY B 43 55.91 -2.07 -13.07
CA GLY B 43 55.60 -1.67 -11.71
C GLY B 43 54.44 -2.47 -11.18
N GLY B 44 54.40 -2.64 -9.86
CA GLY B 44 53.35 -3.41 -9.24
C GLY B 44 52.96 -2.81 -7.90
N LEU B 45 51.73 -3.11 -7.48
CA LEU B 45 51.19 -2.64 -6.21
C LEU B 45 50.35 -3.75 -5.59
N PHE B 46 50.77 -4.26 -4.42
CA PHE B 46 50.08 -5.34 -3.75
C PHE B 46 49.92 -5.05 -2.26
N PRO B 47 48.82 -5.46 -1.64
CA PRO B 47 48.70 -5.34 -0.18
C PRO B 47 49.40 -6.46 0.59
N ILE B 48 50.56 -6.16 1.16
CA ILE B 48 51.26 -7.12 1.99
C ILE B 48 50.80 -7.00 3.44
N HIS B 49 50.18 -5.89 3.81
CA HIS B 49 49.57 -5.70 5.11
C HIS B 49 48.09 -5.34 4.93
N PHE B 50 47.28 -5.70 5.92
CA PHE B 50 45.85 -5.47 5.84
C PHE B 50 45.45 -4.01 6.10
N GLY B 51 46.29 -3.23 6.75
CA GLY B 51 45.93 -1.87 7.08
C GLY B 51 47.07 -1.16 7.76
N VAL B 52 46.77 0.00 8.34
CA VAL B 52 47.75 0.83 9.03
C VAL B 52 47.36 0.99 10.49
N ALA B 53 48.33 1.44 11.29
CA ALA B 53 48.15 1.57 12.72
C ALA B 53 47.20 2.71 13.08
N ALA B 54 46.34 2.46 14.05
CA ALA B 54 45.33 3.43 14.47
C ALA B 54 45.99 4.48 15.36
N LYS B 55 46.19 5.68 14.81
CA LYS B 55 46.79 6.80 15.53
C LYS B 55 46.19 8.08 14.98
N ASP B 56 45.36 8.75 15.77
CA ASP B 56 44.84 10.06 15.40
C ASP B 56 45.82 11.11 15.89
N GLN B 57 46.56 11.71 14.95
CA GLN B 57 47.62 12.64 15.31
C GLN B 57 47.02 13.99 15.68
N ASP B 58 47.52 14.56 16.78
CA ASP B 58 47.09 15.86 17.26
C ASP B 58 48.02 16.98 16.80
N LEU B 59 49.03 16.64 16.00
CA LEU B 59 49.94 17.60 15.33
C LEU B 59 50.72 18.45 16.33
N LYS B 60 51.06 17.90 17.50
CA LYS B 60 51.91 18.61 18.43
C LYS B 60 53.38 18.55 18.04
N SER B 61 53.76 17.65 17.15
CA SER B 61 55.09 17.58 16.59
C SER B 61 54.98 17.21 15.12
N ARG B 62 56.12 17.23 14.43
CA ARG B 62 56.15 16.97 13.00
C ARG B 62 55.70 15.54 12.70
N PRO B 63 54.78 15.33 11.77
CA PRO B 63 54.17 14.01 11.62
C PRO B 63 55.12 13.00 11.00
N GLU B 64 55.13 11.80 11.56
CA GLU B 64 56.00 10.73 11.14
C GLU B 64 55.24 9.78 10.23
N SER B 65 55.96 8.86 9.61
CA SER B 65 55.35 7.88 8.73
C SER B 65 54.52 6.89 9.52
N VAL B 66 53.43 6.46 8.93
CA VAL B 66 52.50 5.56 9.60
C VAL B 66 52.97 4.13 9.38
N GLU B 67 52.66 3.25 10.32
CA GLU B 67 53.10 1.86 10.27
C GLU B 67 51.95 0.93 9.94
N CYS B 68 52.28 -0.14 9.23
CA CYS B 68 51.32 -1.13 8.79
C CYS B 68 51.32 -2.32 9.74
N ILE B 69 50.16 -2.96 9.90
CA ILE B 69 49.96 -3.85 11.04
C ILE B 69 49.87 -5.33 10.73
N ARG B 70 48.84 -5.76 10.03
CA ARG B 70 48.47 -7.17 9.99
C ARG B 70 48.91 -7.81 8.68
N TYR B 71 49.80 -8.81 8.77
CA TYR B 71 50.40 -9.40 7.59
C TYR B 71 49.39 -10.19 6.77
N ASN B 72 49.60 -10.15 5.45
CA ASN B 72 48.66 -10.69 4.46
C ASN B 72 49.42 -11.71 3.61
N PHE B 73 49.17 -13.00 3.84
CA PHE B 73 49.86 -14.03 3.09
C PHE B 73 49.31 -14.19 1.67
N ARG B 74 48.03 -13.89 1.48
CA ARG B 74 47.42 -13.96 0.16
C ARG B 74 48.03 -12.92 -0.79
N GLY B 75 48.26 -11.71 -0.31
CA GLY B 75 48.90 -10.69 -1.13
C GLY B 75 50.35 -11.02 -1.45
N PHE B 76 51.06 -11.67 -0.53
CA PHE B 76 52.41 -12.10 -0.82
C PHE B 76 52.43 -13.19 -1.88
N ARG B 77 51.41 -14.06 -1.88
CA ARG B 77 51.26 -15.03 -2.97
C ARG B 77 50.95 -14.35 -4.31
N TRP B 78 50.15 -13.28 -4.30
CA TRP B 78 49.87 -12.55 -5.54
C TRP B 78 51.13 -11.87 -6.09
N LEU B 79 51.95 -11.31 -5.20
CA LEU B 79 53.24 -10.73 -5.60
C LEU B 79 54.16 -11.79 -6.20
N GLN B 80 54.17 -12.98 -5.59
CA GLN B 80 54.96 -14.07 -6.13
C GLN B 80 54.45 -14.53 -7.49
N ALA B 81 53.14 -14.42 -7.73
CA ALA B 81 52.58 -14.73 -9.03
C ALA B 81 53.09 -13.77 -10.10
N MET B 82 53.18 -12.48 -9.76
CA MET B 82 53.78 -11.52 -10.70
C MET B 82 55.24 -11.81 -11.00
N ILE B 83 56.03 -12.12 -9.96
CA ILE B 83 57.45 -12.38 -10.16
C ILE B 83 57.67 -13.67 -10.96
N PHE B 84 56.87 -14.70 -10.69
CA PHE B 84 56.97 -15.96 -11.44
C PHE B 84 56.60 -15.77 -12.90
N ALA B 85 55.59 -14.94 -13.19
CA ALA B 85 55.25 -14.64 -14.58
C ALA B 85 56.39 -13.93 -15.30
N ILE B 86 57.03 -12.95 -14.65
CA ILE B 86 58.13 -12.22 -15.28
C ILE B 86 59.32 -13.14 -15.56
N GLU B 87 59.65 -14.01 -14.61
CA GLU B 87 60.78 -14.92 -14.80
C GLU B 87 60.49 -15.97 -15.88
N GLU B 88 59.24 -16.44 -15.96
CA GLU B 88 58.87 -17.40 -16.99
C GLU B 88 58.90 -16.78 -18.37
N ILE B 89 58.53 -15.50 -18.49
CA ILE B 89 58.64 -14.81 -19.76
C ILE B 89 60.10 -14.63 -20.16
N ASN B 90 60.96 -14.26 -19.20
CA ASN B 90 62.38 -14.10 -19.51
C ASN B 90 63.08 -15.42 -19.81
N SER B 91 62.51 -16.55 -19.38
CA SER B 91 63.14 -17.84 -19.64
C SER B 91 62.99 -18.30 -21.08
N SER B 92 61.80 -18.11 -21.68
CA SER B 92 61.51 -18.61 -23.01
C SER B 92 62.16 -17.73 -24.08
N PRO B 93 62.58 -18.30 -25.20
CA PRO B 93 63.16 -17.50 -26.29
C PRO B 93 62.15 -17.08 -27.35
N ALA B 94 60.86 -17.25 -27.11
CA ALA B 94 59.84 -17.06 -28.11
C ALA B 94 58.91 -15.88 -27.84
N LEU B 95 58.90 -15.34 -26.63
CA LEU B 95 57.95 -14.29 -26.30
C LEU B 95 58.53 -12.88 -26.35
N LEU B 96 59.82 -12.71 -26.05
CA LEU B 96 60.50 -11.44 -26.22
C LEU B 96 62.00 -11.70 -26.30
N PRO B 97 62.53 -12.07 -27.47
CA PRO B 97 63.93 -12.48 -27.56
C PRO B 97 64.88 -11.31 -27.31
N ASN B 98 66.09 -11.68 -26.83
CA ASN B 98 67.24 -10.88 -26.40
C ASN B 98 66.87 -9.54 -25.77
N LEU B 99 65.91 -9.58 -24.83
CA LEU B 99 65.36 -8.37 -24.23
C LEU B 99 64.70 -8.78 -22.91
N THR B 100 65.30 -8.37 -21.79
CA THR B 100 64.84 -8.79 -20.48
C THR B 100 63.94 -7.73 -19.85
N LEU B 101 62.99 -8.20 -19.05
CA LEU B 101 62.10 -7.35 -18.28
C LEU B 101 62.63 -7.20 -16.85
N GLY B 102 62.38 -6.05 -16.26
CA GLY B 102 62.69 -5.82 -14.86
C GLY B 102 61.43 -5.49 -14.10
N TYR B 103 61.53 -5.15 -12.81
CA TYR B 103 60.35 -4.79 -12.04
C TYR B 103 60.73 -3.95 -10.83
N ARG B 104 59.73 -3.22 -10.30
CA ARG B 104 59.81 -2.49 -9.04
C ARG B 104 58.45 -2.56 -8.37
N ILE B 105 58.36 -3.26 -7.25
CA ILE B 105 57.09 -3.57 -6.60
C ILE B 105 57.10 -3.03 -5.18
N PHE B 106 56.01 -2.35 -4.80
CA PHE B 106 55.81 -1.73 -3.49
C PHE B 106 54.58 -2.32 -2.80
N ASP B 107 54.33 -1.84 -1.58
CA ASP B 107 53.26 -2.32 -0.73
C ASP B 107 52.34 -1.16 -0.39
N THR B 108 51.03 -1.39 -0.50
CA THR B 108 50.08 -0.30 -0.32
C THR B 108 49.41 -0.27 1.05
N CYS B 109 49.35 -1.40 1.76
CA CYS B 109 48.66 -1.55 3.06
C CYS B 109 47.19 -1.18 2.98
N ASN B 110 46.57 -1.38 1.81
CA ASN B 110 45.17 -1.04 1.52
C ASN B 110 44.86 0.44 1.79
N THR B 111 45.81 1.32 1.47
CA THR B 111 45.73 2.71 1.85
C THR B 111 46.11 3.58 0.66
N VAL B 112 45.37 4.68 0.47
CA VAL B 112 45.59 5.59 -0.64
C VAL B 112 46.94 6.28 -0.55
N SER B 113 47.34 6.69 0.66
CA SER B 113 48.53 7.54 0.82
C SER B 113 49.81 6.81 0.50
N LYS B 114 49.95 5.56 0.93
CA LYS B 114 51.15 4.79 0.63
C LYS B 114 51.23 4.42 -0.85
N ALA B 115 50.07 4.15 -1.46
CA ALA B 115 50.00 3.91 -2.89
C ALA B 115 50.40 5.15 -3.68
N LEU B 116 50.03 6.33 -3.19
CA LEU B 116 50.43 7.56 -3.86
C LEU B 116 51.91 7.84 -3.68
N GLU B 117 52.49 7.50 -2.52
CA GLU B 117 53.94 7.60 -2.36
C GLU B 117 54.68 6.66 -3.30
N ALA B 118 54.10 5.52 -3.63
CA ALA B 118 54.72 4.64 -4.64
C ALA B 118 54.54 5.21 -6.05
N THR B 119 53.34 5.70 -6.36
CA THR B 119 53.04 6.20 -7.70
C THR B 119 53.80 7.48 -8.01
N LEU B 120 54.17 8.26 -7.00
CA LEU B 120 55.02 9.42 -7.24
C LEU B 120 56.44 9.00 -7.63
N SER B 121 56.88 7.82 -7.20
CA SER B 121 58.16 7.32 -7.68
C SER B 121 58.06 6.66 -9.04
N PHE B 122 56.88 6.15 -9.41
CA PHE B 122 56.72 5.59 -10.76
C PHE B 122 56.88 6.67 -11.84
N VAL B 123 56.29 7.84 -11.62
CA VAL B 123 56.16 8.84 -12.65
C VAL B 123 57.23 9.94 -12.53
N ALA B 124 58.33 9.65 -11.83
CA ALA B 124 59.27 10.70 -11.46
C ALA B 124 60.08 11.21 -12.64
N GLN B 125 60.41 10.34 -13.59
CA GLN B 125 61.17 10.80 -14.75
C GLN B 125 60.30 11.57 -15.73
N ASN B 126 59.05 11.16 -15.88
CA ASN B 126 58.12 11.86 -16.78
C ASN B 126 57.82 13.27 -16.27
N LYS B 127 57.68 13.41 -14.96
CA LYS B 127 57.23 14.65 -14.33
C LYS B 127 58.33 15.70 -14.21
N ILE B 128 59.61 15.30 -14.20
CA ILE B 128 60.70 16.26 -14.29
C ILE B 128 60.69 16.97 -15.64
N ASP B 129 60.38 16.24 -16.72
CA ASP B 129 60.24 16.85 -18.03
C ASP B 129 59.07 17.82 -18.09
N SER B 130 57.91 17.40 -17.57
CA SER B 130 56.70 18.19 -17.72
C SER B 130 56.72 19.44 -16.85
N LEU B 131 57.38 19.40 -15.70
CA LEU B 131 57.53 20.57 -14.85
C LEU B 131 58.84 21.32 -15.07
N ASN B 132 59.72 20.79 -15.95
CA ASN B 132 60.97 21.43 -16.39
C ASN B 132 61.93 21.68 -15.22
N LEU B 133 62.30 20.62 -14.52
CA LEU B 133 63.30 20.69 -13.46
C LEU B 133 64.69 20.22 -13.89
N ASP B 134 64.84 19.79 -15.15
CA ASP B 134 66.07 19.24 -15.73
C ASP B 134 66.65 18.07 -14.91
N CYS B 139 68.40 15.76 -9.81
CA CYS B 139 69.02 15.78 -11.12
C CYS B 139 70.01 14.63 -11.26
N SER B 140 69.56 13.42 -10.90
CA SER B 140 70.43 12.26 -10.93
C SER B 140 70.74 11.81 -12.35
N GLU B 141 69.80 11.98 -13.27
CA GLU B 141 69.87 11.65 -14.70
C GLU B 141 70.06 10.16 -14.99
N HIS B 142 69.94 9.29 -13.98
CA HIS B 142 69.93 7.85 -14.15
C HIS B 142 68.63 7.24 -13.64
N ILE B 143 67.56 8.03 -13.61
CA ILE B 143 66.26 7.54 -13.14
C ILE B 143 65.64 6.64 -14.20
N PRO B 144 65.28 5.41 -13.89
CA PRO B 144 64.60 4.56 -14.87
C PRO B 144 63.14 4.98 -15.05
N SER B 145 62.60 4.63 -16.20
CA SER B 145 61.23 4.96 -16.55
C SER B 145 60.37 3.70 -16.51
N THR B 146 59.15 3.85 -16.03
CA THR B 146 58.22 2.74 -15.91
C THR B 146 57.30 2.72 -17.12
N ILE B 147 57.19 1.55 -17.76
CA ILE B 147 56.36 1.42 -19.00
C ILE B 147 54.90 1.15 -18.62
N ALA B 148 54.65 0.25 -17.68
CA ALA B 148 53.28 -0.09 -17.26
C ALA B 148 53.24 -0.52 -15.80
N VAL B 149 52.10 -0.38 -15.13
CA VAL B 149 51.97 -0.72 -13.68
C VAL B 149 50.85 -1.75 -13.46
N VAL B 150 51.12 -2.86 -12.74
CA VAL B 150 50.04 -3.81 -12.37
C VAL B 150 49.27 -3.13 -11.23
N GLY B 151 47.94 -3.06 -11.32
CA GLY B 151 47.12 -2.21 -10.45
C GLY B 151 46.86 -2.66 -9.05
N ALA B 152 46.17 -1.83 -8.28
CA ALA B 152 45.87 -2.15 -6.87
C ALA B 152 44.65 -3.05 -6.74
N THR B 153 44.36 -3.50 -5.52
CA THR B 153 43.21 -4.40 -5.27
C THR B 153 41.94 -3.57 -5.06
N GLY B 154 42.00 -2.53 -4.22
CA GLY B 154 40.80 -1.80 -3.90
C GLY B 154 40.50 -0.72 -4.92
N SER B 155 39.20 -0.44 -5.10
CA SER B 155 38.77 0.50 -6.13
C SER B 155 39.14 1.93 -5.80
N GLY B 156 39.06 2.33 -4.53
CA GLY B 156 39.45 3.68 -4.15
C GLY B 156 40.94 3.94 -4.37
N VAL B 157 41.77 2.95 -4.03
CA VAL B 157 43.20 3.01 -4.31
C VAL B 157 43.46 3.07 -5.81
N SER B 158 42.72 2.30 -6.59
CA SER B 158 42.89 2.30 -8.05
C SER B 158 42.50 3.62 -8.68
N THR B 159 41.42 4.26 -8.18
CA THR B 159 41.04 5.58 -8.66
C THR B 159 42.09 6.63 -8.34
N ALA B 160 42.65 6.59 -7.13
CA ALA B 160 43.68 7.56 -6.77
C ALA B 160 44.95 7.38 -7.58
N VAL B 161 45.34 6.13 -7.85
CA VAL B 161 46.52 5.88 -8.68
C VAL B 161 46.24 6.23 -10.13
N ALA B 162 45.03 5.96 -10.61
CA ALA B 162 44.68 6.16 -12.01
C ALA B 162 44.60 7.62 -12.39
N ASN B 163 44.17 8.49 -11.45
CA ASN B 163 44.16 9.93 -11.70
C ASN B 163 45.55 10.46 -12.02
N LEU B 164 46.59 9.88 -11.43
CA LEU B 164 47.95 10.36 -11.62
C LEU B 164 48.66 9.62 -12.75
N LEU B 165 48.34 8.36 -12.97
CA LEU B 165 48.94 7.64 -14.08
C LEU B 165 48.33 8.02 -15.42
N GLY B 166 47.09 8.52 -15.45
CA GLY B 166 46.52 8.98 -16.71
C GLY B 166 47.11 10.28 -17.21
N LEU B 167 47.78 11.04 -16.34
CA LEU B 167 48.41 12.29 -16.74
C LEU B 167 49.55 12.06 -17.71
N PHE B 168 50.31 10.99 -17.52
CA PHE B 168 51.49 10.69 -18.31
C PHE B 168 51.27 9.51 -19.24
N TYR B 169 50.03 9.04 -19.36
CA TYR B 169 49.60 7.99 -20.29
C TYR B 169 50.33 6.66 -20.06
N ILE B 170 50.58 6.33 -18.81
CA ILE B 170 51.18 5.06 -18.44
C ILE B 170 50.05 4.06 -18.22
N PRO B 171 50.01 2.95 -18.96
CA PRO B 171 48.88 2.02 -18.85
C PRO B 171 48.91 1.22 -17.55
N GLN B 172 47.75 1.15 -16.89
CA GLN B 172 47.60 0.48 -15.60
C GLN B 172 46.62 -0.67 -15.76
N VAL B 173 47.08 -1.88 -15.52
CA VAL B 173 46.26 -3.09 -15.61
C VAL B 173 46.02 -3.61 -14.20
N SER B 174 44.75 -3.67 -13.80
CA SER B 174 44.39 -4.10 -12.46
C SER B 174 43.88 -5.53 -12.46
N TYR B 175 44.15 -6.24 -11.38
CA TYR B 175 43.78 -7.64 -11.25
C TYR B 175 42.55 -7.86 -10.36
N ALA B 176 42.16 -6.89 -9.54
CA ALA B 176 41.07 -7.09 -8.61
C ALA B 176 40.07 -5.95 -8.51
N SER B 177 40.34 -4.76 -9.03
CA SER B 177 39.41 -3.65 -8.91
C SER B 177 38.26 -3.84 -9.88
N SER B 178 37.02 -3.75 -9.38
CA SER B 178 35.87 -4.09 -10.20
C SER B 178 34.74 -3.09 -10.04
N SER B 179 35.05 -1.83 -9.77
CA SER B 179 34.03 -0.81 -9.69
C SER B 179 33.58 -0.39 -11.08
N ARG B 180 32.32 -0.03 -11.21
CA ARG B 180 31.82 0.44 -12.51
C ARG B 180 32.33 1.84 -12.83
N LEU B 181 32.74 2.61 -11.82
CA LEU B 181 33.21 3.96 -12.01
C LEU B 181 34.51 4.02 -12.80
N LEU B 182 35.25 2.93 -12.84
CA LEU B 182 36.48 2.87 -13.61
C LEU B 182 36.25 2.47 -15.07
N SER B 183 34.99 2.28 -15.48
CA SER B 183 34.69 2.12 -16.90
C SER B 183 34.57 3.43 -17.64
N ASN B 184 34.68 4.56 -16.96
CA ASN B 184 34.57 5.88 -17.55
C ASN B 184 35.91 6.25 -18.16
N LYS B 185 35.99 6.30 -19.48
CA LYS B 185 37.25 6.58 -20.15
C LYS B 185 37.46 8.06 -20.41
N ASN B 186 36.50 8.91 -20.09
CA ASN B 186 36.76 10.35 -20.08
C ASN B 186 37.64 10.74 -18.91
N GLN B 187 37.44 10.11 -17.76
CA GLN B 187 38.25 10.43 -16.59
C GLN B 187 39.49 9.56 -16.48
N PHE B 188 39.36 8.27 -16.74
CA PHE B 188 40.46 7.31 -16.60
C PHE B 188 40.89 6.88 -17.99
N LYS B 189 41.91 7.55 -18.52
CA LYS B 189 42.29 7.38 -19.92
C LYS B 189 43.17 6.16 -20.16
N SER B 190 43.74 5.56 -19.13
CA SER B 190 44.72 4.51 -19.33
C SER B 190 44.52 3.36 -18.36
N PHE B 191 43.27 3.04 -18.06
CA PHE B 191 42.96 1.98 -17.09
C PHE B 191 42.42 0.77 -17.83
N LEU B 192 42.92 -0.40 -17.45
CA LEU B 192 42.49 -1.68 -17.99
C LEU B 192 42.38 -2.65 -16.83
N ARG B 193 41.56 -3.68 -16.98
CA ARG B 193 41.46 -4.67 -15.90
C ARG B 193 41.15 -6.05 -16.46
N THR B 194 41.61 -7.07 -15.74
CA THR B 194 41.38 -8.47 -16.08
C THR B 194 40.37 -9.13 -15.15
N ILE B 195 39.46 -8.35 -14.58
CA ILE B 195 38.40 -8.88 -13.72
C ILE B 195 37.10 -8.24 -14.22
N PRO B 196 35.97 -8.94 -14.23
CA PRO B 196 34.71 -8.31 -14.60
C PRO B 196 34.25 -7.27 -13.60
N ASN B 197 33.56 -6.24 -14.11
CA ASN B 197 32.96 -5.25 -13.23
C ASN B 197 31.64 -5.76 -12.67
N ASP B 198 31.12 -5.05 -11.68
CA ASP B 198 30.21 -5.61 -10.69
C ASP B 198 28.73 -5.45 -11.04
N GLU B 199 28.38 -5.13 -12.29
CA GLU B 199 26.96 -4.99 -12.61
C GLU B 199 26.30 -6.36 -12.78
N HIS B 200 27.02 -7.31 -13.35
CA HIS B 200 26.51 -8.67 -13.48
C HIS B 200 26.34 -9.33 -12.12
N GLN B 201 27.17 -8.97 -11.15
CA GLN B 201 27.09 -9.58 -9.82
C GLN B 201 25.85 -9.09 -9.06
N ALA B 202 25.53 -7.81 -9.17
CA ALA B 202 24.32 -7.30 -8.52
C ALA B 202 23.06 -7.81 -9.19
N THR B 203 23.08 -7.93 -10.53
CA THR B 203 21.99 -8.57 -11.24
C THR B 203 21.82 -10.03 -10.82
N ALA B 204 22.94 -10.73 -10.61
CA ALA B 204 22.90 -12.12 -10.19
C ALA B 204 22.35 -12.27 -8.78
N MET B 205 22.65 -11.32 -7.90
CA MET B 205 22.07 -11.33 -6.55
C MET B 205 20.55 -11.16 -6.60
N ALA B 206 20.07 -10.26 -7.46
CA ALA B 206 18.62 -10.11 -7.62
C ALA B 206 17.98 -11.37 -8.19
N ASP B 207 18.69 -12.06 -9.10
CA ASP B 207 18.17 -13.30 -9.67
C ASP B 207 18.12 -14.43 -8.62
N ILE B 208 19.13 -14.49 -7.76
CA ILE B 208 19.15 -15.49 -6.68
C ILE B 208 18.01 -15.24 -5.70
N ILE B 209 17.72 -13.98 -5.39
CA ILE B 209 16.62 -13.67 -4.48
C ILE B 209 15.28 -14.00 -5.13
N GLU B 210 15.15 -13.73 -6.43
CA GLU B 210 13.92 -14.08 -7.14
C GLU B 210 13.72 -15.59 -7.28
N TYR B 211 14.82 -16.36 -7.31
CA TYR B 211 14.71 -17.80 -7.48
C TYR B 211 14.12 -18.48 -6.25
N PHE B 212 14.47 -18.03 -5.06
CA PHE B 212 14.02 -18.67 -3.83
C PHE B 212 12.75 -18.07 -3.28
N ARG B 213 12.15 -17.11 -3.99
CA ARG B 213 10.81 -16.58 -3.74
C ARG B 213 10.72 -15.87 -2.39
N TRP B 214 11.62 -14.91 -2.20
CA TRP B 214 11.63 -13.98 -1.08
C TRP B 214 11.27 -12.59 -1.59
N ASN B 215 10.78 -11.74 -0.68
CA ASN B 215 10.56 -10.33 -1.04
C ASN B 215 11.00 -9.34 0.01
N TRP B 216 11.56 -9.77 1.14
CA TRP B 216 11.82 -8.91 2.28
C TRP B 216 13.28 -9.09 2.68
N VAL B 217 14.14 -8.14 2.26
CA VAL B 217 15.59 -8.27 2.40
C VAL B 217 16.13 -7.03 3.12
N GLY B 218 17.38 -7.14 3.55
CA GLY B 218 18.12 -6.00 4.04
C GLY B 218 19.47 -5.93 3.36
N THR B 219 20.03 -4.73 3.29
CA THR B 219 21.27 -4.50 2.57
C THR B 219 22.32 -3.83 3.45
N ILE B 220 23.57 -4.25 3.31
CA ILE B 220 24.72 -3.65 3.99
C ILE B 220 25.86 -3.51 2.99
N ALA B 221 26.42 -2.31 2.90
CA ALA B 221 27.52 -2.04 2.00
C ALA B 221 28.64 -1.29 2.71
N ALA B 222 29.82 -1.33 2.12
CA ALA B 222 30.96 -0.59 2.62
C ALA B 222 30.97 0.82 2.04
N ASP B 223 31.43 1.77 2.85
CA ASP B 223 31.42 3.19 2.46
C ASP B 223 32.69 3.52 1.70
N ASP B 224 32.75 2.99 0.47
CA ASP B 224 33.84 3.29 -0.45
C ASP B 224 33.34 3.07 -1.86
N ASP B 225 34.25 3.23 -2.83
CA ASP B 225 33.89 3.16 -4.25
C ASP B 225 33.56 1.77 -4.74
N TYR B 226 33.78 0.74 -3.93
CA TYR B 226 33.38 -0.62 -4.31
C TYR B 226 31.97 -0.95 -3.86
N GLY B 227 31.57 -0.52 -2.68
CA GLY B 227 30.31 -0.91 -2.11
C GLY B 227 29.10 -0.09 -2.53
N ARG B 228 29.26 1.22 -2.61
CA ARG B 228 28.15 2.10 -2.96
C ARG B 228 27.61 1.89 -4.38
N PRO B 229 28.41 1.80 -5.46
CA PRO B 229 27.80 1.51 -6.77
C PRO B 229 27.21 0.12 -6.87
N GLY B 230 27.81 -0.86 -6.20
CA GLY B 230 27.24 -2.21 -6.21
C GLY B 230 25.90 -2.27 -5.51
N ILE B 231 25.75 -1.54 -4.40
CA ILE B 231 24.49 -1.66 -3.70
C ILE B 231 23.43 -0.78 -4.37
N GLU B 232 23.84 0.29 -5.07
CA GLU B 232 22.88 1.07 -5.85
C GLU B 232 22.38 0.29 -7.06
N LYS B 233 23.27 -0.46 -7.71
CA LYS B 233 22.86 -1.29 -8.84
C LYS B 233 21.95 -2.44 -8.37
N PHE B 234 22.23 -3.00 -7.19
CA PHE B 234 21.32 -4.01 -6.64
C PHE B 234 19.96 -3.42 -6.34
N ARG B 235 19.90 -2.20 -5.78
CA ARG B 235 18.60 -1.59 -5.46
C ARG B 235 17.80 -1.33 -6.72
N GLU B 236 18.46 -0.82 -7.77
CA GLU B 236 17.80 -0.59 -9.05
C GLU B 236 17.28 -1.87 -9.69
N GLU B 237 18.07 -2.95 -9.63
CA GLU B 237 17.61 -4.22 -10.17
C GLU B 237 16.54 -4.87 -9.30
N ALA B 238 16.55 -4.57 -8.00
CA ALA B 238 15.60 -5.19 -7.08
C ALA B 238 14.22 -4.58 -7.17
N GLU B 239 14.11 -3.28 -7.46
CA GLU B 239 12.76 -2.72 -7.57
C GLU B 239 12.05 -3.12 -8.86
N GLU B 240 12.76 -3.62 -9.87
CA GLU B 240 12.11 -4.12 -11.06
C GLU B 240 11.44 -5.47 -10.84
N ARG B 241 11.82 -6.20 -9.78
CA ARG B 241 11.36 -7.55 -9.55
C ARG B 241 10.39 -7.65 -8.38
N ASP B 242 9.91 -6.52 -7.87
CA ASP B 242 9.00 -6.42 -6.72
C ASP B 242 9.60 -7.08 -5.47
N ILE B 243 10.81 -6.65 -5.12
CA ILE B 243 11.49 -7.07 -3.91
C ILE B 243 11.60 -5.86 -3.01
N CYS B 244 11.08 -5.96 -1.80
CA CYS B 244 11.03 -4.84 -0.87
C CYS B 244 12.24 -4.88 0.05
N ILE B 245 12.94 -3.76 0.15
CA ILE B 245 14.14 -3.64 0.97
C ILE B 245 13.77 -2.97 2.28
N ASP B 246 14.11 -3.60 3.40
CA ASP B 246 13.72 -3.04 4.68
C ASP B 246 14.71 -1.98 5.15
N PHE B 247 15.97 -2.34 5.33
CA PHE B 247 16.97 -1.40 5.78
C PHE B 247 18.13 -1.30 4.79
N SER B 248 18.96 -0.30 5.00
CA SER B 248 20.10 -0.02 4.12
C SER B 248 21.12 0.77 4.91
N GLU B 249 22.24 0.15 5.24
CA GLU B 249 23.23 0.76 6.13
C GLU B 249 24.63 0.64 5.55
N LEU B 250 25.50 1.56 5.97
CA LEU B 250 26.88 1.61 5.52
C LEU B 250 27.82 1.38 6.69
N ILE B 251 28.96 0.76 6.42
CA ILE B 251 29.96 0.42 7.42
C ILE B 251 31.33 0.80 6.90
N SER B 252 32.33 0.65 7.76
CA SER B 252 33.71 0.97 7.42
C SER B 252 34.63 0.25 8.38
N GLN B 253 35.90 0.14 7.97
CA GLN B 253 36.93 -0.41 8.84
C GLN B 253 37.18 0.50 10.04
N TYR B 254 37.01 1.81 9.87
CA TYR B 254 37.29 2.80 10.89
C TYR B 254 36.01 3.37 11.50
N SER B 255 34.92 2.60 11.47
CA SER B 255 33.74 2.96 12.23
C SER B 255 34.02 2.86 13.71
N ASP B 256 33.47 3.80 14.48
CA ASP B 256 33.64 3.77 15.92
C ASP B 256 32.60 2.84 16.52
N GLU B 257 32.48 2.85 17.84
CA GLU B 257 31.65 1.87 18.53
C GLU B 257 30.16 2.14 18.30
N GLU B 258 29.73 3.38 18.48
CA GLU B 258 28.30 3.71 18.49
C GLU B 258 27.66 3.55 17.11
N GLU B 259 28.43 3.70 16.04
CA GLU B 259 27.93 3.34 14.71
C GLU B 259 27.68 1.84 14.60
N ILE B 260 28.55 1.03 15.22
CA ILE B 260 28.36 -0.42 15.17
C ILE B 260 27.14 -0.84 15.98
N GLN B 261 26.91 -0.26 17.18
CA GLN B 261 25.64 -0.59 17.84
C GLN B 261 24.43 -0.03 17.12
N HIS B 262 24.56 1.06 16.36
CA HIS B 262 23.41 1.50 15.58
C HIS B 262 23.06 0.51 14.48
N VAL B 263 24.06 0.00 13.76
CA VAL B 263 23.82 -0.98 12.70
C VAL B 263 23.30 -2.29 13.28
N VAL B 264 23.83 -2.73 14.43
CA VAL B 264 23.39 -3.98 15.03
C VAL B 264 21.96 -3.87 15.56
N GLU B 265 21.58 -2.71 16.10
CA GLU B 265 20.20 -2.51 16.52
C GLU B 265 19.25 -2.39 15.34
N VAL B 266 19.72 -1.88 14.20
CA VAL B 266 18.88 -1.88 12.99
C VAL B 266 18.65 -3.31 12.50
N ILE B 267 19.70 -4.15 12.52
CA ILE B 267 19.56 -5.55 12.11
C ILE B 267 18.64 -6.32 13.05
N GLN B 268 18.79 -6.11 14.35
CA GLN B 268 18.07 -6.88 15.36
C GLN B 268 16.59 -6.54 15.41
N ASN B 269 16.19 -5.35 14.97
CA ASN B 269 14.79 -4.93 15.01
C ASN B 269 13.98 -5.40 13.82
N SER B 270 14.62 -5.96 12.81
CA SER B 270 13.97 -6.25 11.53
C SER B 270 13.54 -7.70 11.46
N THR B 271 12.46 -7.94 10.73
CA THR B 271 11.97 -9.30 10.52
C THR B 271 12.57 -9.94 9.28
N ALA B 272 13.36 -9.20 8.51
CA ALA B 272 14.03 -9.75 7.34
C ALA B 272 15.15 -10.69 7.76
N LYS B 273 15.24 -11.83 7.08
CA LYS B 273 16.29 -12.80 7.36
C LYS B 273 17.43 -12.75 6.36
N VAL B 274 17.17 -12.30 5.13
CA VAL B 274 18.15 -12.30 4.07
C VAL B 274 18.83 -10.94 4.02
N ILE B 275 20.15 -10.93 4.13
CA ILE B 275 20.95 -9.70 4.11
C ILE B 275 22.00 -9.80 3.02
N VAL B 276 22.02 -8.81 2.13
CA VAL B 276 22.91 -8.75 0.98
C VAL B 276 24.05 -7.80 1.31
N VAL B 277 25.30 -8.26 1.22
CA VAL B 277 26.44 -7.47 1.68
C VAL B 277 27.43 -7.26 0.51
N PHE B 278 27.68 -6.00 0.17
CA PHE B 278 28.85 -5.59 -0.63
C PHE B 278 29.92 -4.97 0.25
N SER B 279 30.95 -5.75 0.56
CA SER B 279 32.06 -5.28 1.35
C SER B 279 33.26 -6.17 1.07
N SER B 280 34.38 -5.82 1.67
CA SER B 280 35.53 -6.71 1.76
C SER B 280 35.68 -7.16 3.21
N GLY B 281 36.68 -7.99 3.45
CA GLY B 281 36.97 -8.51 4.77
C GLY B 281 37.29 -7.49 5.86
N PRO B 282 38.27 -6.60 5.61
CA PRO B 282 38.57 -5.55 6.59
C PRO B 282 37.42 -4.61 6.92
N ASP B 283 36.56 -4.28 5.96
CA ASP B 283 35.45 -3.38 6.26
C ASP B 283 34.29 -4.08 6.95
N LEU B 284 34.24 -5.42 6.93
CA LEU B 284 33.15 -6.15 7.53
C LEU B 284 33.50 -6.77 8.88
N GLU B 285 34.80 -6.90 9.19
CA GLU B 285 35.22 -7.55 10.44
C GLU B 285 34.68 -6.95 11.75
N PRO B 286 34.64 -5.61 12.00
CA PRO B 286 34.09 -5.15 13.28
C PRO B 286 32.62 -5.45 13.51
N LEU B 287 31.81 -5.32 12.46
CA LEU B 287 30.39 -5.64 12.55
C LEU B 287 30.17 -7.12 12.86
N ILE B 288 30.95 -8.00 12.21
CA ILE B 288 30.80 -9.43 12.44
C ILE B 288 31.24 -9.80 13.85
N LYS B 289 32.30 -9.15 14.36
CA LYS B 289 32.71 -9.40 15.74
C LYS B 289 31.63 -8.98 16.74
N GLU B 290 30.96 -7.85 16.49
CA GLU B 290 29.92 -7.42 17.41
C GLU B 290 28.66 -8.28 17.31
N ILE B 291 28.34 -8.80 16.12
CA ILE B 291 27.20 -9.71 16.00
C ILE B 291 27.49 -11.04 16.69
N VAL B 292 28.72 -11.55 16.55
CA VAL B 292 29.10 -12.80 17.19
C VAL B 292 29.09 -12.66 18.71
N ARG B 293 29.49 -11.49 19.23
CA ARG B 293 29.47 -11.25 20.66
C ARG B 293 28.06 -11.27 21.25
N ARG B 294 27.08 -10.79 20.50
CA ARG B 294 25.69 -10.82 20.94
C ARG B 294 24.96 -12.10 20.57
N ASN B 295 25.57 -12.92 19.70
CA ASN B 295 25.14 -14.26 19.33
C ASN B 295 23.75 -14.17 18.66
N ILE B 296 23.75 -13.55 17.49
CA ILE B 296 22.55 -13.34 16.68
C ILE B 296 22.56 -14.39 15.57
N THR B 297 21.62 -15.33 15.62
CA THR B 297 21.59 -16.43 14.66
C THR B 297 20.39 -16.30 13.74
N GLY B 298 20.35 -17.16 12.73
CA GLY B 298 19.20 -17.29 11.86
C GLY B 298 19.19 -16.44 10.62
N LYS B 299 20.26 -15.69 10.35
CA LYS B 299 20.30 -14.81 9.19
C LYS B 299 20.88 -15.54 7.98
N ILE B 300 20.42 -15.15 6.80
CA ILE B 300 20.86 -15.72 5.54
C ILE B 300 21.69 -14.66 4.84
N TRP B 301 23.00 -14.89 4.73
CA TRP B 301 23.92 -13.90 4.20
C TRP B 301 24.16 -14.14 2.72
N LEU B 302 24.18 -13.06 1.93
CA LEU B 302 24.52 -13.11 0.53
C LEU B 302 25.80 -12.32 0.32
N ALA B 303 26.88 -13.04 0.04
CA ALA B 303 28.21 -12.48 -0.05
C ALA B 303 28.54 -12.02 -1.47
N SER B 304 29.18 -10.87 -1.57
CA SER B 304 29.84 -10.53 -2.82
C SER B 304 31.20 -11.19 -2.86
N GLU B 305 31.88 -11.08 -4.00
CA GLU B 305 33.07 -11.87 -4.28
C GLU B 305 34.26 -11.49 -3.39
N ALA B 306 34.29 -10.26 -2.89
CA ALA B 306 35.44 -9.80 -2.13
C ALA B 306 35.56 -10.49 -0.77
N TRP B 307 34.45 -10.77 -0.10
CA TRP B 307 34.50 -11.43 1.20
C TRP B 307 33.94 -12.84 1.20
N ALA B 308 33.55 -13.38 0.05
CA ALA B 308 33.01 -14.72 0.00
C ALA B 308 34.07 -15.80 0.18
N SER B 309 35.35 -15.46 0.16
CA SER B 309 36.43 -16.39 0.42
C SER B 309 37.45 -15.77 1.35
N SER B 310 36.99 -14.99 2.32
CA SER B 310 37.88 -14.17 3.14
C SER B 310 38.22 -14.90 4.43
N SER B 311 39.52 -15.01 4.72
CA SER B 311 39.99 -15.72 5.89
C SER B 311 39.82 -14.92 7.17
N LEU B 312 39.53 -13.64 7.07
CA LEU B 312 39.20 -12.84 8.24
C LEU B 312 37.81 -13.12 8.76
N ILE B 313 36.94 -13.70 7.93
CA ILE B 313 35.54 -13.89 8.26
C ILE B 313 35.18 -15.36 8.30
N ALA B 314 35.73 -16.17 7.40
CA ALA B 314 35.54 -17.62 7.43
C ALA B 314 36.40 -18.21 8.54
N MET B 315 35.91 -18.05 9.77
CA MET B 315 36.56 -18.51 10.98
C MET B 315 35.70 -19.60 11.60
N PRO B 316 36.30 -20.58 12.28
CA PRO B 316 35.49 -21.61 12.93
C PRO B 316 34.67 -21.12 14.10
N GLN B 317 35.11 -20.07 14.78
CA GLN B 317 34.40 -19.57 15.95
C GLN B 317 33.34 -18.54 15.62
N TYR B 318 33.22 -18.14 14.37
CA TYR B 318 32.14 -17.27 13.93
C TYR B 318 31.00 -18.05 13.28
N PHE B 319 31.13 -19.39 13.20
CA PHE B 319 30.31 -20.19 12.29
C PHE B 319 28.83 -20.14 12.64
N HIS B 320 28.51 -20.10 13.93
CA HIS B 320 27.12 -20.06 14.37
C HIS B 320 26.41 -18.78 14.00
N VAL B 321 27.13 -17.76 13.54
CA VAL B 321 26.53 -16.60 12.88
C VAL B 321 26.62 -16.72 11.36
N VAL B 322 27.74 -17.18 10.80
CA VAL B 322 27.96 -17.06 9.36
C VAL B 322 27.95 -18.41 8.66
N GLY B 323 27.38 -19.43 9.27
CA GLY B 323 27.22 -20.69 8.57
C GLY B 323 26.17 -20.60 7.49
N GLY B 324 26.40 -21.36 6.41
CA GLY B 324 25.49 -21.37 5.29
C GLY B 324 25.44 -20.08 4.49
N THR B 325 26.57 -19.41 4.32
CA THR B 325 26.63 -18.19 3.53
C THR B 325 26.74 -18.55 2.05
N ILE B 326 25.93 -17.89 1.23
CA ILE B 326 25.92 -18.12 -0.22
C ILE B 326 26.67 -16.99 -0.90
N GLY B 327 27.68 -17.32 -1.70
CA GLY B 327 28.54 -16.30 -2.27
C GLY B 327 28.97 -16.59 -3.70
N PHE B 328 29.65 -15.62 -4.28
CA PHE B 328 30.15 -15.67 -5.64
C PHE B 328 31.66 -15.89 -5.62
N ALA B 329 32.16 -16.57 -6.65
CA ALA B 329 33.58 -16.79 -6.80
C ALA B 329 33.93 -16.69 -8.28
N LEU B 330 35.19 -16.39 -8.56
CA LEU B 330 35.64 -16.28 -9.93
C LEU B 330 36.00 -17.67 -10.47
N LYS B 331 36.33 -17.71 -11.75
CA LYS B 331 36.77 -18.95 -12.38
C LYS B 331 38.23 -19.20 -12.06
N ALA B 332 38.58 -20.46 -11.81
CA ALA B 332 39.94 -20.82 -11.49
C ALA B 332 40.80 -20.87 -12.75
N GLY B 333 42.11 -20.97 -12.55
CA GLY B 333 43.02 -21.15 -13.66
C GLY B 333 44.24 -21.92 -13.21
N GLN B 334 44.96 -22.45 -14.20
CA GLN B 334 46.08 -23.35 -13.97
C GLN B 334 47.38 -22.65 -14.29
N ILE B 335 48.26 -22.53 -13.30
CA ILE B 335 49.63 -22.07 -13.49
C ILE B 335 50.52 -23.24 -13.09
N PRO B 336 51.18 -23.92 -14.04
CA PRO B 336 51.76 -25.25 -13.75
C PRO B 336 52.92 -25.33 -12.76
N GLY B 337 53.99 -24.57 -12.92
CA GLY B 337 55.10 -24.75 -12.01
C GLY B 337 55.10 -23.84 -10.80
N PHE B 338 53.91 -23.36 -10.40
CA PHE B 338 53.81 -22.23 -9.48
C PHE B 338 54.01 -22.64 -8.03
N ARG B 339 53.48 -23.79 -7.60
CA ARG B 339 53.63 -24.24 -6.22
C ARG B 339 55.08 -24.53 -5.88
N GLU B 340 55.81 -25.11 -6.83
CA GLU B 340 57.21 -25.41 -6.64
C GLU B 340 58.05 -24.14 -6.59
N PHE B 341 57.59 -23.08 -7.23
CA PHE B 341 58.24 -21.77 -7.09
C PHE B 341 57.93 -21.17 -5.73
N LEU B 342 56.70 -21.34 -5.27
CA LEU B 342 56.29 -20.79 -3.99
C LEU B 342 57.05 -21.42 -2.83
N LYS B 343 57.38 -22.70 -2.95
CA LYS B 343 58.13 -23.39 -1.90
C LYS B 343 59.63 -23.17 -1.96
N LYS B 344 60.12 -22.19 -2.73
CA LYS B 344 61.55 -21.90 -2.81
C LYS B 344 61.91 -20.57 -2.19
N VAL B 345 60.98 -19.91 -1.51
CA VAL B 345 61.25 -18.62 -0.89
C VAL B 345 62.16 -18.83 0.32
N HIS B 346 63.11 -17.91 0.50
CA HIS B 346 64.11 -18.00 1.54
C HIS B 346 64.59 -16.60 1.85
N PRO B 347 64.84 -16.25 3.12
CA PRO B 347 65.30 -14.89 3.43
C PRO B 347 66.69 -14.58 2.92
N ARG B 348 67.56 -15.57 2.76
CA ARG B 348 68.92 -15.33 2.31
C ARG B 348 69.09 -15.46 0.80
N LYS B 349 68.24 -16.25 0.14
CA LYS B 349 68.40 -16.52 -1.27
C LYS B 349 67.55 -15.64 -2.16
N SER B 350 66.50 -15.01 -1.61
CA SER B 350 65.74 -14.00 -2.35
C SER B 350 66.38 -12.64 -2.12
N VAL B 351 67.41 -12.37 -2.92
CA VAL B 351 68.11 -11.10 -2.85
C VAL B 351 67.23 -9.98 -3.41
N HIS B 352 66.52 -10.24 -4.49
CA HIS B 352 65.72 -9.24 -5.15
C HIS B 352 64.40 -8.97 -4.45
N ASN B 353 63.90 -9.92 -3.66
CA ASN B 353 62.66 -9.74 -2.93
C ASN B 353 63.00 -9.26 -1.52
N GLY B 354 62.37 -8.17 -1.11
CA GLY B 354 62.64 -7.58 0.18
C GLY B 354 61.54 -7.83 1.17
N PHE B 355 60.45 -8.44 0.71
CA PHE B 355 59.34 -8.81 1.57
C PHE B 355 59.46 -10.21 2.13
N ALA B 356 60.54 -10.93 1.80
CA ALA B 356 60.68 -12.30 2.24
C ALA B 356 61.10 -12.41 3.70
N LYS B 357 61.78 -11.40 4.22
CA LYS B 357 62.29 -11.42 5.59
C LYS B 357 61.16 -11.40 6.60
N GLU B 358 60.22 -10.47 6.45
CA GLU B 358 59.06 -10.43 7.33
C GLU B 358 58.14 -11.62 7.11
N PHE B 359 58.16 -12.22 5.91
CA PHE B 359 57.41 -13.44 5.68
C PHE B 359 57.97 -14.59 6.52
N TRP B 360 59.29 -14.73 6.55
CA TRP B 360 59.91 -15.76 7.39
C TRP B 360 59.66 -15.50 8.86
N GLU B 361 59.72 -14.24 9.28
CA GLU B 361 59.48 -13.90 10.68
C GLU B 361 58.02 -14.14 11.09
N GLU B 362 57.06 -13.80 10.25
CA GLU B 362 55.66 -14.00 10.60
C GLU B 362 55.21 -15.44 10.42
N THR B 363 55.96 -16.26 9.70
CA THR B 363 55.54 -17.64 9.58
C THR B 363 56.03 -18.49 10.75
N PHE B 364 57.28 -18.33 11.15
CA PHE B 364 57.90 -19.20 12.13
C PHE B 364 58.06 -18.56 13.50
N ASN B 365 57.59 -17.31 13.66
CA ASN B 365 57.59 -16.56 14.92
C ASN B 365 58.98 -16.48 15.54
N CYS B 366 59.89 -15.87 14.80
CA CYS B 366 61.26 -15.75 15.23
C CYS B 366 61.80 -14.43 14.71
N HIS B 367 63.05 -14.14 15.07
CA HIS B 367 63.73 -12.92 14.68
C HIS B 367 64.95 -13.28 13.85
N LEU B 368 65.13 -12.63 12.72
CA LEU B 368 66.27 -12.89 11.84
C LEU B 368 67.37 -11.90 12.17
N GLN B 369 68.48 -12.39 12.70
CA GLN B 369 69.61 -11.54 13.08
C GLN B 369 70.57 -11.50 11.90
N GLU B 370 70.56 -10.39 11.18
CA GLU B 370 71.41 -10.25 10.00
C GLU B 370 72.87 -10.08 10.40
N GLY B 371 73.76 -10.51 9.52
CA GLY B 371 75.19 -10.42 9.77
C GLY B 371 75.88 -9.36 8.94
N ARG B 400 60.02 -14.02 21.13
CA ARG B 400 60.48 -14.61 19.88
C ARG B 400 61.92 -15.08 19.99
N PRO B 401 62.15 -16.37 19.72
CA PRO B 401 63.52 -16.88 19.66
C PRO B 401 64.23 -16.42 18.39
N LEU B 402 65.41 -16.96 18.15
CA LEU B 402 66.21 -16.53 17.02
C LEU B 402 66.08 -17.56 15.91
N CYS B 403 65.84 -17.10 14.67
CA CYS B 403 65.70 -18.01 13.54
C CYS B 403 67.04 -18.62 13.15
N THR B 404 66.97 -19.78 12.50
CA THR B 404 68.14 -20.43 11.92
C THR B 404 68.21 -20.31 10.41
N GLY B 405 67.09 -20.07 9.74
CA GLY B 405 67.06 -20.11 8.29
C GLY B 405 66.97 -21.49 7.69
N ASP B 406 66.52 -22.47 8.47
CA ASP B 406 66.57 -23.87 8.07
C ASP B 406 65.20 -24.55 8.12
N GLU B 407 64.15 -23.81 8.42
CA GLU B 407 62.83 -24.37 8.66
C GLU B 407 62.16 -24.76 7.35
N ASN B 408 61.11 -25.54 7.48
CA ASN B 408 60.41 -26.14 6.35
C ASN B 408 59.04 -25.48 6.21
N ILE B 409 58.74 -25.00 5.01
CA ILE B 409 57.58 -24.15 4.76
C ILE B 409 56.28 -24.94 4.93
N SER B 410 56.32 -26.24 4.65
CA SER B 410 55.13 -27.07 4.70
C SER B 410 54.68 -27.37 6.13
N SER B 411 55.52 -27.12 7.12
CA SER B 411 55.19 -27.46 8.50
C SER B 411 54.16 -26.53 9.13
N VAL B 412 54.07 -25.28 8.67
CA VAL B 412 53.16 -24.29 9.24
C VAL B 412 52.04 -24.03 8.24
N GLU B 413 50.80 -24.03 8.71
CA GLU B 413 49.62 -23.84 7.86
C GLU B 413 49.20 -22.37 7.88
N THR B 414 49.40 -21.69 6.76
CA THR B 414 49.08 -20.30 6.50
C THR B 414 48.40 -20.26 5.13
N PRO B 415 47.71 -19.17 4.78
CA PRO B 415 47.15 -19.08 3.41
C PRO B 415 48.16 -18.99 2.26
N TYR B 416 49.46 -19.08 2.51
CA TYR B 416 50.45 -18.92 1.45
C TYR B 416 50.45 -20.10 0.50
N ILE B 417 50.46 -21.33 1.01
CA ILE B 417 50.35 -22.52 0.16
C ILE B 417 49.15 -23.36 0.49
N ASP B 418 48.33 -22.97 1.45
CA ASP B 418 47.10 -23.71 1.74
C ASP B 418 45.99 -23.07 0.92
N TYR B 419 45.78 -23.61 -0.27
CA TYR B 419 44.76 -23.15 -1.17
C TYR B 419 44.34 -24.32 -2.04
N THR B 420 43.21 -24.17 -2.71
CA THR B 420 42.70 -25.19 -3.62
C THR B 420 42.62 -24.70 -5.06
N HIS B 421 42.19 -23.46 -5.27
CA HIS B 421 42.06 -22.87 -6.60
C HIS B 421 42.86 -21.57 -6.65
N LEU B 422 43.28 -21.20 -7.85
CA LEU B 422 43.99 -19.95 -8.11
C LEU B 422 43.08 -19.05 -8.92
N ARG B 423 42.61 -17.96 -8.32
CA ARG B 423 41.61 -17.10 -8.92
C ARG B 423 42.06 -15.67 -9.15
N ILE B 424 42.59 -14.99 -8.12
CA ILE B 424 43.13 -13.65 -8.31
C ILE B 424 44.59 -13.75 -8.77
N SER B 425 45.29 -14.81 -8.37
CA SER B 425 46.66 -15.04 -8.83
C SER B 425 46.70 -15.27 -10.33
N TYR B 426 45.64 -15.87 -10.89
CA TYR B 426 45.54 -16.02 -12.32
C TYR B 426 45.35 -14.69 -13.03
N ASN B 427 44.61 -13.75 -12.41
CA ASN B 427 44.48 -12.42 -12.98
C ASN B 427 45.82 -11.68 -13.00
N VAL B 428 46.64 -11.86 -11.96
CA VAL B 428 47.97 -11.25 -11.94
C VAL B 428 48.84 -11.81 -13.07
N TYR B 429 48.79 -13.14 -13.24
CA TYR B 429 49.52 -13.81 -14.31
C TYR B 429 49.09 -13.33 -15.70
N LEU B 430 47.78 -13.20 -15.90
CA LEU B 430 47.24 -12.71 -17.17
C LEU B 430 47.58 -11.26 -17.43
N ALA B 431 47.65 -10.42 -16.39
CA ALA B 431 48.03 -9.02 -16.59
C ALA B 431 49.47 -8.90 -17.08
N VAL B 432 50.38 -9.69 -16.51
CA VAL B 432 51.76 -9.68 -16.97
C VAL B 432 51.86 -10.19 -18.41
N TYR B 433 51.13 -11.25 -18.75
CA TYR B 433 51.11 -11.72 -20.14
C TYR B 433 50.45 -10.76 -21.13
N SER B 434 49.47 -9.96 -20.70
CA SER B 434 48.91 -8.95 -21.58
C SER B 434 49.94 -7.89 -21.94
N ILE B 435 50.70 -7.42 -20.95
CA ILE B 435 51.74 -6.42 -21.21
C ILE B 435 52.84 -7.01 -22.08
N ALA B 436 53.19 -8.27 -21.88
CA ALA B 436 54.24 -8.88 -22.68
C ALA B 436 53.80 -9.11 -24.13
N HIS B 437 52.55 -9.49 -24.37
CA HIS B 437 52.12 -9.64 -25.75
C HIS B 437 51.92 -8.31 -26.46
N ALA B 438 51.62 -7.23 -25.73
CA ALA B 438 51.67 -5.92 -26.37
C ALA B 438 53.09 -5.55 -26.79
N LEU B 439 54.08 -5.81 -25.94
CA LEU B 439 55.46 -5.54 -26.33
C LEU B 439 55.94 -6.44 -27.46
N GLN B 440 55.42 -7.67 -27.53
CA GLN B 440 55.76 -8.56 -28.64
C GLN B 440 55.09 -8.12 -29.94
N ASP B 441 53.90 -7.53 -29.85
CA ASP B 441 53.28 -6.88 -31.01
C ASP B 441 54.14 -5.73 -31.52
N ILE B 442 54.72 -4.95 -30.61
CA ILE B 442 55.65 -3.91 -31.05
C ILE B 442 56.90 -4.51 -31.70
N TYR B 443 57.40 -5.62 -31.15
CA TYR B 443 58.66 -6.19 -31.61
C TYR B 443 58.57 -6.78 -33.02
N THR B 444 57.41 -7.30 -33.42
CA THR B 444 57.28 -7.98 -34.70
C THR B 444 56.50 -7.17 -35.72
N CYS B 445 56.39 -5.85 -35.51
CA CYS B 445 55.67 -5.00 -36.44
C CYS B 445 56.47 -4.81 -37.73
N LEU B 446 55.80 -4.97 -38.86
CA LEU B 446 56.22 -4.88 -40.26
C LEU B 446 55.94 -3.48 -40.84
N PRO B 447 56.90 -2.91 -41.56
CA PRO B 447 56.79 -1.50 -41.97
C PRO B 447 55.74 -1.26 -43.04
N GLY B 448 54.81 -0.37 -42.77
CA GLY B 448 53.66 -0.15 -43.63
C GLY B 448 52.37 -0.69 -43.08
N ARG B 449 52.42 -1.37 -41.94
CA ARG B 449 51.27 -2.05 -41.36
C ARG B 449 51.10 -1.73 -39.88
N GLY B 450 51.76 -0.70 -39.37
CA GLY B 450 51.69 -0.35 -37.98
C GLY B 450 50.40 0.32 -37.59
N LEU B 451 50.32 0.68 -36.32
CA LEU B 451 49.13 1.29 -35.74
C LEU B 451 49.27 2.79 -35.57
N PHE B 452 50.31 3.38 -36.14
CA PHE B 452 50.61 4.80 -36.04
C PHE B 452 50.51 5.41 -37.43
N THR B 453 50.88 6.70 -37.55
CA THR B 453 50.67 7.47 -38.78
C THR B 453 51.46 6.92 -39.96
N ASN B 454 50.78 6.86 -41.10
CA ASN B 454 51.26 6.30 -42.36
C ASN B 454 51.64 4.83 -42.22
N GLY B 455 51.01 4.13 -41.28
CA GLY B 455 51.34 2.75 -40.98
C GLY B 455 52.75 2.55 -40.47
N SER B 456 53.21 3.41 -39.58
CA SER B 456 54.58 3.30 -39.08
C SER B 456 54.60 2.55 -37.76
N CYS B 457 55.71 1.86 -37.52
CA CYS B 457 55.88 0.99 -36.37
C CYS B 457 56.78 1.66 -35.34
N ALA B 458 56.44 1.49 -34.07
CA ALA B 458 57.25 1.96 -32.96
C ALA B 458 58.59 1.23 -32.92
N ASP B 459 59.56 1.86 -32.27
CA ASP B 459 60.87 1.24 -32.05
C ASP B 459 60.89 0.59 -30.68
N ILE B 460 61.30 -0.68 -30.64
CA ILE B 460 61.35 -1.41 -29.37
C ILE B 460 62.54 -0.95 -28.52
N LYS B 461 63.57 -0.38 -29.13
CA LYS B 461 64.73 0.05 -28.37
C LYS B 461 64.51 1.38 -27.65
N LYS B 462 63.52 2.17 -28.09
CA LYS B 462 63.19 3.46 -27.48
C LYS B 462 61.69 3.57 -27.27
N VAL B 463 61.09 2.53 -26.69
CA VAL B 463 59.64 2.44 -26.59
C VAL B 463 59.12 3.41 -25.52
N GLU B 464 57.89 3.89 -25.70
CA GLU B 464 57.26 4.83 -24.82
C GLU B 464 55.90 4.29 -24.39
N ALA B 465 55.41 4.80 -23.26
CA ALA B 465 54.27 4.19 -22.58
C ALA B 465 52.98 4.35 -23.34
N TRP B 466 52.81 5.47 -24.06
CA TRP B 466 51.57 5.70 -24.79
C TRP B 466 51.46 4.76 -25.98
N GLN B 467 52.58 4.32 -26.55
CA GLN B 467 52.54 3.34 -27.63
C GLN B 467 52.19 1.96 -27.11
N VAL B 468 52.62 1.63 -25.89
CA VAL B 468 52.23 0.39 -25.25
C VAL B 468 50.75 0.39 -24.92
N LEU B 469 50.22 1.52 -24.48
CA LEU B 469 48.77 1.63 -24.25
C LEU B 469 47.99 1.50 -25.55
N LYS B 470 48.52 2.08 -26.64
CA LYS B 470 47.91 1.95 -27.96
C LYS B 470 47.85 0.50 -28.42
N HIS B 471 48.95 -0.25 -28.22
CA HIS B 471 48.93 -1.67 -28.56
C HIS B 471 48.15 -2.50 -27.57
N LEU B 472 47.95 -2.02 -26.34
CA LEU B 472 47.11 -2.76 -25.39
C LEU B 472 45.64 -2.63 -25.72
N ARG B 473 45.23 -1.53 -26.35
CA ARG B 473 43.84 -1.40 -26.76
C ARG B 473 43.51 -2.31 -27.94
N HIS B 474 44.45 -2.56 -28.83
CA HIS B 474 44.26 -3.51 -29.93
C HIS B 474 44.95 -4.84 -29.61
N LEU B 475 44.51 -5.52 -28.56
CA LEU B 475 45.17 -6.73 -28.10
C LEU B 475 44.20 -7.91 -28.18
N ASN B 476 44.72 -9.05 -28.63
CA ASN B 476 43.92 -10.26 -28.79
C ASN B 476 44.87 -11.44 -28.81
N PHE B 477 44.87 -12.27 -27.77
CA PHE B 477 45.83 -13.37 -27.73
C PHE B 477 45.26 -14.59 -27.01
N THR B 478 45.88 -15.73 -27.27
CA THR B 478 45.46 -17.00 -26.68
C THR B 478 46.33 -17.32 -25.45
N ASN B 479 45.69 -17.66 -24.33
CA ASN B 479 46.43 -17.94 -23.11
C ASN B 479 46.86 -19.41 -23.08
N ASN B 480 47.42 -19.84 -21.94
CA ASN B 480 47.85 -21.23 -21.78
C ASN B 480 46.68 -22.19 -21.70
N MET B 481 45.51 -21.72 -21.30
CA MET B 481 44.33 -22.57 -21.22
C MET B 481 43.54 -22.63 -22.52
N GLY B 482 44.02 -21.94 -23.56
CA GLY B 482 43.42 -22.00 -24.88
C GLY B 482 42.35 -20.98 -25.16
N GLU B 483 41.98 -20.16 -24.19
CA GLU B 483 40.93 -19.17 -24.35
C GLU B 483 41.51 -17.89 -24.96
N GLN B 484 40.62 -17.03 -25.45
CA GLN B 484 40.99 -15.79 -26.11
C GLN B 484 40.81 -14.62 -25.15
N VAL B 485 41.83 -13.77 -25.05
CA VAL B 485 41.86 -12.63 -24.15
C VAL B 485 41.88 -11.36 -25.00
N THR B 486 40.90 -10.50 -24.77
CA THR B 486 40.64 -9.28 -25.52
C THR B 486 39.94 -8.30 -24.60
N PHE B 487 40.34 -7.03 -24.65
CA PHE B 487 39.66 -5.98 -23.89
C PHE B 487 38.69 -5.24 -24.78
N ASP B 488 37.59 -4.77 -24.19
CA ASP B 488 36.59 -4.05 -24.96
C ASP B 488 36.93 -2.56 -25.04
N GLU B 489 35.98 -1.74 -25.49
CA GLU B 489 36.24 -0.31 -25.63
C GLU B 489 36.23 0.43 -24.31
N CYS B 490 35.64 -0.15 -23.26
CA CYS B 490 35.72 0.41 -21.92
C CYS B 490 36.89 -0.15 -21.13
N GLY B 491 37.75 -0.94 -21.76
CA GLY B 491 38.88 -1.57 -21.09
C GLY B 491 38.50 -2.64 -20.11
N ASP B 492 37.46 -3.42 -20.40
CA ASP B 492 36.96 -4.41 -19.47
C ASP B 492 37.11 -5.81 -20.06
N LEU B 493 36.92 -6.80 -19.20
CA LEU B 493 36.96 -8.21 -19.57
C LEU B 493 35.77 -8.88 -18.90
N VAL B 494 35.31 -9.98 -19.46
CA VAL B 494 34.07 -10.60 -19.02
C VAL B 494 34.33 -12.06 -18.69
N GLY B 495 33.55 -12.61 -17.76
CA GLY B 495 33.71 -14.01 -17.38
C GLY B 495 32.56 -14.50 -16.54
N ASN B 496 32.48 -15.82 -16.43
CA ASN B 496 31.44 -16.49 -15.67
C ASN B 496 31.67 -16.37 -14.17
N TYR B 497 30.67 -16.76 -13.38
CA TYR B 497 30.80 -16.82 -11.93
C TYR B 497 30.46 -18.21 -11.43
N SER B 498 31.15 -18.66 -10.40
CA SER B 498 30.78 -19.84 -9.64
C SER B 498 30.01 -19.41 -8.39
N ILE B 499 29.15 -20.29 -7.89
CA ILE B 499 28.30 -19.97 -6.74
C ILE B 499 28.54 -21.02 -5.67
N ILE B 500 28.99 -20.57 -4.49
CA ILE B 500 29.51 -21.40 -3.42
C ILE B 500 28.68 -21.23 -2.16
N ASN B 501 28.81 -22.20 -1.25
CA ASN B 501 28.13 -22.25 0.03
C ASN B 501 29.14 -22.61 1.11
N TRP B 502 28.95 -22.05 2.31
CA TRP B 502 29.86 -22.25 3.43
C TRP B 502 29.42 -23.45 4.25
N HIS B 503 30.25 -24.49 4.28
CA HIS B 503 30.02 -25.70 5.08
C HIS B 503 31.05 -25.79 6.19
N LEU B 504 30.94 -26.85 6.98
CA LEU B 504 31.84 -27.10 8.10
C LEU B 504 32.47 -28.48 7.94
N SER B 505 33.79 -28.53 8.07
CA SER B 505 34.53 -29.76 7.79
C SER B 505 34.31 -30.79 8.90
N PRO B 506 34.02 -32.04 8.56
CA PRO B 506 33.99 -33.09 9.59
C PRO B 506 35.37 -33.61 9.94
N GLU B 507 36.30 -33.56 8.99
CA GLU B 507 37.65 -34.06 9.24
C GLU B 507 38.44 -33.10 10.12
N ASP B 508 38.29 -31.80 9.89
CA ASP B 508 39.17 -30.78 10.46
C ASP B 508 38.46 -29.80 11.37
N GLY B 509 37.18 -29.55 11.17
CA GLY B 509 36.47 -28.55 11.94
C GLY B 509 36.58 -27.14 11.39
N SER B 510 37.00 -26.97 10.15
CA SER B 510 37.16 -25.67 9.53
C SER B 510 36.12 -25.48 8.44
N ILE B 511 36.18 -24.32 7.78
CA ILE B 511 35.16 -23.91 6.81
C ILE B 511 35.51 -24.47 5.45
N VAL B 512 34.51 -25.01 4.75
CA VAL B 512 34.68 -25.61 3.44
C VAL B 512 33.78 -24.88 2.46
N PHE B 513 34.34 -24.43 1.34
CA PHE B 513 33.56 -23.82 0.28
C PHE B 513 33.16 -24.89 -0.73
N LYS B 514 31.86 -25.14 -0.86
CA LYS B 514 31.34 -26.13 -1.79
C LYS B 514 30.57 -25.42 -2.89
N GLU B 515 30.84 -25.80 -4.13
CA GLU B 515 30.19 -25.17 -5.26
C GLU B 515 28.78 -25.71 -5.43
N VAL B 516 27.79 -24.82 -5.44
CA VAL B 516 26.40 -25.22 -5.59
C VAL B 516 25.77 -24.69 -6.88
N GLY B 517 26.45 -23.85 -7.64
CA GLY B 517 25.83 -23.41 -8.89
C GLY B 517 26.76 -22.60 -9.74
N TYR B 518 26.21 -22.04 -10.81
CA TYR B 518 26.98 -21.15 -11.66
C TYR B 518 26.10 -20.03 -12.20
N TYR B 519 26.76 -19.00 -12.71
CA TYR B 519 26.13 -17.87 -13.37
C TYR B 519 26.84 -17.64 -14.69
N ASN B 520 26.10 -17.76 -15.79
CA ASN B 520 26.63 -17.80 -17.16
C ASN B 520 26.30 -16.46 -17.82
N VAL B 521 27.33 -15.63 -18.00
CA VAL B 521 27.13 -14.26 -18.46
C VAL B 521 26.95 -14.13 -19.96
N TYR B 522 27.08 -15.21 -20.72
CA TYR B 522 26.90 -15.19 -22.16
C TYR B 522 25.52 -15.66 -22.60
N ALA B 523 24.58 -15.76 -21.67
CA ALA B 523 23.27 -16.31 -21.96
C ALA B 523 22.24 -15.19 -22.03
N LYS B 524 21.07 -15.53 -22.56
CA LYS B 524 20.00 -14.56 -22.67
C LYS B 524 19.43 -14.28 -21.29
N LYS B 525 18.97 -13.04 -21.08
CA LYS B 525 18.58 -12.57 -19.76
C LYS B 525 17.40 -13.35 -19.20
N GLY B 526 17.48 -13.68 -17.92
CA GLY B 526 16.52 -14.54 -17.29
C GLY B 526 16.83 -16.02 -17.41
N GLU B 527 17.93 -16.39 -18.07
CA GLU B 527 18.35 -17.78 -18.24
C GLU B 527 19.80 -17.97 -17.85
N ARG B 528 20.35 -17.13 -16.99
CA ARG B 528 21.77 -17.17 -16.66
C ARG B 528 22.09 -17.97 -15.40
N LEU B 529 21.16 -18.08 -14.46
CA LEU B 529 21.41 -18.70 -13.17
C LEU B 529 21.16 -20.20 -13.23
N PHE B 530 22.07 -20.98 -12.64
CA PHE B 530 21.78 -22.38 -12.32
C PHE B 530 22.19 -22.65 -10.89
N ILE B 531 21.31 -23.30 -10.13
CA ILE B 531 21.54 -23.64 -8.73
C ILE B 531 21.04 -25.06 -8.49
N ASN B 532 21.88 -25.90 -7.87
CA ASN B 532 21.53 -27.26 -7.48
C ASN B 532 21.16 -27.24 -6.00
N GLU B 533 19.86 -27.25 -5.69
CA GLU B 533 19.39 -26.92 -4.36
C GLU B 533 19.67 -28.03 -3.35
N GLU B 534 19.92 -29.25 -3.82
CA GLU B 534 20.16 -30.40 -2.95
C GLU B 534 21.53 -30.43 -2.32
N LYS B 535 22.37 -29.40 -2.54
CA LYS B 535 23.70 -29.34 -1.97
C LYS B 535 23.86 -28.17 -1.02
N ILE B 536 22.75 -27.59 -0.56
CA ILE B 536 22.76 -26.38 0.25
C ILE B 536 22.30 -26.74 1.65
N LEU B 537 23.11 -26.37 2.64
CA LEU B 537 22.74 -26.47 4.05
C LEU B 537 22.49 -25.06 4.56
N TRP B 538 21.22 -24.74 4.80
CA TRP B 538 20.86 -23.42 5.29
C TRP B 538 21.24 -23.29 6.76
N SER B 539 21.89 -22.18 7.10
CA SER B 539 22.53 -21.92 8.40
C SER B 539 23.58 -22.95 8.77
N GLY B 540 24.11 -23.68 7.79
CA GLY B 540 25.10 -24.70 8.02
C GLY B 540 24.54 -26.09 8.20
N PHE B 541 23.28 -26.23 8.62
CA PHE B 541 22.77 -27.53 9.03
C PHE B 541 21.38 -27.88 8.51
N SER B 542 20.55 -26.92 8.15
CA SER B 542 19.15 -27.21 7.86
C SER B 542 18.97 -27.53 6.38
N ARG B 543 17.95 -28.32 6.09
CA ARG B 543 17.62 -28.70 4.72
C ARG B 543 16.36 -28.03 4.19
N GLU B 544 15.73 -27.16 4.96
CA GLU B 544 14.50 -26.50 4.54
C GLU B 544 14.77 -25.05 4.16
N VAL B 545 14.13 -24.59 3.10
CA VAL B 545 14.34 -23.22 2.60
C VAL B 545 13.70 -22.23 3.56
N PRO B 546 14.41 -21.21 4.02
CA PRO B 546 13.85 -20.32 5.04
C PRO B 546 12.79 -19.38 4.49
N PHE B 547 12.03 -18.81 5.42
CA PHE B 547 10.95 -17.89 5.10
C PHE B 547 11.43 -16.46 5.32
N SER B 548 11.35 -15.63 4.29
CA SER B 548 11.76 -14.24 4.40
C SER B 548 10.81 -13.32 3.64
N ASN B 549 9.51 -13.50 3.82
CA ASN B 549 8.52 -12.55 3.34
C ASN B 549 8.09 -11.63 4.47
N CYS B 550 7.43 -10.52 4.11
CA CYS B 550 6.98 -9.58 5.15
C CYS B 550 5.79 -10.13 5.92
N SER B 551 4.83 -10.73 5.23
CA SER B 551 3.62 -11.22 5.88
C SER B 551 3.17 -12.49 5.18
N ARG B 552 2.38 -13.28 5.90
CA ARG B 552 1.90 -14.56 5.39
C ARG B 552 0.92 -14.36 4.26
N ASP B 553 0.86 -15.33 3.36
CA ASP B 553 -0.01 -15.23 2.19
C ASP B 553 -1.47 -15.39 2.59
N CYS B 554 -2.33 -14.55 2.01
CA CYS B 554 -3.75 -14.65 2.25
C CYS B 554 -4.32 -15.84 1.48
N LEU B 555 -5.26 -16.53 2.10
CA LEU B 555 -5.86 -17.72 1.50
C LEU B 555 -7.08 -17.35 0.67
N ALA B 556 -7.71 -18.35 0.07
CA ALA B 556 -8.92 -18.14 -0.69
C ALA B 556 -10.07 -17.80 0.26
N GLY B 557 -10.91 -16.87 -0.17
CA GLY B 557 -11.92 -16.31 0.69
C GLY B 557 -11.53 -15.02 1.37
N THR B 558 -10.28 -14.58 1.23
CA THR B 558 -9.84 -13.30 1.77
C THR B 558 -9.23 -12.42 0.69
N ARG B 559 -8.62 -11.32 1.11
CA ARG B 559 -8.33 -10.17 0.24
C ARG B 559 -7.21 -9.38 0.91
N LYS B 560 -6.35 -8.79 0.10
CA LYS B 560 -5.23 -8.03 0.65
C LYS B 560 -5.67 -6.65 1.11
N GLY B 561 -5.20 -6.24 2.28
CA GLY B 561 -5.54 -4.93 2.82
C GLY B 561 -4.30 -4.14 3.16
N ILE B 562 -4.38 -2.83 2.94
CA ILE B 562 -3.24 -1.94 3.13
C ILE B 562 -2.97 -1.73 4.61
N ILE B 563 -1.68 -1.68 4.96
CA ILE B 563 -1.22 -1.18 6.26
C ILE B 563 -0.49 0.13 5.98
N GLU B 564 -0.99 1.22 6.55
CA GLU B 564 -0.47 2.54 6.20
C GLU B 564 0.89 2.81 6.82
N GLY B 565 1.76 3.46 6.06
CA GLY B 565 3.12 3.72 6.47
C GLY B 565 4.11 2.62 6.18
N GLU B 566 3.67 1.51 5.62
CA GLU B 566 4.47 0.33 5.36
C GLU B 566 4.53 0.08 3.86
N PRO B 567 5.57 -0.61 3.36
CA PRO B 567 5.68 -0.85 1.91
C PRO B 567 4.63 -1.82 1.41
N THR B 568 4.62 -2.00 0.08
CA THR B 568 3.54 -2.71 -0.57
C THR B 568 3.60 -4.22 -0.39
N CYS B 569 4.72 -4.73 0.12
CA CYS B 569 4.87 -6.15 0.43
C CYS B 569 4.25 -6.54 1.76
N CYS B 570 3.73 -5.58 2.53
CA CYS B 570 3.22 -5.82 3.87
C CYS B 570 1.73 -5.50 3.90
N PHE B 571 0.91 -6.47 4.28
CA PHE B 571 -0.52 -6.37 4.12
C PHE B 571 -1.24 -7.17 5.19
N GLU B 572 -2.53 -6.92 5.31
CA GLU B 572 -3.44 -7.70 6.14
C GLU B 572 -4.33 -8.57 5.26
N CYS B 573 -5.01 -9.52 5.88
CA CYS B 573 -5.92 -10.41 5.17
C CYS B 573 -7.33 -10.19 5.68
N VAL B 574 -8.17 -9.56 4.84
CA VAL B 574 -9.53 -9.20 5.16
C VAL B 574 -10.46 -10.15 4.43
N GLU B 575 -11.50 -10.64 5.09
CA GLU B 575 -12.40 -11.59 4.44
C GLU B 575 -13.27 -10.89 3.41
N CYS B 576 -13.55 -11.61 2.31
CA CYS B 576 -14.43 -11.10 1.27
C CYS B 576 -15.84 -10.91 1.83
N PRO B 577 -16.59 -9.93 1.31
CA PRO B 577 -17.94 -9.68 1.82
C PRO B 577 -18.95 -10.73 1.41
N ASP B 578 -20.23 -10.43 1.65
CA ASP B 578 -21.29 -11.44 1.69
C ASP B 578 -21.52 -12.08 0.33
N GLY B 579 -21.49 -11.29 -0.75
CA GLY B 579 -21.81 -11.80 -2.06
C GLY B 579 -20.68 -12.03 -3.04
N GLU B 580 -19.42 -12.04 -2.60
CA GLU B 580 -18.27 -12.10 -3.49
C GLU B 580 -17.34 -13.23 -3.04
N TYR B 581 -16.60 -13.82 -3.99
CA TYR B 581 -15.69 -14.88 -3.58
C TYR B 581 -14.26 -14.36 -3.66
N SER B 582 -13.33 -15.28 -3.44
CA SER B 582 -11.95 -15.11 -3.88
C SER B 582 -11.44 -16.47 -4.32
N ASP B 583 -10.99 -16.58 -5.57
CA ASP B 583 -10.71 -17.88 -6.18
C ASP B 583 -9.31 -18.37 -5.78
N GLU B 584 -8.32 -17.51 -5.85
CA GLU B 584 -6.92 -17.90 -5.69
C GLU B 584 -6.37 -17.41 -4.35
N THR B 585 -5.07 -17.61 -4.15
CA THR B 585 -4.35 -17.00 -3.05
C THR B 585 -3.73 -15.69 -3.50
N ASP B 586 -3.54 -14.78 -2.54
CA ASP B 586 -2.98 -13.43 -2.73
C ASP B 586 -3.75 -12.64 -3.79
N ALA B 587 -5.05 -12.52 -3.54
CA ALA B 587 -5.93 -11.72 -4.38
C ALA B 587 -6.08 -10.34 -3.77
N SER B 588 -5.90 -9.31 -4.60
CA SER B 588 -6.05 -7.94 -4.15
C SER B 588 -7.48 -7.44 -4.19
N ALA B 589 -8.42 -8.24 -4.71
CA ALA B 589 -9.81 -7.83 -4.81
C ALA B 589 -10.69 -9.05 -4.72
N CYS B 590 -11.97 -8.82 -4.43
CA CYS B 590 -12.98 -9.87 -4.39
C CYS B 590 -13.89 -9.69 -5.60
N ASN B 591 -14.18 -10.79 -6.28
CA ASN B 591 -14.98 -10.75 -7.50
C ASN B 591 -16.44 -11.02 -7.18
N LYS B 592 -17.30 -10.09 -7.62
CA LYS B 592 -18.75 -10.20 -7.40
C LYS B 592 -19.24 -11.46 -8.10
N CYS B 593 -20.03 -12.30 -7.43
CA CYS B 593 -20.49 -13.58 -8.04
C CYS B 593 -21.57 -13.28 -9.08
N PRO B 594 -21.77 -14.10 -10.14
CA PRO B 594 -22.75 -13.81 -11.21
C PRO B 594 -24.21 -13.74 -10.75
N ASP B 595 -25.10 -13.21 -11.58
CA ASP B 595 -26.51 -12.93 -11.15
C ASP B 595 -27.25 -14.16 -10.62
N ASP B 596 -27.10 -15.33 -11.22
CA ASP B 596 -27.92 -16.49 -10.79
C ASP B 596 -27.23 -17.25 -9.66
N PHE B 597 -26.08 -16.77 -9.18
CA PHE B 597 -25.32 -17.53 -8.15
C PHE B 597 -25.06 -16.66 -6.92
N TRP B 598 -24.98 -17.27 -5.74
CA TRP B 598 -24.68 -16.53 -4.48
C TRP B 598 -23.49 -17.19 -3.80
N SER B 599 -22.63 -16.44 -3.11
CA SER B 599 -21.37 -16.99 -2.54
C SER B 599 -21.60 -18.04 -1.45
N ASN B 600 -20.72 -19.03 -1.38
CA ASN B 600 -20.78 -20.06 -0.32
C ASN B 600 -20.33 -19.44 1.00
N GLU B 601 -20.68 -20.04 2.13
CA GLU B 601 -20.29 -19.50 3.46
C GLU B 601 -18.77 -19.47 3.58
N ASN B 602 -18.10 -20.50 3.06
CA ASN B 602 -16.60 -20.52 3.07
C ASN B 602 -16.08 -19.33 2.25
N HIS B 603 -16.77 -18.96 1.16
CA HIS B 603 -16.36 -17.85 0.26
C HIS B 603 -15.26 -18.33 -0.70
N THR B 604 -15.02 -19.64 -0.76
CA THR B 604 -14.06 -20.19 -1.75
C THR B 604 -14.62 -20.02 -3.17
N SER B 605 -15.90 -20.34 -3.37
CA SER B 605 -16.55 -20.31 -4.73
C SER B 605 -18.06 -20.16 -4.54
N CYS B 606 -18.82 -19.88 -5.60
CA CYS B 606 -20.27 -19.62 -5.39
C CYS B 606 -21.17 -20.65 -6.07
N ILE B 607 -22.36 -20.91 -5.50
CA ILE B 607 -23.26 -21.93 -6.01
C ILE B 607 -24.56 -21.26 -6.44
N ALA B 608 -25.39 -22.03 -7.16
CA ALA B 608 -26.62 -21.50 -7.73
C ALA B 608 -27.64 -21.18 -6.63
N LYS B 609 -28.52 -20.24 -6.94
CA LYS B 609 -29.50 -19.79 -5.97
C LYS B 609 -30.61 -20.82 -5.81
N GLU B 610 -31.55 -20.53 -4.92
CA GLU B 610 -32.67 -21.42 -4.63
C GLU B 610 -33.93 -20.75 -5.18
N ILE B 611 -34.63 -21.46 -6.06
CA ILE B 611 -35.84 -20.95 -6.68
C ILE B 611 -37.05 -21.38 -5.85
N GLU B 612 -38.01 -20.47 -5.70
CA GLU B 612 -39.13 -20.71 -4.79
C GLU B 612 -40.45 -20.47 -5.51
N PHE B 613 -41.34 -21.47 -5.41
CA PHE B 613 -42.68 -21.52 -5.97
C PHE B 613 -43.40 -22.71 -5.36
N LEU B 614 -44.69 -22.57 -5.13
CA LEU B 614 -45.49 -23.67 -4.61
C LEU B 614 -45.62 -24.74 -5.69
N SER B 615 -45.32 -25.99 -5.32
CA SER B 615 -45.06 -27.01 -6.32
C SER B 615 -45.81 -28.29 -6.02
N TRP B 616 -45.90 -29.13 -7.04
CA TRP B 616 -46.32 -30.51 -6.88
C TRP B 616 -45.25 -31.29 -6.12
N THR B 617 -45.63 -32.47 -5.63
CA THR B 617 -44.78 -33.39 -4.84
C THR B 617 -44.17 -32.69 -3.63
N GLU B 618 -44.96 -31.84 -2.98
CA GLU B 618 -44.61 -31.10 -1.79
C GLU B 618 -45.68 -31.35 -0.74
N PRO B 619 -45.32 -31.59 0.52
CA PRO B 619 -46.31 -32.04 1.52
C PRO B 619 -47.39 -31.02 1.89
N PHE B 620 -47.41 -29.82 1.30
CA PHE B 620 -48.52 -28.90 1.41
C PHE B 620 -49.38 -28.88 0.14
N GLY B 621 -48.72 -28.95 -1.02
CA GLY B 621 -49.43 -29.03 -2.28
C GLY B 621 -50.22 -30.32 -2.45
N ILE B 622 -49.73 -31.42 -1.88
CA ILE B 622 -50.47 -32.68 -1.89
C ILE B 622 -51.77 -32.54 -1.12
N ALA B 623 -51.74 -31.85 0.02
CA ALA B 623 -52.95 -31.61 0.80
C ALA B 623 -53.94 -30.74 0.04
N LEU B 624 -53.45 -29.69 -0.62
CA LEU B 624 -54.35 -28.85 -1.42
C LEU B 624 -54.96 -29.60 -2.60
N THR B 625 -54.15 -30.45 -3.26
CA THR B 625 -54.64 -31.26 -4.37
C THR B 625 -55.71 -32.24 -3.89
N LEU B 626 -55.50 -32.88 -2.74
CA LEU B 626 -56.48 -33.83 -2.22
C LEU B 626 -57.77 -33.14 -1.80
N PHE B 627 -57.69 -31.91 -1.27
CA PHE B 627 -58.92 -31.18 -0.97
C PHE B 627 -59.68 -30.80 -2.23
N ALA B 628 -58.97 -30.42 -3.30
CA ALA B 628 -59.63 -30.10 -4.56
C ALA B 628 -60.30 -31.33 -5.17
N VAL B 629 -59.64 -32.49 -5.11
CA VAL B 629 -60.22 -33.73 -5.63
C VAL B 629 -61.42 -34.14 -4.80
N LEU B 630 -61.37 -33.93 -3.48
CA LEU B 630 -62.53 -34.20 -2.62
C LEU B 630 -63.71 -33.30 -2.98
N GLY B 631 -63.44 -32.03 -3.29
CA GLY B 631 -64.51 -31.14 -3.74
C GLY B 631 -65.14 -31.55 -5.05
N ILE B 632 -64.32 -31.97 -6.02
CA ILE B 632 -64.84 -32.41 -7.31
C ILE B 632 -65.65 -33.70 -7.15
N PHE B 633 -65.20 -34.61 -6.28
CA PHE B 633 -65.95 -35.83 -6.01
C PHE B 633 -67.29 -35.55 -5.34
N LEU B 634 -67.32 -34.60 -4.41
CA LEU B 634 -68.60 -34.22 -3.78
C LEU B 634 -69.57 -33.60 -4.78
N THR B 635 -69.06 -32.74 -5.67
CA THR B 635 -69.94 -32.12 -6.66
C THR B 635 -70.47 -33.15 -7.65
N ALA B 636 -69.63 -34.12 -8.04
CA ALA B 636 -70.11 -35.20 -8.88
C ALA B 636 -71.13 -36.08 -8.18
N PHE B 637 -70.99 -36.26 -6.86
CA PHE B 637 -71.98 -37.02 -6.09
C PHE B 637 -73.33 -36.31 -6.08
N VAL B 638 -73.33 -35.00 -5.84
CA VAL B 638 -74.58 -34.23 -5.81
C VAL B 638 -75.24 -34.21 -7.19
N LEU B 639 -74.43 -34.09 -8.25
CA LEU B 639 -74.96 -34.15 -9.61
C LEU B 639 -75.55 -35.52 -9.92
N GLY B 640 -74.91 -36.59 -9.44
CA GLY B 640 -75.45 -37.92 -9.65
C GLY B 640 -76.76 -38.15 -8.92
N VAL B 641 -76.89 -37.60 -7.71
CA VAL B 641 -78.14 -37.71 -6.97
C VAL B 641 -79.26 -36.93 -7.67
N PHE B 642 -78.95 -35.74 -8.19
CA PHE B 642 -79.98 -34.96 -8.88
C PHE B 642 -80.39 -35.58 -10.21
N ILE B 643 -79.45 -36.19 -10.94
CA ILE B 643 -79.83 -36.86 -12.18
C ILE B 643 -80.58 -38.16 -11.90
N LYS B 644 -80.24 -38.85 -10.80
CA LYS B 644 -80.82 -40.17 -10.54
C LYS B 644 -82.31 -40.12 -10.23
N PHE B 645 -82.83 -38.99 -9.76
CA PHE B 645 -84.25 -38.81 -9.49
C PHE B 645 -84.64 -37.40 -9.97
N ARG B 646 -85.09 -37.31 -11.22
CA ARG B 646 -85.44 -36.03 -11.81
C ARG B 646 -86.92 -35.88 -12.13
N ASN B 647 -87.74 -36.89 -11.81
CA ASN B 647 -89.19 -36.78 -11.84
C ASN B 647 -89.79 -36.75 -10.45
N THR B 648 -88.96 -36.66 -9.42
CA THR B 648 -89.42 -36.53 -8.05
C THR B 648 -89.79 -35.07 -7.78
N PRO B 649 -90.79 -34.81 -6.92
CA PRO B 649 -91.29 -33.43 -6.78
C PRO B 649 -90.31 -32.43 -6.19
N ILE B 650 -89.30 -32.87 -5.44
CA ILE B 650 -88.38 -31.94 -4.80
C ILE B 650 -87.51 -31.23 -5.83
N VAL B 651 -87.10 -31.93 -6.88
CA VAL B 651 -86.26 -31.31 -7.88
C VAL B 651 -87.10 -30.59 -8.95
N LYS B 652 -88.33 -31.05 -9.20
CA LYS B 652 -89.18 -30.36 -10.17
C LYS B 652 -89.80 -29.09 -9.62
N ALA B 653 -89.96 -28.98 -8.29
CA ALA B 653 -90.45 -27.74 -7.71
C ALA B 653 -89.42 -26.62 -7.87
N THR B 654 -88.15 -26.93 -7.66
CA THR B 654 -87.08 -26.05 -8.07
C THR B 654 -87.00 -26.08 -9.60
N ASN B 655 -86.40 -25.05 -10.19
CA ASN B 655 -86.21 -25.03 -11.63
C ASN B 655 -85.23 -26.12 -12.02
N ARG B 656 -85.74 -27.14 -12.71
CA ARG B 656 -84.96 -28.34 -13.00
C ARG B 656 -83.85 -28.06 -14.00
N GLU B 657 -84.14 -27.28 -15.03
CA GLU B 657 -83.17 -27.00 -16.08
C GLU B 657 -82.10 -26.00 -15.67
N LEU B 658 -82.23 -25.37 -14.50
CA LEU B 658 -81.32 -24.31 -14.11
C LEU B 658 -80.29 -24.76 -13.07
N SER B 659 -80.57 -25.82 -12.31
CA SER B 659 -79.60 -26.31 -11.34
C SER B 659 -78.42 -27.01 -11.99
N TYR B 660 -78.58 -27.48 -13.24
CA TYR B 660 -77.47 -28.14 -13.93
C TYR B 660 -76.35 -27.15 -14.23
N LEU B 661 -76.70 -25.92 -14.61
CA LEU B 661 -75.69 -24.88 -14.84
C LEU B 661 -75.00 -24.51 -13.53
N LEU B 662 -75.74 -24.51 -12.42
CA LEU B 662 -75.16 -24.25 -11.11
C LEU B 662 -74.14 -25.31 -10.73
N LEU B 663 -74.47 -26.58 -10.96
CA LEU B 663 -73.54 -27.65 -10.61
C LEU B 663 -72.34 -27.68 -11.55
N PHE B 664 -72.55 -27.36 -12.82
CA PHE B 664 -71.42 -27.26 -13.76
C PHE B 664 -70.50 -26.10 -13.40
N SER B 665 -71.07 -24.97 -12.95
CA SER B 665 -70.26 -23.84 -12.53
C SER B 665 -69.49 -24.15 -11.25
N LEU B 666 -70.07 -24.94 -10.34
CA LEU B 666 -69.32 -25.37 -9.17
C LEU B 666 -68.19 -26.33 -9.54
N LEU B 667 -68.41 -27.19 -10.54
CA LEU B 667 -67.35 -28.05 -11.05
C LEU B 667 -66.20 -27.23 -11.64
N CYS B 668 -66.54 -26.20 -12.42
CA CYS B 668 -65.50 -25.33 -12.98
C CYS B 668 -64.82 -24.50 -11.90
N CYS B 669 -65.54 -24.11 -10.84
CA CYS B 669 -64.95 -23.34 -9.75
C CYS B 669 -63.97 -24.18 -8.95
N PHE B 670 -64.30 -25.45 -8.71
CA PHE B 670 -63.34 -26.37 -8.09
C PHE B 670 -62.15 -26.64 -8.99
N SER B 671 -62.38 -26.84 -10.29
CA SER B 671 -61.26 -27.17 -11.18
C SER B 671 -60.39 -25.98 -11.53
N SER B 672 -60.87 -24.75 -11.32
CA SER B 672 -60.08 -23.57 -11.66
C SER B 672 -59.05 -23.23 -10.60
N SER B 673 -59.11 -23.85 -9.43
CA SER B 673 -58.13 -23.58 -8.38
C SER B 673 -56.83 -24.34 -8.58
N LEU B 674 -56.78 -25.29 -9.51
CA LEU B 674 -55.55 -26.01 -9.80
C LEU B 674 -54.54 -25.19 -10.60
N PHE B 675 -54.94 -24.06 -11.15
CA PHE B 675 -54.02 -23.25 -11.94
C PHE B 675 -53.02 -22.51 -11.08
N PHE B 676 -53.34 -22.25 -9.82
CA PHE B 676 -52.40 -21.57 -8.92
C PHE B 676 -51.28 -22.49 -8.46
N ILE B 677 -51.55 -23.77 -8.27
CA ILE B 677 -50.55 -24.70 -7.79
C ILE B 677 -49.64 -25.10 -8.94
N GLY B 678 -48.35 -25.06 -8.72
CA GLY B 678 -47.38 -25.52 -9.70
C GLY B 678 -46.40 -24.41 -10.05
N GLU B 679 -45.55 -24.72 -11.02
CA GLU B 679 -44.58 -23.73 -11.47
C GLU B 679 -45.28 -22.65 -12.29
N PRO B 680 -45.15 -21.39 -11.92
CA PRO B 680 -45.90 -20.33 -12.62
C PRO B 680 -45.35 -20.04 -14.00
N GLN B 681 -45.79 -20.82 -14.98
CA GLN B 681 -45.41 -20.61 -16.36
C GLN B 681 -46.14 -19.40 -16.94
N ASP B 682 -45.93 -19.18 -18.24
CA ASP B 682 -46.44 -17.96 -18.86
C ASP B 682 -47.95 -18.03 -19.07
N TRP B 683 -48.47 -19.18 -19.53
CA TRP B 683 -49.88 -19.25 -19.86
C TRP B 683 -50.77 -19.61 -18.68
N THR B 684 -50.22 -19.81 -17.50
CA THR B 684 -51.05 -19.96 -16.32
C THR B 684 -51.27 -18.66 -15.58
N CYS B 685 -50.29 -17.74 -15.67
CA CYS B 685 -50.47 -16.40 -15.10
C CYS B 685 -51.53 -15.61 -15.85
N ARG B 686 -51.75 -15.94 -17.11
CA ARG B 686 -52.76 -15.27 -17.93
C ARG B 686 -54.16 -15.81 -17.71
N LEU B 687 -54.31 -16.97 -17.06
CA LEU B 687 -55.62 -17.59 -16.89
C LEU B 687 -55.96 -17.96 -15.46
N ARG B 688 -55.11 -17.63 -14.47
CA ARG B 688 -55.46 -17.99 -13.10
C ARG B 688 -56.60 -17.14 -12.56
N GLN B 689 -56.62 -15.85 -12.88
CA GLN B 689 -57.71 -14.97 -12.46
C GLN B 689 -58.98 -15.04 -13.34
N PRO B 690 -58.92 -15.00 -14.69
CA PRO B 690 -60.17 -15.03 -15.47
C PRO B 690 -61.02 -16.27 -15.31
N ALA B 691 -60.41 -17.45 -15.11
CA ALA B 691 -61.18 -18.68 -15.01
C ALA B 691 -62.06 -18.68 -13.77
N PHE B 692 -61.48 -18.33 -12.62
CA PHE B 692 -62.26 -18.22 -11.39
C PHE B 692 -63.28 -17.09 -11.47
N GLY B 693 -62.91 -15.97 -12.11
CA GLY B 693 -63.85 -14.86 -12.23
C GLY B 693 -65.09 -15.23 -13.03
N ILE B 694 -64.90 -15.81 -14.21
CA ILE B 694 -66.03 -16.16 -15.09
C ILE B 694 -66.88 -17.27 -14.45
N SER B 695 -66.23 -18.32 -13.93
CA SER B 695 -66.98 -19.45 -13.36
C SER B 695 -67.78 -19.03 -12.14
N PHE B 696 -67.19 -18.20 -11.28
CA PHE B 696 -67.89 -17.85 -10.07
C PHE B 696 -68.98 -16.82 -10.32
N VAL B 697 -68.81 -15.94 -11.31
CA VAL B 697 -69.90 -15.02 -11.69
C VAL B 697 -71.06 -15.79 -12.30
N LEU B 698 -70.76 -16.86 -13.06
CA LEU B 698 -71.82 -17.76 -13.54
C LEU B 698 -72.57 -18.41 -12.38
N CYS B 699 -71.82 -18.79 -11.34
CA CYS B 699 -72.46 -19.37 -10.14
C CYS B 699 -73.37 -18.37 -9.43
N ILE B 700 -72.91 -17.12 -9.28
CA ILE B 700 -73.71 -16.10 -8.61
C ILE B 700 -74.96 -15.77 -9.42
N SER B 701 -74.85 -15.75 -10.75
CA SER B 701 -76.01 -15.50 -11.59
C SER B 701 -77.03 -16.63 -11.46
N CYS B 702 -76.57 -17.89 -11.47
CA CYS B 702 -77.48 -19.02 -11.31
C CYS B 702 -78.13 -19.04 -9.92
N ILE B 703 -77.46 -18.52 -8.91
CA ILE B 703 -78.14 -18.30 -7.62
C ILE B 703 -79.16 -17.19 -7.74
N LEU B 704 -78.82 -16.11 -8.44
CA LEU B 704 -79.59 -14.88 -8.36
C LEU B 704 -80.90 -14.98 -9.13
N VAL B 705 -80.99 -15.85 -10.13
CA VAL B 705 -82.26 -15.99 -10.83
C VAL B 705 -83.30 -16.71 -9.96
N LYS B 706 -82.89 -17.73 -9.21
CA LYS B 706 -83.86 -18.56 -8.49
C LYS B 706 -84.29 -17.98 -7.14
N THR B 707 -84.13 -16.69 -6.91
CA THR B 707 -84.65 -16.01 -5.73
C THR B 707 -86.08 -15.55 -6.02
N ASN B 708 -86.90 -15.45 -4.98
CA ASN B 708 -88.24 -14.91 -5.14
C ASN B 708 -88.14 -13.40 -5.38
N ARG B 709 -89.11 -12.89 -6.15
CA ARG B 709 -89.37 -11.47 -6.37
C ARG B 709 -88.21 -10.75 -7.05
N VAL B 710 -87.39 -11.45 -7.82
CA VAL B 710 -86.35 -10.83 -8.63
C VAL B 710 -86.64 -11.04 -10.12
N LEU B 711 -87.77 -11.64 -10.46
CA LEU B 711 -88.21 -11.72 -11.84
C LEU B 711 -89.56 -11.04 -12.03
N LEU B 712 -89.68 -9.81 -11.56
CA LEU B 712 -90.86 -9.01 -11.88
C LEU B 712 -90.87 -8.62 -13.35
N VAL B 713 -89.71 -8.29 -13.91
CA VAL B 713 -89.55 -7.96 -15.33
C VAL B 713 -88.07 -8.10 -15.69
N GLY B 728 -86.35 -14.22 -24.86
CA GLY B 728 -86.55 -15.06 -26.03
C GLY B 728 -87.64 -16.09 -25.81
N LEU B 729 -87.34 -17.35 -26.14
CA LEU B 729 -88.31 -18.42 -25.94
C LEU B 729 -88.44 -18.76 -24.46
N ASN B 730 -87.33 -18.88 -23.76
CA ASN B 730 -87.32 -19.05 -22.31
C ASN B 730 -86.65 -17.82 -21.71
N LEU B 731 -87.28 -17.25 -20.69
CA LEU B 731 -87.00 -15.90 -20.25
C LEU B 731 -86.12 -15.82 -19.02
N GLN B 732 -85.62 -16.94 -18.52
CA GLN B 732 -84.74 -16.92 -17.35
C GLN B 732 -83.27 -16.98 -17.69
N PHE B 733 -82.91 -17.52 -18.86
CA PHE B 733 -81.50 -17.63 -19.20
C PHE B 733 -80.91 -16.34 -19.74
N LEU B 734 -81.76 -15.37 -20.14
CA LEU B 734 -81.24 -14.10 -20.60
C LEU B 734 -80.55 -13.33 -19.49
N LEU B 735 -81.04 -13.44 -18.26
CA LEU B 735 -80.37 -12.80 -17.14
C LEU B 735 -78.99 -13.39 -16.89
N VAL B 736 -78.89 -14.72 -16.97
CA VAL B 736 -77.61 -15.40 -16.80
C VAL B 736 -76.63 -15.02 -17.90
N PHE B 737 -77.12 -14.98 -19.15
CA PHE B 737 -76.26 -14.63 -20.28
C PHE B 737 -75.79 -13.19 -20.20
N LEU B 738 -76.68 -12.27 -19.87
CA LEU B 738 -76.29 -10.86 -19.81
C LEU B 738 -75.49 -10.53 -18.56
N CYS B 739 -75.51 -11.38 -17.53
CA CYS B 739 -74.60 -11.15 -16.41
C CYS B 739 -73.25 -11.82 -16.59
N THR B 740 -73.15 -12.88 -17.39
CA THR B 740 -71.85 -13.49 -17.66
C THR B 740 -71.10 -12.75 -18.77
N PHE B 741 -71.85 -12.10 -19.68
CA PHE B 741 -71.26 -11.43 -20.83
C PHE B 741 -70.36 -10.28 -20.43
N MET B 742 -70.65 -9.62 -19.30
CA MET B 742 -69.82 -8.51 -18.86
C MET B 742 -68.44 -8.98 -18.40
N GLN B 743 -68.38 -10.08 -17.62
CA GLN B 743 -67.08 -10.63 -17.25
C GLN B 743 -66.33 -11.17 -18.44
N ILE B 744 -67.05 -11.76 -19.40
CA ILE B 744 -66.38 -12.25 -20.62
C ILE B 744 -65.74 -11.10 -21.38
N VAL B 745 -66.48 -10.00 -21.58
CA VAL B 745 -65.91 -8.90 -22.36
C VAL B 745 -64.82 -8.16 -21.59
N ILE B 746 -64.94 -8.04 -20.25
CA ILE B 746 -63.88 -7.43 -19.45
C ILE B 746 -62.59 -8.24 -19.55
N CYS B 747 -62.71 -9.56 -19.49
CA CYS B 747 -61.55 -10.43 -19.60
C CYS B 747 -60.91 -10.33 -20.97
N VAL B 748 -61.73 -10.24 -22.03
CA VAL B 748 -61.19 -10.18 -23.39
C VAL B 748 -60.44 -8.87 -23.63
N ILE B 749 -61.02 -7.73 -23.21
CA ILE B 749 -60.34 -6.46 -23.45
C ILE B 749 -59.07 -6.33 -22.58
N TRP B 750 -59.10 -6.84 -21.34
CA TRP B 750 -57.91 -6.78 -20.49
C TRP B 750 -56.79 -7.63 -21.10
N LEU B 751 -57.11 -8.87 -21.47
CA LEU B 751 -56.11 -9.76 -22.00
C LEU B 751 -55.66 -9.36 -23.39
N TYR B 752 -56.40 -8.50 -24.07
CA TYR B 752 -55.94 -8.01 -25.37
C TYR B 752 -55.01 -6.82 -25.19
N THR B 753 -55.31 -5.87 -24.29
CA THR B 753 -54.45 -4.69 -24.26
C THR B 753 -53.13 -4.92 -23.52
N ALA B 754 -53.15 -5.71 -22.44
CA ALA B 754 -51.98 -5.84 -21.58
C ALA B 754 -52.05 -7.12 -20.76
N PRO B 755 -51.57 -8.24 -21.29
CA PRO B 755 -51.72 -9.51 -20.59
C PRO B 755 -50.78 -9.61 -19.41
N PRO B 756 -51.11 -10.43 -18.41
CA PRO B 756 -50.14 -10.75 -17.36
C PRO B 756 -49.00 -11.61 -17.90
N SER B 757 -47.93 -11.70 -17.12
CA SER B 757 -46.75 -12.44 -17.56
C SER B 757 -46.10 -13.11 -16.37
N SER B 758 -45.06 -13.89 -16.62
CA SER B 758 -44.27 -14.46 -15.55
C SER B 758 -43.21 -13.45 -15.10
N TYR B 759 -42.66 -13.66 -13.92
CA TYR B 759 -41.73 -12.68 -13.36
C TYR B 759 -40.83 -13.36 -12.35
N ARG B 760 -39.52 -13.23 -12.55
CA ARG B 760 -38.53 -13.79 -11.63
C ARG B 760 -38.13 -12.71 -10.64
N ASN B 761 -38.58 -12.82 -9.40
CA ASN B 761 -38.42 -11.78 -8.41
C ASN B 761 -37.14 -12.00 -7.62
N GLN B 762 -36.27 -10.99 -7.62
CA GLN B 762 -34.98 -11.06 -6.97
C GLN B 762 -34.77 -10.01 -5.90
N GLU B 763 -35.71 -9.09 -5.70
CA GLU B 763 -35.52 -7.95 -4.84
C GLU B 763 -36.04 -8.14 -3.43
N LEU B 764 -36.56 -9.31 -3.09
CA LEU B 764 -37.03 -9.53 -1.73
C LEU B 764 -35.94 -10.11 -0.84
N GLU B 765 -35.31 -11.21 -1.27
CA GLU B 765 -34.20 -11.79 -0.55
C GLU B 765 -33.04 -12.02 -1.51
N ASP B 766 -31.82 -11.90 -0.99
CA ASP B 766 -30.64 -12.06 -1.83
C ASP B 766 -30.37 -13.53 -2.14
N GLU B 767 -30.56 -14.42 -1.16
CA GLU B 767 -30.14 -15.80 -1.31
C GLU B 767 -31.07 -16.60 -2.23
N ILE B 768 -32.36 -16.29 -2.21
CA ILE B 768 -33.35 -17.05 -2.96
C ILE B 768 -34.08 -16.13 -3.93
N ILE B 769 -34.60 -16.70 -5.01
CA ILE B 769 -35.39 -15.97 -5.99
C ILE B 769 -36.76 -16.62 -6.09
N PHE B 770 -37.77 -15.80 -6.26
CA PHE B 770 -39.14 -16.28 -6.34
C PHE B 770 -39.61 -16.31 -7.79
N ILE B 771 -40.59 -17.14 -8.07
CA ILE B 771 -41.24 -17.15 -9.37
C ILE B 771 -42.69 -16.73 -9.16
N THR B 772 -43.05 -15.53 -9.62
CA THR B 772 -44.38 -14.98 -9.40
C THR B 772 -44.98 -14.57 -10.74
N CYS B 773 -46.20 -14.02 -10.68
CA CYS B 773 -46.91 -13.55 -11.86
C CYS B 773 -47.01 -12.03 -11.80
N HIS B 774 -46.54 -11.37 -12.86
CA HIS B 774 -46.73 -9.93 -12.99
C HIS B 774 -48.10 -9.66 -13.58
N GLU B 775 -48.86 -8.78 -12.93
CA GLU B 775 -50.27 -8.60 -13.26
C GLU B 775 -50.46 -7.88 -14.60
N GLY B 776 -49.67 -6.83 -14.84
CA GLY B 776 -49.81 -6.08 -16.07
C GLY B 776 -50.57 -4.79 -15.89
N SER B 777 -51.66 -4.84 -15.12
CA SER B 777 -52.45 -3.66 -14.77
C SER B 777 -53.29 -4.00 -13.55
N LEU B 778 -53.83 -2.96 -12.91
CA LEU B 778 -54.70 -3.13 -11.76
C LEU B 778 -56.10 -2.56 -11.96
N MET B 779 -56.31 -1.72 -12.98
CA MET B 779 -57.65 -1.20 -13.26
C MET B 779 -58.61 -2.31 -13.68
N ALA B 780 -58.15 -3.22 -14.54
CA ALA B 780 -59.00 -4.30 -15.01
C ALA B 780 -59.26 -5.32 -13.92
N LEU B 781 -58.26 -5.58 -13.06
CA LEU B 781 -58.48 -6.46 -11.92
C LEU B 781 -59.44 -5.83 -10.92
N GLY B 782 -59.37 -4.50 -10.77
CA GLY B 782 -60.33 -3.81 -9.92
C GLY B 782 -61.76 -3.94 -10.42
N PHE B 783 -61.97 -3.78 -11.74
CA PHE B 783 -63.29 -4.03 -12.30
C PHE B 783 -63.73 -5.48 -12.13
N LEU B 784 -62.81 -6.43 -12.32
CA LEU B 784 -63.18 -7.84 -12.28
C LEU B 784 -63.50 -8.31 -10.86
N ILE B 785 -62.99 -7.64 -9.84
CA ILE B 785 -63.44 -7.93 -8.47
C ILE B 785 -64.69 -7.15 -8.11
N GLY B 786 -64.78 -5.89 -8.56
CA GLY B 786 -65.93 -5.06 -8.20
C GLY B 786 -67.24 -5.52 -8.79
N TYR B 787 -67.21 -6.08 -10.00
CA TYR B 787 -68.43 -6.61 -10.61
C TYR B 787 -68.97 -7.81 -9.84
N THR B 788 -68.08 -8.71 -9.41
CA THR B 788 -68.48 -9.86 -8.62
C THR B 788 -69.04 -9.43 -7.27
N CYS B 789 -68.39 -8.45 -6.63
CA CYS B 789 -68.91 -7.95 -5.36
C CYS B 789 -70.24 -7.22 -5.52
N LEU B 790 -70.45 -6.58 -6.68
CA LEU B 790 -71.73 -5.92 -6.95
C LEU B 790 -72.87 -6.93 -7.11
N LEU B 791 -72.63 -8.00 -7.86
CA LEU B 791 -73.66 -9.04 -8.00
C LEU B 791 -73.94 -9.74 -6.67
N ALA B 792 -72.89 -9.96 -5.87
CA ALA B 792 -73.09 -10.55 -4.55
C ALA B 792 -73.91 -9.64 -3.64
N ALA B 793 -73.67 -8.32 -3.72
CA ALA B 793 -74.43 -7.38 -2.91
C ALA B 793 -75.90 -7.32 -3.31
N ILE B 794 -76.18 -7.34 -4.62
CA ILE B 794 -77.57 -7.31 -5.09
C ILE B 794 -78.31 -8.58 -4.69
N CYS B 795 -77.66 -9.74 -4.83
CA CYS B 795 -78.31 -10.99 -4.43
C CYS B 795 -78.50 -11.07 -2.92
N PHE B 796 -77.56 -10.53 -2.15
CA PHE B 796 -77.67 -10.55 -0.69
C PHE B 796 -78.83 -9.65 -0.26
N PHE B 797 -79.00 -8.51 -0.93
CA PHE B 797 -80.11 -7.60 -0.63
C PHE B 797 -81.45 -8.25 -0.94
N PHE B 798 -81.62 -8.78 -2.14
CA PHE B 798 -82.90 -9.39 -2.50
C PHE B 798 -83.15 -10.74 -1.84
N ALA B 799 -82.15 -11.35 -1.21
CA ALA B 799 -82.40 -12.56 -0.42
C ALA B 799 -82.69 -12.25 1.03
N PHE B 800 -82.02 -11.25 1.60
CA PHE B 800 -82.28 -10.84 2.97
C PHE B 800 -83.62 -10.15 3.10
N LYS B 801 -84.10 -9.51 2.03
CA LYS B 801 -85.40 -8.83 2.09
C LYS B 801 -86.56 -9.80 2.24
N SER B 802 -86.41 -11.06 1.84
CA SER B 802 -87.48 -12.04 1.89
C SER B 802 -87.01 -13.33 2.55
N ARG B 803 -86.35 -13.21 3.70
CA ARG B 803 -85.77 -14.38 4.35
C ARG B 803 -86.77 -15.19 5.16
N LYS B 804 -87.95 -14.65 5.44
CA LYS B 804 -88.91 -15.32 6.30
C LYS B 804 -89.88 -16.21 5.54
N LEU B 805 -89.77 -16.28 4.22
CA LEU B 805 -90.71 -17.07 3.44
C LEU B 805 -90.41 -18.55 3.59
N PRO B 806 -91.41 -19.38 3.95
CA PRO B 806 -91.15 -20.81 4.18
C PRO B 806 -91.08 -21.65 2.91
N GLU B 807 -91.16 -21.06 1.73
CA GLU B 807 -91.22 -21.82 0.49
C GLU B 807 -89.87 -22.41 0.14
N ASN B 808 -89.91 -23.56 -0.56
CA ASN B 808 -88.75 -24.29 -1.06
C ASN B 808 -87.77 -24.66 0.05
N PHE B 809 -88.32 -25.07 1.19
CA PHE B 809 -87.58 -25.53 2.37
C PHE B 809 -86.61 -24.48 2.88
N ASN B 810 -87.10 -23.24 3.02
CA ASN B 810 -86.37 -22.09 3.56
C ASN B 810 -85.12 -21.79 2.75
N GLU B 811 -85.31 -21.57 1.45
CA GLU B 811 -84.17 -21.44 0.55
C GLU B 811 -83.49 -20.08 0.67
N ALA B 812 -84.27 -19.03 0.91
CA ALA B 812 -83.72 -17.67 0.97
C ALA B 812 -82.79 -17.49 2.17
N LYS B 813 -83.11 -18.17 3.28
CA LYS B 813 -82.22 -18.17 4.44
C LYS B 813 -80.87 -18.80 4.10
N PHE B 814 -80.89 -19.87 3.30
CA PHE B 814 -79.64 -20.53 2.91
C PHE B 814 -78.84 -19.69 1.93
N ILE B 815 -79.54 -18.96 1.05
CA ILE B 815 -78.85 -18.03 0.13
C ILE B 815 -78.19 -16.91 0.93
N THR B 816 -78.87 -16.41 1.96
CA THR B 816 -78.31 -15.40 2.84
C THR B 816 -77.07 -15.91 3.57
N PHE B 817 -77.12 -17.15 4.07
CA PHE B 817 -75.96 -17.73 4.74
C PHE B 817 -74.79 -17.94 3.79
N SER B 818 -75.06 -18.36 2.54
CA SER B 818 -73.99 -18.57 1.58
C SER B 818 -73.30 -17.26 1.21
N MET B 819 -74.08 -16.18 1.03
CA MET B 819 -73.48 -14.90 0.72
C MET B 819 -72.73 -14.33 1.93
N LEU B 820 -73.22 -14.62 3.13
CA LEU B 820 -72.52 -14.21 4.35
C LEU B 820 -71.16 -14.90 4.48
N ILE B 821 -71.11 -16.20 4.18
CA ILE B 821 -69.84 -16.93 4.23
C ILE B 821 -68.87 -16.41 3.17
N PHE B 822 -69.38 -16.10 1.97
CA PHE B 822 -68.59 -15.40 0.95
C PHE B 822 -67.95 -14.12 1.47
N PHE B 823 -68.75 -13.26 2.09
CA PHE B 823 -68.23 -11.96 2.49
C PHE B 823 -67.26 -12.07 3.66
N ILE B 824 -67.52 -12.99 4.59
CA ILE B 824 -66.60 -13.21 5.71
C ILE B 824 -65.26 -13.75 5.24
N VAL B 825 -65.26 -14.74 4.33
CA VAL B 825 -64.00 -15.31 3.87
C VAL B 825 -63.20 -14.30 3.05
N TRP B 826 -63.84 -13.61 2.12
CA TRP B 826 -63.10 -12.69 1.25
C TRP B 826 -62.91 -11.31 1.86
N ILE B 827 -63.36 -11.08 3.09
CA ILE B 827 -62.87 -9.96 3.89
C ILE B 827 -61.75 -10.40 4.83
N SER B 828 -61.87 -11.59 5.42
CA SER B 828 -60.85 -12.08 6.35
C SER B 828 -59.56 -12.50 5.66
N PHE B 829 -59.56 -12.68 4.34
CA PHE B 829 -58.32 -13.00 3.63
C PHE B 829 -57.66 -11.78 3.01
N ILE B 830 -58.10 -10.56 3.35
CA ILE B 830 -57.37 -9.35 2.93
C ILE B 830 -55.95 -9.27 3.49
N PRO B 831 -55.70 -9.34 4.81
CA PRO B 831 -54.34 -8.99 5.29
C PRO B 831 -53.29 -10.04 5.03
N ALA B 832 -53.65 -11.21 4.48
CA ALA B 832 -52.63 -12.12 3.99
C ALA B 832 -51.96 -11.59 2.73
N TYR B 833 -52.70 -10.85 1.91
CA TYR B 833 -52.15 -10.35 0.66
C TYR B 833 -51.18 -9.19 0.88
N ALA B 834 -51.50 -8.30 1.82
CA ALA B 834 -50.69 -7.11 2.02
C ALA B 834 -49.39 -7.37 2.78
N SER B 835 -49.21 -8.57 3.35
CA SER B 835 -48.04 -8.87 4.16
C SER B 835 -47.17 -9.97 3.58
N THR B 836 -47.76 -11.12 3.22
CA THR B 836 -46.97 -12.22 2.69
C THR B 836 -46.48 -11.90 1.28
N TYR B 837 -45.36 -12.52 0.92
CA TYR B 837 -44.65 -12.16 -0.29
C TYR B 837 -44.22 -13.32 -1.17
N GLY B 838 -44.11 -14.54 -0.65
CA GLY B 838 -43.56 -15.62 -1.45
C GLY B 838 -44.51 -16.76 -1.73
N LYS B 839 -44.27 -17.90 -1.09
CA LYS B 839 -45.07 -19.09 -1.31
C LYS B 839 -46.47 -18.95 -0.72
N PHE B 840 -46.63 -18.13 0.32
CA PHE B 840 -47.86 -18.11 1.09
C PHE B 840 -49.02 -17.42 0.36
N VAL B 841 -48.75 -16.65 -0.69
CA VAL B 841 -49.82 -15.93 -1.38
C VAL B 841 -50.69 -16.90 -2.18
N SER B 842 -50.06 -17.82 -2.92
CA SER B 842 -50.79 -18.83 -3.65
C SER B 842 -51.53 -19.77 -2.71
N ALA B 843 -50.95 -20.02 -1.53
CA ALA B 843 -51.59 -20.85 -0.52
C ALA B 843 -52.90 -20.24 -0.04
N VAL B 844 -52.88 -18.95 0.31
CA VAL B 844 -54.09 -18.34 0.83
C VAL B 844 -55.11 -18.12 -0.27
N GLU B 845 -54.67 -17.94 -1.53
CA GLU B 845 -55.62 -17.88 -2.64
C GLU B 845 -56.35 -19.20 -2.83
N VAL B 846 -55.62 -20.32 -2.82
CA VAL B 846 -56.25 -21.63 -3.00
C VAL B 846 -57.18 -21.96 -1.83
N ILE B 847 -56.73 -21.67 -0.60
CA ILE B 847 -57.56 -21.94 0.58
C ILE B 847 -58.83 -21.09 0.56
N ALA B 848 -58.73 -19.83 0.11
CA ALA B 848 -59.91 -18.98 0.03
C ALA B 848 -60.91 -19.46 -1.02
N ILE B 849 -60.43 -19.87 -2.20
CA ILE B 849 -61.32 -20.36 -3.26
C ILE B 849 -62.06 -21.62 -2.82
N LEU B 850 -61.33 -22.60 -2.26
CA LEU B 850 -62.01 -23.81 -1.81
C LEU B 850 -62.92 -23.56 -0.63
N ALA B 851 -62.55 -22.66 0.29
CA ALA B 851 -63.41 -22.38 1.44
C ALA B 851 -64.73 -21.74 1.01
N ALA B 852 -64.67 -20.76 0.10
CA ALA B 852 -65.89 -20.11 -0.39
C ALA B 852 -66.76 -21.08 -1.17
N SER B 853 -66.15 -21.94 -2.00
CA SER B 853 -66.97 -22.83 -2.81
C SER B 853 -67.57 -23.99 -2.02
N PHE B 854 -66.84 -24.52 -1.01
CA PHE B 854 -67.44 -25.49 -0.11
C PHE B 854 -68.59 -24.89 0.68
N GLY B 855 -68.44 -23.64 1.14
CA GLY B 855 -69.53 -22.99 1.85
C GLY B 855 -70.77 -22.81 1.00
N LEU B 856 -70.58 -22.38 -0.25
CA LEU B 856 -71.71 -22.17 -1.16
C LEU B 856 -72.40 -23.50 -1.53
N LEU B 857 -71.61 -24.53 -1.86
CA LEU B 857 -72.16 -25.82 -2.22
C LEU B 857 -72.93 -26.45 -1.06
N ALA B 858 -72.35 -26.38 0.15
CA ALA B 858 -73.01 -26.93 1.34
C ALA B 858 -74.33 -26.22 1.61
N CYS B 859 -74.29 -24.88 1.67
CA CYS B 859 -75.47 -24.09 2.03
C CYS B 859 -76.59 -24.23 1.01
N ILE B 860 -76.27 -24.40 -0.27
CA ILE B 860 -77.35 -24.56 -1.24
C ILE B 860 -77.89 -25.99 -1.22
N PHE B 861 -77.03 -27.01 -1.25
CA PHE B 861 -77.54 -28.33 -1.62
C PHE B 861 -77.66 -29.36 -0.51
N PHE B 862 -76.98 -29.21 0.64
CA PHE B 862 -76.93 -30.36 1.57
C PHE B 862 -78.24 -30.61 2.29
N ASN B 863 -79.09 -29.59 2.48
CA ASN B 863 -80.39 -29.86 3.09
C ASN B 863 -81.28 -30.63 2.11
N LYS B 864 -81.22 -30.28 0.83
CA LYS B 864 -81.96 -31.02 -0.19
C LYS B 864 -81.48 -32.46 -0.30
N ILE B 865 -80.17 -32.68 -0.22
CA ILE B 865 -79.65 -34.06 -0.24
C ILE B 865 -80.11 -34.84 0.99
N TYR B 866 -80.07 -34.19 2.17
CA TYR B 866 -80.51 -34.81 3.42
C TYR B 866 -82.00 -35.12 3.42
N ILE B 867 -82.80 -34.44 2.59
CA ILE B 867 -84.20 -34.80 2.45
C ILE B 867 -84.42 -35.87 1.38
N ILE B 868 -83.71 -35.82 0.25
CA ILE B 868 -83.94 -36.78 -0.83
C ILE B 868 -83.62 -38.23 -0.47
N LEU B 869 -82.40 -38.49 0.02
CA LEU B 869 -82.02 -39.89 0.20
C LEU B 869 -81.74 -40.37 1.64
N PHE B 870 -81.72 -39.44 2.59
CA PHE B 870 -81.37 -39.78 3.97
C PHE B 870 -82.64 -40.34 4.59
N LYS B 871 -82.63 -40.49 5.92
CA LYS B 871 -83.69 -41.19 6.64
C LYS B 871 -85.09 -40.62 6.47
N PRO B 872 -85.32 -39.28 6.41
CA PRO B 872 -86.66 -38.88 5.89
C PRO B 872 -86.72 -38.94 4.38
N SER B 873 -86.74 -40.16 3.83
CA SER B 873 -86.63 -40.35 2.40
C SER B 873 -87.93 -40.03 1.68
N ARG B 874 -88.97 -40.83 1.93
CA ARG B 874 -90.24 -40.66 1.24
C ARG B 874 -91.24 -39.84 2.04
N ASN B 875 -90.96 -39.55 3.30
CA ASN B 875 -91.92 -38.85 4.13
C ASN B 875 -92.01 -37.37 3.79
N THR B 876 -90.87 -36.75 3.48
CA THR B 876 -90.82 -35.31 3.24
C THR B 876 -90.44 -35.00 1.79
N ILE B 877 -90.88 -35.84 0.86
CA ILE B 877 -90.49 -35.71 -0.53
C ILE B 877 -91.66 -35.28 -1.41
N GLU B 878 -92.90 -35.38 -0.92
CA GLU B 878 -94.08 -35.17 -1.73
C GLU B 878 -94.27 -33.69 -2.04
N GLU B 879 -95.02 -33.40 -3.11
CA GLU B 879 -95.24 -32.04 -3.55
C GLU B 879 -96.07 -31.23 -2.55
N VAL B 880 -96.92 -31.90 -1.77
CA VAL B 880 -97.77 -31.19 -0.82
C VAL B 880 -96.98 -30.72 0.39
N ARG B 881 -95.78 -31.27 0.62
CA ARG B 881 -94.94 -30.84 1.73
C ARG B 881 -93.94 -29.77 1.30
N CYS B 882 -93.70 -29.62 -0.01
CA CYS B 882 -92.62 -28.76 -0.49
C CYS B 882 -92.90 -27.28 -0.22
N SER B 883 -94.09 -26.81 -0.57
CA SER B 883 -94.54 -25.48 -0.16
C SER B 883 -95.48 -25.55 1.03
N THR B 884 -95.65 -26.74 1.61
CA THR B 884 -96.53 -27.04 2.75
C THR B 884 -97.98 -26.60 2.52
C1 NAG C . 19.66 31.99 10.39
C2 NAG C . 20.34 33.14 11.14
C3 NAG C . 19.51 33.56 12.35
C4 NAG C . 18.07 33.87 11.95
C5 NAG C . 17.48 32.67 11.22
C6 NAG C . 16.11 32.91 10.64
C7 NAG C . 22.79 33.37 11.12
C8 NAG C . 24.08 32.84 11.66
N2 NAG C . 21.67 32.77 11.56
O3 NAG C . 20.09 34.70 12.97
O4 NAG C . 17.34 34.12 13.14
O5 NAG C . 18.32 32.34 10.10
O6 NAG C . 16.02 34.16 10.00
O7 NAG C . 22.74 34.30 10.32
C1 NAG C . 16.65 35.40 13.15
C2 NAG C . 15.83 35.47 14.45
C3 NAG C . 15.04 36.78 14.50
C4 NAG C . 15.97 37.97 14.31
C5 NAG C . 16.83 37.80 13.05
C6 NAG C . 17.88 38.88 12.91
C7 NAG C . 13.99 33.86 13.89
C8 NAG C . 13.30 32.62 14.36
N2 NAG C . 14.99 34.30 14.67
O3 NAG C . 14.38 36.87 15.76
O4 NAG C . 15.21 39.17 14.21
O5 NAG C . 17.53 36.55 13.08
O6 NAG C . 18.88 38.76 13.91
O7 NAG C . 13.63 34.44 12.85
C1 NAG D . -1.53 14.21 -1.95
C2 NAG D . -2.80 14.89 -1.46
C3 NAG D . -2.61 15.45 -0.06
C4 NAG D . -2.08 14.39 0.90
C5 NAG D . -0.84 13.72 0.31
C6 NAG D . -0.37 12.55 1.14
C7 NAG D . -4.36 15.89 -3.07
C8 NAG D . -4.65 17.07 -3.95
N2 NAG D . -3.23 15.93 -2.37
O3 NAG D . -3.85 15.96 0.39
O4 NAG D . -1.66 15.00 2.12
O5 NAG D . -1.12 13.21 -1.00
O6 NAG D . -0.83 11.32 0.63
O7 NAG D . -5.13 14.93 -2.99
C1 NAG D . -2.63 14.88 3.18
C2 NAG D . -1.94 14.83 4.54
C3 NAG D . -2.98 14.81 5.66
C4 NAG D . -3.92 16.00 5.53
C5 NAG D . -4.53 16.03 4.13
C6 NAG D . -5.35 17.28 3.89
C7 NAG D . 0.27 13.78 4.76
C8 NAG D . 1.02 12.49 4.86
N2 NAG D . -1.06 13.68 4.64
O3 NAG D . -2.32 14.84 6.92
O4 NAG D . -4.97 15.89 6.50
O5 NAG D . -3.50 16.02 3.14
O6 NAG D . -4.70 18.15 2.96
O7 NAG D . 0.83 14.87 4.79
C1 NAG E . 6.75 -14.75 -0.70
C2 NAG E . 5.91 -16.02 -0.95
C3 NAG E . 5.97 -16.43 -2.43
C4 NAG E . 5.71 -15.26 -3.37
C5 NAG E . 6.61 -14.08 -2.99
C6 NAG E . 6.35 -12.82 -3.77
C7 NAG E . 5.65 -17.67 0.85
C8 NAG E . 6.30 -18.78 1.61
N2 NAG E . 6.39 -17.11 -0.12
O3 NAG E . 5.02 -17.45 -2.67
O4 NAG E . 6.05 -15.68 -4.69
O5 NAG E . 6.37 -13.75 -1.61
O6 NAG E . 5.34 -12.04 -3.15
O7 NAG E . 4.51 -17.30 1.09
C1 NAG E . 4.98 -15.58 -5.66
C2 NAG E . 5.64 -15.44 -7.03
C3 NAG E . 4.57 -15.31 -8.10
C4 NAG E . 3.64 -16.52 -8.06
C5 NAG E . 3.06 -16.68 -6.65
C6 NAG E . 2.26 -17.95 -6.50
C7 NAG E . 7.81 -14.40 -7.47
C8 NAG E . 8.61 -13.13 -7.46
N2 NAG E . 6.54 -14.30 -7.08
O3 NAG E . 5.18 -15.20 -9.39
O4 NAG E . 2.58 -16.34 -8.99
O5 NAG E . 4.12 -16.73 -5.67
O6 NAG E . 3.10 -19.09 -6.55
O7 NAG E . 8.31 -15.47 -7.82
C1 NAG F . 7.75 5.34 -23.09
C2 NAG F . 8.55 4.04 -23.19
C3 NAG F . 8.40 3.38 -24.56
C4 NAG F . 6.93 3.24 -24.93
C5 NAG F . 6.24 4.58 -24.85
C6 NAG F . 4.76 4.52 -25.15
C7 NAG F . 10.51 4.14 -21.71
C8 NAG F . 11.98 4.42 -21.60
N2 NAG F . 9.96 4.29 -22.91
O3 NAG F . 9.03 2.11 -24.55
O4 NAG F . 6.82 2.73 -26.26
O5 NAG F . 6.38 5.09 -23.52
O6 NAG F . 3.99 4.42 -23.96
O7 NAG F . 9.86 3.78 -20.73
C1 NAG G . 6.82 25.71 -27.07
C2 NAG G . 6.69 26.28 -28.51
C3 NAG G . 6.17 27.71 -28.48
C4 NAG G . 4.89 27.83 -27.66
C5 NAG G . 5.13 27.28 -26.26
C6 NAG G . 3.89 27.26 -25.40
C7 NAG G . 8.07 26.04 -30.52
C8 NAG G . 9.46 26.00 -31.08
N2 NAG G . 7.98 26.22 -29.20
O3 NAG G . 5.91 28.14 -29.81
O4 NAG G . 4.52 29.19 -27.53
O5 NAG G . 5.57 25.91 -26.37
O6 NAG G . 4.21 27.22 -24.02
O7 NAG G . 7.08 25.92 -31.23
C1 NAG H . 34.91 32.20 20.03
C2 NAG H . 34.13 31.20 20.89
C3 NAG H . 32.97 31.91 21.58
C4 NAG H . 33.48 33.09 22.40
C5 NAG H . 34.24 34.04 21.50
C6 NAG H . 34.85 35.20 22.24
C7 NAG H . 34.08 28.84 20.25
C8 NAG H . 33.45 27.81 19.36
N2 NAG H . 33.64 30.09 20.10
O3 NAG H . 32.30 30.98 22.43
O4 NAG H . 32.38 33.78 22.99
O5 NAG H . 35.32 33.34 20.85
O6 NAG H . 36.01 35.70 21.60
O7 NAG H . 34.95 28.56 21.07
C1 NAG I . -26.14 12.32 2.14
C2 NAG I . -25.51 13.06 0.95
C3 NAG I . -26.45 14.18 0.48
C4 NAG I . -27.84 13.63 0.18
C5 NAG I . -28.38 12.89 1.39
C6 NAG I . -29.70 12.20 1.12
C7 NAG I . -23.09 13.47 0.60
C8 NAG I . -23.22 12.68 -0.68
N2 NAG I . -24.21 13.61 1.32
O3 NAG I . -25.90 14.79 -0.69
O4 NAG I . -28.72 14.70 -0.17
O5 NAG I . -27.46 11.86 1.77
O6 NAG I . -29.70 10.89 1.65
O7 NAG I . -22.03 13.95 0.97
C1 YP4 J . -55.11 -14.53 24.16
C3 YP4 J . -53.39 -17.15 21.80
C4 YP4 J . -54.27 -17.00 20.56
C5 YP4 J . -54.02 -18.07 19.50
C6 YP4 J . -55.19 -18.19 18.56
N YP4 J . -53.64 -16.01 22.80
CA YP4 J . -55.08 -15.82 23.31
CB YP4 J . -55.64 -17.03 24.05
CG YP4 J . -56.80 -17.74 23.60
CD1 YP4 J . -57.30 -18.82 24.41
CD2 YP4 J . -57.52 -17.44 22.41
CE1 YP4 J . -58.46 -19.52 24.00
CE2 YP4 J . -58.64 -18.18 22.02
CZ YP4 J . -59.10 -19.21 22.81
C7 YP4 J . -56.21 -19.11 18.82
C8 YP4 J . -57.29 -19.25 17.95
C9 YP4 J . -57.34 -18.44 16.81
C10 YP4 J . -56.36 -17.49 16.56
C11 YP4 J . -55.27 -17.37 17.42
C12 YP4 J . -58.38 -20.28 18.24
C14 YP4 J . -55.02 -17.43 25.23
C15 YP4 J . -55.50 -18.48 25.99
C16 YP4 J . -56.63 -19.17 25.60
F1 YP4 J . -59.37 -20.23 17.35
F2 YP4 J . -57.86 -21.50 18.21
F3 YP4 J . -58.90 -20.07 19.45
N TRP K . 28.82 22.47 -4.54
CA TRP K . 29.34 22.20 -5.86
C TRP K . 30.17 20.94 -5.82
O TRP K . 30.77 20.54 -6.82
CB TRP K . 30.19 23.37 -6.39
CG TRP K . 29.46 24.67 -6.54
CD1 TRP K . 28.81 25.37 -5.57
CD2 TRP K . 29.30 25.43 -7.74
NE1 TRP K . 28.27 26.51 -6.08
CE2 TRP K . 28.55 26.56 -7.42
CE3 TRP K . 29.73 25.25 -9.06
CZ2 TRP K . 28.22 27.52 -8.36
CZ3 TRP K . 29.39 26.20 -9.99
CH2 TRP K . 28.65 27.32 -9.64
OXT TRP K . 30.26 20.28 -4.80
CA CA L . 50.14 43.57 6.93
CA CA M . 6.55 -1.84 -10.65
CA CA N . 7.31 4.45 6.03
P PO4 O . 28.68 34.67 -6.49
O1 PO4 O . 29.49 34.45 -7.72
O2 PO4 O . 27.57 35.64 -6.74
O3 PO4 O . 29.59 35.23 -5.44
O4 PO4 O . 28.09 33.37 -6.05
C1 NAG P . 14.99 -0.87 17.83
C2 NAG P . 14.73 0.64 17.64
C3 NAG P . 14.83 1.39 18.97
C4 NAG P . 13.98 0.73 20.05
C5 NAG P . 14.33 -0.75 20.15
C6 NAG P . 13.47 -1.51 21.13
C7 NAG P . 16.90 1.34 16.61
C8 NAG P . 17.51 2.00 15.40
N2 NAG P . 15.57 1.24 16.60
O3 NAG P . 14.39 2.74 18.76
O4 NAG P . 14.20 1.36 21.30
O5 NAG P . 14.14 -1.38 18.87
O6 NAG P . 12.16 -1.72 20.62
O7 NAG P . 17.61 0.95 17.54
C1 NAG Q . 25.49 -18.98 21.08
C2 NAG Q . 25.62 -19.47 22.54
C3 NAG Q . 25.62 -21.00 22.60
C4 NAG Q . 24.41 -21.57 21.87
C5 NAG Q . 24.37 -21.04 20.44
C6 NAG Q . 23.15 -21.49 19.67
C7 NAG Q . 26.84 -17.80 23.89
C8 NAG Q . 28.16 -17.41 24.48
N2 NAG Q . 26.82 -18.94 23.18
O3 NAG Q . 25.60 -21.41 23.96
O4 NAG Q . 24.48 -22.99 21.83
O5 NAG Q . 24.33 -19.60 20.47
O6 NAG Q . 23.49 -21.93 18.37
O7 NAG Q . 25.84 -17.10 24.02
C1 NAG R . 30.46 -19.99 -19.07
C2 NAG R . 31.61 -20.42 -19.99
C3 NAG R . 31.06 -21.18 -21.19
C4 NAG R . 30.25 -22.38 -20.71
C5 NAG R . 29.12 -21.91 -19.81
C6 NAG R . 28.37 -23.06 -19.18
C7 NAG R . 33.72 -19.29 -20.49
C8 NAG R . 34.37 -18.03 -20.95
N2 NAG R . 32.39 -19.27 -20.42
O3 NAG R . 32.14 -21.61 -22.01
O4 NAG R . 29.70 -23.08 -21.83
O5 NAG R . 29.67 -21.15 -18.71
O6 NAG R . 28.41 -22.99 -17.76
O7 NAG R . 34.37 -20.28 -20.18
C1 NAG S . 40.67 -12.48 -31.74
C2 NAG S . 39.38 -11.98 -32.39
C3 NAG S . 38.49 -13.17 -32.77
C4 NAG S . 39.26 -14.16 -33.64
C5 NAG S . 40.53 -14.60 -32.92
C6 NAG S . 41.41 -15.52 -33.72
C7 NAG S . 38.41 -9.80 -31.80
C8 NAG S . 37.65 -9.03 -30.77
N2 NAG S . 38.65 -11.08 -31.50
O3 NAG S . 37.34 -12.70 -33.47
O4 NAG S . 38.45 -15.29 -33.93
O5 NAG S . 41.33 -13.45 -32.60
O6 NAG S . 40.77 -15.93 -34.92
O7 NAG S . 38.79 -9.29 -32.85
C1 NAG T . -15.70 -25.51 3.48
C2 NAG T . -14.33 -26.18 3.40
C3 NAG T . -14.43 -27.64 3.85
C4 NAG T . -15.09 -27.73 5.22
C5 NAG T . -16.42 -26.99 5.22
C6 NAG T . -17.11 -26.96 6.56
C7 NAG T . -12.58 -25.70 1.70
C8 NAG T . -11.68 -25.28 2.84
N2 NAG T . -13.82 -26.11 2.03
O3 NAG T . -13.13 -28.22 3.90
O4 NAG T . -15.32 -29.10 5.56
O5 NAG T . -16.21 -25.63 4.83
O6 NAG T . -18.32 -27.71 6.53
O7 NAG T . -12.21 -25.65 0.53
C1 YP4 U . -58.85 -15.43 -6.77
C3 YP4 U . -57.94 -11.84 -5.71
C4 YP4 U . -56.66 -11.04 -5.99
C5 YP4 U . -56.64 -9.74 -5.16
C6 YP4 U . -55.60 -8.71 -5.60
N YP4 U . -57.97 -13.13 -6.54
CA YP4 U . -59.24 -13.98 -6.39
CB YP4 U . -60.43 -13.45 -7.21
CG YP4 U . -61.65 -12.98 -6.61
CD1 YP4 U . -62.69 -12.50 -7.49
CD2 YP4 U . -61.94 -12.94 -5.22
CE1 YP4 U . -63.91 -12.04 -6.96
CE2 YP4 U . -63.15 -12.47 -4.72
CZ YP4 U . -64.13 -12.02 -5.58
C7 YP4 U . -56.00 -7.49 -6.13
C8 YP4 U . -55.05 -6.53 -6.54
C9 YP4 U . -53.69 -6.83 -6.39
C10 YP4 U . -53.29 -8.05 -5.85
C11 YP4 U . -54.24 -8.99 -5.46
C12 YP4 U . -55.48 -5.18 -7.14
C14 YP4 U . -60.30 -13.43 -8.59
C15 YP4 U . -61.31 -12.96 -9.42
C16 YP4 U . -62.50 -12.51 -8.88
F1 YP4 U . -55.19 -4.20 -6.28
F2 YP4 U . -54.81 -4.96 -8.27
F3 YP4 U . -56.78 -5.13 -7.40
N TRP V . 36.68 -6.29 -5.97
CA TRP V . 37.31 -5.64 -4.85
C TRP V . 37.35 -4.14 -5.10
O TRP V . 37.94 -3.39 -4.34
CB TRP V . 38.73 -6.16 -4.61
CG TRP V . 38.85 -7.63 -4.32
CD1 TRP V . 38.46 -8.66 -5.12
CD2 TRP V . 39.40 -8.21 -3.15
NE1 TRP V . 38.74 -9.85 -4.50
CE2 TRP V . 39.32 -9.60 -3.29
CE3 TRP V . 39.96 -7.69 -1.97
CZ2 TRP V . 39.76 -10.48 -2.33
CZ3 TRP V . 40.41 -8.57 -1.02
CH2 TRP V . 40.31 -9.95 -1.20
OXT TRP V . 36.80 -3.65 -6.07
CA CA W . 62.37 -13.99 -23.74
P PO4 X . 43.31 -16.62 -4.92
O1 PO4 X . 44.16 -16.40 -6.13
O2 PO4 X . 43.99 -15.99 -3.75
O3 PO4 X . 41.96 -16.00 -5.11
O4 PO4 X . 43.13 -18.09 -4.71
#